data_9OM6
#
_entry.id   9OM6
#
_cell.length_a   1.00
_cell.length_b   1.00
_cell.length_c   1.00
_cell.angle_alpha   90.00
_cell.angle_beta   90.00
_cell.angle_gamma   90.00
#
_symmetry.space_group_name_H-M   'P 1'
#
loop_
_entity.id
_entity.type
_entity.pdbx_description
1 polymer Syntaxin-1A
2 polymer 'Synaptosomal-associated protein 25'
3 polymer 'Alpha-soluble NSF attachment protein'
4 water water
#
loop_
_entity_poly.entity_id
_entity_poly.type
_entity_poly.pdbx_seq_one_letter_code
_entity_poly.pdbx_strand_id
1 'polypeptide(L)'
;MKDRTQELRTAKDSDDDDDVTVTVDRDRFMDEFFEQVEEIRGFIDKIAENVEEVKRKHSAILASPNPDEKTKEELEELMS
DIKKTANKVRSKLKSIEQSIEQEEGLNRSSADLRIRKTQHSTLSRKFVEVMSEYNATQSDYRERCKGRIQRQLEITGRTT
TSEELEDMLESGNPAIFASGIIMDSSISKQALSEIETRHSEIIKLENSIRELHDMFMDMAMLVESQGEMIDRIEYNVEHA
VDYVERAVSDTKKAVKYQSKARRKKIM
;
A,B
2 'polypeptide(L)'
;MGSSHHHHHHSQDPNSMAEDADMRNELEEMQRRADQLADESLESTRRMLQLVEESKDAGIRTLVMLDEQGEQLERIEEGM
DQINKDMKEAEKNLTDLGKFAGLAVAPANKLKSSDAYKKAWGNNQDGVVASQPARVVDEREQMAISGGFIRRVTNDAREN
EMDENLEQVSGIIGNLRHMALDMGNEIDTQNRQIDRIMEKADSNKTRIDEANQRATKMLGSG
;
C,D
3 'polypeptide(L)'
;GMDTSGKQAEAMALLAEAERKVKNSQSFFSGLFGGSSKIEEACEIYARAANMFKMAKNWSAAGNAFCQAAQLHLQLQSKH
DAATCFVDAGNAFKKADPQEAINCLMRAIEIYTDMGRFTIAAKHHISIAEIYETELVDVEKAIAHYEQSADYYKGEESNS
SANKCLLKVAGYAAQLEQYQKAIDIYEQVGTSAMDSPLLKYSAKDYFFKAALCHFCIDMLNAKLAVQKYEELFPAFSDSR
ECKLMKKLLEAHEEQNVDSYTESVKEYDSISRLDQWLTTMLLRIKKTIQGDEEDLR
;
E,F,G,H
#
# COMPACT_ATOMS: atom_id res chain seq x y z
N ALA A 191 -2.17 35.55 40.86
CA ALA A 191 -1.43 35.59 39.60
C ALA A 191 -0.48 34.40 39.49
N LEU A 192 -0.02 33.90 40.65
CA LEU A 192 0.85 32.74 40.65
C LEU A 192 0.06 31.45 40.41
N SER A 193 -1.17 31.37 40.90
CA SER A 193 -2.02 30.25 40.53
C SER A 193 -2.25 30.21 39.03
N GLU A 194 -2.22 31.37 38.37
CA GLU A 194 -2.31 31.39 36.91
C GLU A 194 -1.13 30.67 36.28
N ILE A 195 0.09 30.90 36.79
CA ILE A 195 1.24 30.20 36.25
C ILE A 195 1.22 28.72 36.66
N GLU A 196 0.57 28.39 37.78
CA GLU A 196 0.35 26.99 38.09
C GLU A 196 -0.55 26.33 37.04
N THR A 197 -1.60 27.03 36.63
CA THR A 197 -2.44 26.54 35.54
C THR A 197 -1.63 26.43 34.24
N ARG A 198 -0.71 27.36 34.02
CA ARG A 198 0.18 27.27 32.87
C ARG A 198 1.03 26.00 32.96
N HIS A 199 1.51 25.67 34.15
CA HIS A 199 2.24 24.41 34.34
C HIS A 199 1.37 23.22 33.99
N SER A 200 0.11 23.23 34.44
CA SER A 200 -0.79 22.13 34.14
C SER A 200 -0.97 21.97 32.63
N GLU A 201 -1.22 23.08 31.93
CA GLU A 201 -1.46 22.98 30.49
C GLU A 201 -0.19 22.60 29.73
N ILE A 202 0.98 23.04 30.18
CA ILE A 202 2.20 22.61 29.50
C ILE A 202 2.46 21.13 29.74
N ILE A 203 2.06 20.60 30.90
CA ILE A 203 2.16 19.15 31.11
C ILE A 203 1.20 18.42 30.18
N LYS A 204 0.01 19.00 29.97
CA LYS A 204 -0.90 18.41 28.98
C LYS A 204 -0.26 18.40 27.59
N LEU A 205 0.40 19.51 27.22
CA LEU A 205 1.14 19.54 25.97
C LEU A 205 2.21 18.47 25.93
N GLU A 206 2.90 18.27 27.06
CA GLU A 206 3.91 17.22 27.14
C GLU A 206 3.30 15.87 26.77
N ASN A 207 2.19 15.52 27.42
CA ASN A 207 1.56 14.24 27.14
C ASN A 207 1.20 14.13 25.66
N SER A 208 0.54 15.16 25.12
CA SER A 208 0.08 15.09 23.74
C SER A 208 1.26 14.93 22.78
N ILE A 209 2.32 15.71 23.00
CA ILE A 209 3.45 15.70 22.07
C ILE A 209 4.21 14.38 22.14
N ARG A 210 4.39 13.85 23.35
CA ARG A 210 5.02 12.53 23.46
C ARG A 210 4.20 11.48 22.73
N GLU A 211 2.87 11.53 22.88
CA GLU A 211 2.02 10.60 22.16
C GLU A 211 2.20 10.75 20.65
N LEU A 212 2.23 11.98 20.17
CA LEU A 212 2.41 12.23 18.74
C LEU A 212 3.72 11.61 18.25
N HIS A 213 4.81 11.84 18.98
CA HIS A 213 6.10 11.28 18.60
C HIS A 213 6.02 9.77 18.49
N ASP A 214 5.49 9.11 19.53
CA ASP A 214 5.44 7.65 19.50
C ASP A 214 4.55 7.16 18.36
N MET A 215 3.48 7.88 18.07
CA MET A 215 2.59 7.53 16.97
C MET A 215 3.36 7.50 15.65
N PHE A 216 4.11 8.57 15.38
CA PHE A 216 4.90 8.61 14.15
C PHE A 216 5.90 7.45 14.11
N MET A 217 6.64 7.24 15.23
CA MET A 217 7.60 6.14 15.27
C MET A 217 6.96 4.80 14.97
N ASP A 218 5.69 4.63 15.31
CA ASP A 218 5.06 3.34 15.09
C ASP A 218 4.34 3.26 13.74
N MET A 219 4.02 4.39 13.12
CA MET A 219 3.53 4.38 11.74
C MET A 219 4.64 4.02 10.75
N ALA A 220 5.87 4.40 11.10
CA ALA A 220 6.99 4.28 10.16
C ALA A 220 7.22 2.82 9.74
N MET A 221 7.35 1.93 10.72
CA MET A 221 7.71 0.55 10.38
C MET A 221 6.62 -0.12 9.57
N LEU A 222 5.35 0.19 9.85
CA LEU A 222 4.26 -0.36 9.04
C LEU A 222 4.40 0.08 7.59
N VAL A 223 4.62 1.38 7.36
CA VAL A 223 4.79 1.82 5.97
C VAL A 223 5.92 1.03 5.31
N GLU A 224 7.04 0.89 6.01
CA GLU A 224 8.20 0.22 5.44
C GLU A 224 7.87 -1.22 5.07
N SER A 225 7.22 -1.95 5.99
CA SER A 225 6.90 -3.35 5.73
C SER A 225 5.93 -3.48 4.58
N GLN A 226 4.98 -2.55 4.47
CA GLN A 226 4.07 -2.55 3.34
C GLN A 226 4.84 -2.49 2.03
N GLY A 227 5.81 -1.57 1.95
CA GLY A 227 6.64 -1.51 0.75
C GLY A 227 7.40 -2.81 0.51
N GLU A 228 7.90 -3.41 1.58
CA GLU A 228 8.69 -4.63 1.45
C GLU A 228 7.84 -5.80 0.96
N MET A 229 6.56 -5.80 1.18
CA MET A 229 5.69 -6.81 0.58
C MET A 229 5.37 -6.46 -0.86
N ILE A 230 5.17 -5.17 -1.15
CA ILE A 230 4.82 -4.74 -2.49
C ILE A 230 5.89 -5.17 -3.48
N ASP A 231 7.16 -5.00 -3.11
CA ASP A 231 8.22 -5.32 -4.06
C ASP A 231 8.18 -6.80 -4.46
N ARG A 232 8.00 -7.69 -3.48
CA ARG A 232 7.98 -9.12 -3.78
C ARG A 232 6.78 -9.49 -4.63
N ILE A 233 5.60 -8.96 -4.31
CA ILE A 233 4.44 -9.29 -5.13
C ILE A 233 4.66 -8.82 -6.56
N GLU A 234 5.31 -7.67 -6.73
CA GLU A 234 5.61 -7.18 -8.07
C GLU A 234 6.52 -8.16 -8.81
N TYR A 235 7.59 -8.60 -8.15
CA TYR A 235 8.49 -9.57 -8.77
C TYR A 235 7.72 -10.78 -9.26
N ASN A 236 6.90 -11.36 -8.38
CA ASN A 236 6.22 -12.60 -8.73
C ASN A 236 5.24 -12.40 -9.86
N VAL A 237 4.49 -11.29 -9.86
CA VAL A 237 3.53 -11.08 -10.93
C VAL A 237 4.22 -10.92 -12.27
N GLU A 238 5.36 -10.21 -12.28
CA GLU A 238 6.10 -10.09 -13.54
C GLU A 238 6.54 -11.47 -14.04
N HIS A 239 7.06 -12.30 -13.13
CA HIS A 239 7.45 -13.64 -13.52
C HIS A 239 6.26 -14.40 -14.12
N ALA A 240 5.11 -14.33 -13.45
CA ALA A 240 3.94 -15.08 -13.90
C ALA A 240 3.53 -14.65 -15.30
N VAL A 241 3.42 -13.33 -15.52
CA VAL A 241 2.97 -12.85 -16.82
C VAL A 241 3.94 -13.29 -17.91
N ASP A 242 5.24 -13.15 -17.66
CA ASP A 242 6.21 -13.50 -18.68
C ASP A 242 6.11 -14.98 -19.04
N TYR A 243 6.07 -15.84 -18.01
CA TYR A 243 6.03 -17.27 -18.27
C TYR A 243 4.76 -17.65 -19.01
N VAL A 244 3.61 -17.12 -18.57
CA VAL A 244 2.35 -17.44 -19.23
C VAL A 244 2.43 -17.06 -20.70
N GLU A 245 2.86 -15.82 -20.97
CA GLU A 245 2.90 -15.36 -22.36
C GLU A 245 3.76 -16.27 -23.22
N ARG A 246 4.99 -16.54 -22.79
CA ARG A 246 5.88 -17.31 -23.64
C ARG A 246 5.36 -18.73 -23.84
N ALA A 247 4.93 -19.37 -22.75
CA ALA A 247 4.48 -20.75 -22.86
C ALA A 247 3.28 -20.85 -23.81
N VAL A 248 2.27 -20.00 -23.60
CA VAL A 248 1.08 -20.09 -24.44
C VAL A 248 1.44 -19.82 -25.89
N SER A 249 2.24 -18.77 -26.14
CA SER A 249 2.56 -18.43 -27.52
C SER A 249 3.27 -19.58 -28.22
N ASP A 250 4.32 -20.12 -27.58
CA ASP A 250 5.10 -21.17 -28.24
C ASP A 250 4.26 -22.42 -28.45
N THR A 251 3.55 -22.85 -27.41
CA THR A 251 2.73 -24.06 -27.54
C THR A 251 1.67 -23.89 -28.63
N LYS A 252 1.06 -22.70 -28.69
CA LYS A 252 0.02 -22.46 -29.68
C LYS A 252 0.58 -22.51 -31.09
N LYS A 253 1.69 -21.83 -31.34
CA LYS A 253 2.27 -21.87 -32.68
C LYS A 253 2.65 -23.30 -33.05
N ALA A 254 3.22 -24.04 -32.10
CA ALA A 254 3.61 -25.42 -32.38
C ALA A 254 2.39 -26.27 -32.73
N VAL A 255 1.35 -26.24 -31.90
CA VAL A 255 0.18 -27.09 -32.12
C VAL A 255 -0.69 -26.62 -33.27
N LYS A 256 -0.50 -25.40 -33.74
CA LYS A 256 -1.26 -24.93 -34.90
C LYS A 256 -0.53 -25.15 -36.21
N TYR A 257 0.80 -25.12 -36.21
CA TYR A 257 1.56 -25.27 -37.44
C TYR A 257 1.93 -26.72 -37.75
N GLN A 258 1.89 -27.62 -36.77
CA GLN A 258 2.24 -29.01 -37.02
C GLN A 258 1.25 -29.68 -37.97
N SER A 259 0.06 -29.12 -38.14
CA SER A 259 -0.94 -29.67 -39.04
C SER A 259 -0.66 -29.25 -40.48
N ALA B 191 15.20 38.86 32.13
CA ALA B 191 13.82 38.44 32.03
C ALA B 191 13.21 38.88 30.70
N LEU B 192 13.48 40.13 30.32
CA LEU B 192 12.94 40.66 29.07
C LEU B 192 13.43 39.86 27.88
N SER B 193 14.75 39.62 27.81
CA SER B 193 15.29 38.81 26.73
C SER B 193 14.70 37.40 26.74
N GLU B 194 14.48 36.85 27.94
CA GLU B 194 13.89 35.53 28.05
C GLU B 194 12.49 35.50 27.44
N ILE B 195 11.67 36.52 27.75
CA ILE B 195 10.31 36.51 27.21
C ILE B 195 10.34 36.80 25.70
N GLU B 196 11.32 37.57 25.21
CA GLU B 196 11.43 37.75 23.77
C GLU B 196 11.79 36.44 23.07
N THR B 197 12.70 35.68 23.66
CA THR B 197 13.02 34.36 23.12
C THR B 197 11.79 33.45 23.14
N ARG B 198 11.01 33.51 24.22
CA ARG B 198 9.79 32.71 24.28
C ARG B 198 8.75 33.17 23.28
N HIS B 199 8.74 34.46 22.93
CA HIS B 199 7.88 34.94 21.86
C HIS B 199 8.31 34.37 20.51
N SER B 200 9.62 34.41 20.24
CA SER B 200 10.11 33.73 19.04
C SER B 200 9.69 32.27 19.04
N GLU B 201 9.77 31.62 20.21
CA GLU B 201 9.38 30.22 20.32
C GLU B 201 7.90 30.01 20.03
N ILE B 202 7.04 30.90 20.52
CA ILE B 202 5.61 30.73 20.27
C ILE B 202 5.33 30.88 18.78
N ILE B 203 6.00 31.84 18.12
CA ILE B 203 5.82 31.99 16.67
C ILE B 203 6.26 30.72 15.96
N LYS B 204 7.44 30.20 16.30
CA LYS B 204 7.95 29.00 15.64
C LYS B 204 7.02 27.82 15.87
N LEU B 205 6.52 27.67 17.10
CA LEU B 205 5.62 26.57 17.40
C LEU B 205 4.33 26.67 16.58
N GLU B 206 3.77 27.87 16.48
CA GLU B 206 2.61 28.07 15.63
C GLU B 206 2.88 27.58 14.21
N ASN B 207 3.97 28.06 13.63
CA ASN B 207 4.29 27.69 12.25
C ASN B 207 4.42 26.18 12.10
N SER B 208 5.21 25.55 12.96
CA SER B 208 5.45 24.12 12.84
C SER B 208 4.16 23.33 12.99
N ILE B 209 3.32 23.71 13.95
CA ILE B 209 2.09 22.99 14.18
C ILE B 209 1.20 23.04 12.95
N ARG B 210 1.14 24.25 12.41
CA ARG B 210 0.32 24.46 11.20
C ARG B 210 0.87 23.49 10.14
N GLU B 211 2.16 23.48 9.86
CA GLU B 211 2.77 22.65 8.83
C GLU B 211 2.41 21.18 9.05
N LEU B 212 2.51 20.71 10.29
CA LEU B 212 2.15 19.33 10.59
C LEU B 212 0.70 19.06 10.24
N HIS B 213 -0.13 20.07 10.50
CA HIS B 213 -1.58 19.95 10.25
C HIS B 213 -1.79 19.66 8.77
N ASP B 214 -1.21 20.46 7.88
CA ASP B 214 -1.33 20.28 6.43
C ASP B 214 -0.75 18.94 6.00
N MET B 215 0.44 18.62 6.50
CA MET B 215 1.09 17.36 6.18
C MET B 215 0.15 16.18 6.44
N PHE B 216 -0.45 16.16 7.63
CA PHE B 216 -1.33 15.07 8.02
C PHE B 216 -2.51 14.94 7.06
N MET B 217 -3.19 16.05 6.76
CA MET B 217 -4.35 15.93 5.89
C MET B 217 -3.97 15.35 4.53
N ASP B 218 -2.84 15.81 3.97
CA ASP B 218 -2.42 15.27 2.67
C ASP B 218 -2.19 13.77 2.77
N MET B 219 -1.40 13.36 3.76
CA MET B 219 -1.16 11.95 4.05
C MET B 219 -2.46 11.15 4.02
N ALA B 220 -3.44 11.58 4.81
CA ALA B 220 -4.75 10.92 4.87
C ALA B 220 -5.31 10.67 3.48
N MET B 221 -5.46 11.77 2.73
CA MET B 221 -6.04 11.67 1.39
C MET B 221 -5.33 10.62 0.55
N LEU B 222 -4.00 10.70 0.51
CA LEU B 222 -3.23 9.81 -0.34
C LEU B 222 -3.44 8.36 0.09
N VAL B 223 -3.45 8.12 1.40
CA VAL B 223 -3.63 6.75 1.90
C VAL B 223 -4.98 6.20 1.47
N GLU B 224 -6.03 7.03 1.54
CA GLU B 224 -7.34 6.56 1.13
C GLU B 224 -7.34 6.15 -0.35
N SER B 225 -6.71 6.98 -1.20
CA SER B 225 -6.65 6.63 -2.61
C SER B 225 -5.95 5.28 -2.80
N GLN B 226 -4.83 5.08 -2.13
CA GLN B 226 -4.12 3.81 -2.25
C GLN B 226 -5.01 2.65 -1.83
N GLY B 227 -5.78 2.82 -0.76
CA GLY B 227 -6.65 1.75 -0.32
C GLY B 227 -7.67 1.37 -1.37
N GLU B 228 -8.29 2.37 -2.00
CA GLU B 228 -9.25 2.07 -3.06
C GLU B 228 -8.61 1.25 -4.17
N MET B 229 -7.44 1.67 -4.61
CA MET B 229 -6.81 0.94 -5.72
C MET B 229 -6.46 -0.49 -5.31
N ILE B 230 -6.04 -0.67 -4.06
CA ILE B 230 -5.77 -2.02 -3.56
C ILE B 230 -7.02 -2.87 -3.65
N ASP B 231 -8.16 -2.31 -3.26
CA ASP B 231 -9.41 -3.08 -3.32
C ASP B 231 -9.68 -3.56 -4.75
N ARG B 232 -9.59 -2.65 -5.72
CA ARG B 232 -9.92 -3.05 -7.09
C ARG B 232 -8.97 -4.14 -7.58
N ILE B 233 -7.67 -3.99 -7.30
CA ILE B 233 -6.73 -5.00 -7.79
C ILE B 233 -6.99 -6.35 -7.15
N GLU B 234 -7.35 -6.36 -5.87
CA GLU B 234 -7.67 -7.62 -5.22
C GLU B 234 -8.85 -8.31 -5.90
N TYR B 235 -9.90 -7.54 -6.18
CA TYR B 235 -11.04 -8.10 -6.91
C TYR B 235 -10.57 -8.77 -8.20
N ASN B 236 -9.80 -8.04 -9.01
CA ASN B 236 -9.40 -8.56 -10.31
C ASN B 236 -8.58 -9.84 -10.16
N VAL B 237 -7.65 -9.86 -9.19
CA VAL B 237 -6.79 -11.02 -9.03
C VAL B 237 -7.61 -12.24 -8.66
N GLU B 238 -8.55 -12.10 -7.72
CA GLU B 238 -9.34 -13.26 -7.34
C GLU B 238 -10.17 -13.78 -8.50
N HIS B 239 -10.76 -12.86 -9.28
CA HIS B 239 -11.53 -13.30 -10.44
C HIS B 239 -10.65 -14.08 -11.41
N ALA B 240 -9.44 -13.59 -11.66
CA ALA B 240 -8.53 -14.31 -12.55
C ALA B 240 -8.22 -15.69 -12.00
N VAL B 241 -8.02 -15.80 -10.68
CA VAL B 241 -7.72 -17.10 -10.07
C VAL B 241 -8.84 -18.08 -10.37
N ASP B 242 -10.08 -17.67 -10.11
CA ASP B 242 -11.20 -18.58 -10.34
C ASP B 242 -11.29 -18.99 -11.80
N TYR B 243 -11.13 -18.01 -12.70
CA TYR B 243 -11.27 -18.29 -14.12
C TYR B 243 -10.22 -19.30 -14.57
N VAL B 244 -8.97 -19.10 -14.15
CA VAL B 244 -7.90 -20.00 -14.59
C VAL B 244 -8.09 -21.39 -14.00
N GLU B 245 -8.56 -21.48 -12.76
CA GLU B 245 -8.78 -22.79 -12.16
C GLU B 245 -9.80 -23.58 -12.96
N ARG B 246 -10.97 -22.98 -13.21
CA ARG B 246 -11.97 -23.72 -13.98
C ARG B 246 -11.49 -23.97 -15.41
N ALA B 247 -10.65 -23.07 -15.94
CA ALA B 247 -10.08 -23.27 -17.25
C ALA B 247 -9.25 -24.55 -17.30
N VAL B 248 -8.31 -24.70 -16.36
CA VAL B 248 -7.47 -25.89 -16.36
C VAL B 248 -8.32 -27.14 -16.14
N SER B 249 -9.32 -27.05 -15.26
CA SER B 249 -10.18 -28.20 -15.03
C SER B 249 -10.84 -28.65 -16.34
N ASP B 250 -11.47 -27.71 -17.04
CA ASP B 250 -12.18 -28.08 -18.27
C ASP B 250 -11.21 -28.58 -19.34
N THR B 251 -10.03 -27.96 -19.44
CA THR B 251 -9.07 -28.39 -20.46
C THR B 251 -8.59 -29.80 -20.20
N LYS B 252 -8.29 -30.13 -18.93
CA LYS B 252 -7.86 -31.48 -18.63
C LYS B 252 -8.97 -32.49 -18.87
N LYS B 253 -10.22 -32.12 -18.55
CA LYS B 253 -11.33 -33.02 -18.85
C LYS B 253 -11.46 -33.24 -20.36
N ALA B 254 -11.29 -32.19 -21.15
CA ALA B 254 -11.34 -32.33 -22.60
C ALA B 254 -10.23 -33.25 -23.10
N VAL B 255 -9.02 -33.11 -22.54
CA VAL B 255 -7.94 -34.01 -22.89
C VAL B 255 -8.32 -35.45 -22.54
N LYS B 256 -8.96 -35.63 -21.38
CA LYS B 256 -9.41 -36.96 -20.98
C LYS B 256 -10.39 -37.53 -22.01
N TYR B 257 -11.28 -36.69 -22.54
CA TYR B 257 -12.18 -37.14 -23.59
C TYR B 257 -11.41 -37.70 -24.79
N GLN B 258 -10.25 -37.14 -25.09
CA GLN B 258 -9.44 -37.61 -26.21
C GLN B 258 -8.86 -38.99 -25.91
N ARG C 33 11.40 33.43 43.18
CA ARG C 33 10.89 32.26 42.49
C ARG C 33 11.17 32.33 40.98
N ALA C 34 11.79 33.42 40.53
CA ALA C 34 12.10 33.56 39.11
C ALA C 34 13.09 32.51 38.63
N ASP C 35 13.86 31.92 39.54
CA ASP C 35 14.84 30.92 39.14
C ASP C 35 14.16 29.71 38.51
N GLN C 36 13.14 29.18 39.17
CA GLN C 36 12.43 28.03 38.61
C GLN C 36 11.61 28.44 37.40
N LEU C 37 11.18 29.70 37.33
CA LEU C 37 10.57 30.20 36.10
C LEU C 37 11.53 30.05 34.93
N ALA C 38 12.76 30.54 35.09
CA ALA C 38 13.73 30.44 34.00
C ALA C 38 14.07 28.99 33.70
N ASP C 39 14.20 28.16 34.73
CA ASP C 39 14.54 26.76 34.51
C ASP C 39 13.45 26.04 33.73
N GLU C 40 12.19 26.19 34.14
CA GLU C 40 11.10 25.56 33.42
C GLU C 40 10.96 26.12 32.02
N SER C 41 11.23 27.42 31.84
CA SER C 41 11.14 28.01 30.51
C SER C 41 12.20 27.44 29.57
N LEU C 42 13.44 27.31 30.04
CA LEU C 42 14.48 26.75 29.18
C LEU C 42 14.20 25.27 28.90
N GLU C 43 13.72 24.53 29.90
CA GLU C 43 13.34 23.15 29.68
C GLU C 43 12.25 23.05 28.61
N SER C 44 11.23 23.91 28.73
CA SER C 44 10.12 23.90 27.78
C SER C 44 10.60 24.21 26.37
N THR C 45 11.39 25.27 26.21
CA THR C 45 11.84 25.62 24.87
C THR C 45 12.65 24.50 24.25
N ARG C 46 13.61 23.95 25.00
CA ARG C 46 14.46 22.90 24.43
C ARG C 46 13.62 21.69 24.02
N ARG C 47 12.84 21.15 24.93
CA ARG C 47 11.98 20.00 24.63
C ARG C 47 11.03 20.27 23.47
N MET C 48 10.38 21.43 23.47
CA MET C 48 9.43 21.72 22.40
C MET C 48 10.13 21.75 21.06
N LEU C 49 11.28 22.43 20.99
CA LEU C 49 12.00 22.51 19.73
C LEU C 49 12.38 21.12 19.24
N GLN C 50 13.02 20.31 20.10
CA GLN C 50 13.50 19.02 19.64
C GLN C 50 12.34 18.13 19.20
N LEU C 51 11.28 18.07 20.00
CA LEU C 51 10.13 17.25 19.62
C LEU C 51 9.52 17.70 18.31
N VAL C 52 9.36 19.01 18.13
CA VAL C 52 8.75 19.53 16.92
C VAL C 52 9.59 19.15 15.70
N GLU C 53 10.91 19.35 15.79
CA GLU C 53 11.75 19.03 14.64
C GLU C 53 11.72 17.55 14.33
N GLU C 54 11.75 16.70 15.37
CA GLU C 54 11.70 15.26 15.12
C GLU C 54 10.42 14.87 14.42
N SER C 55 9.28 15.41 14.87
CA SER C 55 8.03 15.09 14.20
C SER C 55 8.06 15.56 12.75
N LYS C 56 8.58 16.76 12.52
CA LYS C 56 8.64 17.30 11.16
C LYS C 56 9.42 16.36 10.25
N ASP C 57 10.60 15.92 10.70
CA ASP C 57 11.43 15.06 9.87
C ASP C 57 10.76 13.71 9.61
N ALA C 58 10.24 13.08 10.68
CA ALA C 58 9.60 11.78 10.50
C ALA C 58 8.49 11.88 9.46
N GLY C 59 7.62 12.89 9.62
CA GLY C 59 6.56 13.06 8.66
C GLY C 59 7.09 13.23 7.25
N ILE C 60 8.00 14.19 7.06
CA ILE C 60 8.45 14.53 5.71
C ILE C 60 8.93 13.26 5.02
N ARG C 61 9.64 12.41 5.75
CA ARG C 61 10.21 11.26 5.08
C ARG C 61 9.13 10.24 4.76
N THR C 62 8.12 10.09 5.63
CA THR C 62 7.01 9.21 5.28
C THR C 62 6.31 9.69 4.01
N LEU C 63 6.07 11.01 3.92
CA LEU C 63 5.46 11.55 2.72
C LEU C 63 6.26 11.14 1.49
N VAL C 64 7.56 11.42 1.50
CA VAL C 64 8.37 11.09 0.34
C VAL C 64 8.40 9.59 0.09
N MET C 65 8.17 8.77 1.12
CA MET C 65 8.13 7.33 0.91
C MET C 65 6.88 6.92 0.13
N LEU C 66 5.74 7.54 0.41
CA LEU C 66 4.47 7.01 -0.11
C LEU C 66 4.44 6.93 -1.64
N ASP C 67 5.08 7.87 -2.34
CA ASP C 67 4.94 7.96 -3.79
C ASP C 67 5.44 6.69 -4.49
N GLU C 68 6.54 6.12 -3.99
CA GLU C 68 7.09 4.92 -4.60
C GLU C 68 6.05 3.81 -4.65
N GLN C 69 5.42 3.52 -3.51
CA GLN C 69 4.39 2.49 -3.50
C GLN C 69 3.22 2.89 -4.39
N GLY C 70 2.90 4.18 -4.46
CA GLY C 70 1.86 4.59 -5.38
C GLY C 70 2.11 4.09 -6.79
N GLU C 71 3.26 4.48 -7.34
CA GLU C 71 3.54 4.09 -8.72
C GLU C 71 3.75 2.59 -8.86
N GLN C 72 4.23 1.93 -7.80
CA GLN C 72 4.39 0.47 -7.85
C GLN C 72 3.03 -0.20 -8.00
N LEU C 73 2.03 0.26 -7.24
CA LEU C 73 0.68 -0.26 -7.38
C LEU C 73 0.16 0.00 -8.78
N GLU C 74 0.44 1.18 -9.33
CA GLU C 74 0.08 1.45 -10.72
C GLU C 74 0.61 0.35 -11.64
N ARG C 75 1.92 0.06 -11.53
CA ARG C 75 2.55 -0.89 -12.43
C ARG C 75 1.97 -2.29 -12.26
N ILE C 76 1.75 -2.71 -11.01
CA ILE C 76 1.22 -4.06 -10.80
C ILE C 76 -0.18 -4.18 -11.37
N GLU C 77 -0.99 -3.12 -11.24
CA GLU C 77 -2.31 -3.13 -11.85
C GLU C 77 -2.21 -3.30 -13.37
N GLU C 78 -1.30 -2.54 -13.99
CA GLU C 78 -1.10 -2.67 -15.42
C GLU C 78 -0.79 -4.11 -15.81
N GLY C 79 0.19 -4.70 -15.13
CA GLY C 79 0.56 -6.08 -15.45
C GLY C 79 -0.58 -7.05 -15.25
N MET C 80 -1.33 -6.88 -14.16
CA MET C 80 -2.42 -7.81 -13.87
C MET C 80 -3.49 -7.75 -14.96
N ASP C 81 -3.87 -6.55 -15.38
CA ASP C 81 -4.89 -6.46 -16.42
C ASP C 81 -4.41 -7.06 -17.73
N GLN C 82 -3.12 -6.84 -18.07
CA GLN C 82 -2.59 -7.48 -19.26
C GLN C 82 -2.69 -8.99 -19.17
N ILE C 83 -2.31 -9.54 -18.00
CA ILE C 83 -2.43 -10.99 -17.78
C ILE C 83 -3.85 -11.45 -18.02
N ASN C 84 -4.81 -10.74 -17.42
CA ASN C 84 -6.20 -11.13 -17.52
C ASN C 84 -6.64 -11.21 -18.97
N LYS C 85 -6.40 -10.14 -19.73
CA LYS C 85 -6.82 -10.14 -21.12
C LYS C 85 -6.17 -11.28 -21.89
N ASP C 86 -4.85 -11.43 -21.76
CA ASP C 86 -4.15 -12.42 -22.58
C ASP C 86 -4.65 -13.82 -22.27
N MET C 87 -4.75 -14.16 -20.99
CA MET C 87 -5.18 -15.51 -20.63
C MET C 87 -6.61 -15.77 -21.07
N LYS C 88 -7.51 -14.80 -20.86
CA LYS C 88 -8.90 -14.98 -21.27
C LYS C 88 -8.99 -15.26 -22.76
N GLU C 89 -8.38 -14.40 -23.58
CA GLU C 89 -8.49 -14.56 -25.02
C GLU C 89 -7.83 -15.85 -25.48
N ALA C 90 -6.68 -16.18 -24.92
CA ALA C 90 -6.02 -17.44 -25.28
C ALA C 90 -6.95 -18.62 -25.03
N GLU C 91 -7.52 -18.68 -23.82
CA GLU C 91 -8.36 -19.84 -23.51
C GLU C 91 -9.60 -19.89 -24.39
N LYS C 92 -10.23 -18.75 -24.65
CA LYS C 92 -11.45 -18.80 -25.45
C LYS C 92 -11.15 -19.23 -26.88
N ASN C 93 -10.08 -18.69 -27.48
CA ASN C 93 -9.68 -19.15 -28.81
C ASN C 93 -9.34 -20.63 -28.80
N LEU C 94 -8.76 -21.12 -27.70
CA LEU C 94 -8.35 -22.51 -27.66
C LEU C 94 -9.55 -23.43 -27.51
N THR C 95 -10.55 -23.02 -26.75
CA THR C 95 -11.79 -23.78 -26.68
C THR C 95 -12.46 -23.83 -28.05
N ASP C 96 -12.46 -22.71 -28.77
CA ASP C 96 -13.02 -22.71 -30.12
C ASP C 96 -12.25 -23.66 -31.03
N LEU C 97 -10.93 -23.64 -30.95
CA LEU C 97 -10.12 -24.52 -31.79
C LEU C 97 -10.36 -25.99 -31.43
N GLY C 98 -10.47 -26.30 -30.14
CA GLY C 98 -10.76 -27.65 -29.73
C GLY C 98 -12.12 -28.12 -30.22
N LYS C 99 -13.12 -27.23 -30.17
CA LYS C 99 -14.41 -27.57 -30.75
C LYS C 99 -14.30 -27.84 -32.24
N PHE C 100 -13.51 -27.02 -32.94
CA PHE C 100 -13.27 -27.27 -34.37
C PHE C 100 -12.67 -28.66 -34.57
N ALA C 101 -11.69 -29.02 -33.76
CA ALA C 101 -11.11 -30.36 -33.86
C ALA C 101 -12.15 -31.43 -33.53
N GLY C 102 -12.97 -31.19 -32.51
CA GLY C 102 -14.01 -32.13 -32.14
C GLY C 102 -15.27 -31.98 -32.96
N ARG D 33 1.14 47.20 28.58
CA ARG D 33 0.18 46.29 27.95
C ARG D 33 0.75 44.88 27.84
N ALA D 34 1.74 44.58 28.67
CA ALA D 34 2.30 43.24 28.69
C ALA D 34 1.27 42.21 29.13
N ASP D 35 0.27 42.63 29.91
CA ASP D 35 -0.81 41.72 30.27
C ASP D 35 -1.60 41.32 29.03
N GLN D 36 -1.77 42.24 28.08
CA GLN D 36 -2.37 41.88 26.80
C GLN D 36 -1.50 40.88 26.05
N LEU D 37 -0.19 41.00 26.17
CA LEU D 37 0.70 40.00 25.59
C LEU D 37 0.49 38.64 26.23
N ALA D 38 0.32 38.61 27.55
CA ALA D 38 0.04 37.34 28.23
C ALA D 38 -1.28 36.76 27.78
N ASP D 39 -2.30 37.60 27.57
CA ASP D 39 -3.58 37.12 27.08
C ASP D 39 -3.45 36.55 25.67
N GLU D 40 -2.66 37.21 24.82
CA GLU D 40 -2.37 36.65 23.51
C GLU D 40 -1.68 35.30 23.63
N SER D 41 -0.78 35.18 24.59
CA SER D 41 -0.12 33.90 24.83
C SER D 41 -1.14 32.83 25.24
N LEU D 42 -2.12 33.21 26.06
CA LEU D 42 -3.14 32.26 26.49
C LEU D 42 -4.00 31.80 25.31
N GLU D 43 -4.42 32.74 24.46
CA GLU D 43 -5.21 32.31 23.29
C GLU D 43 -4.37 31.47 22.34
N SER D 44 -3.08 31.78 22.23
CA SER D 44 -2.18 30.93 21.47
C SER D 44 -2.13 29.53 22.07
N THR D 45 -2.13 29.44 23.39
CA THR D 45 -2.18 28.15 24.06
C THR D 45 -3.46 27.40 23.70
N ARG D 46 -4.58 28.10 23.67
CA ARG D 46 -5.84 27.48 23.26
C ARG D 46 -5.72 26.91 21.85
N ARG D 47 -5.17 27.70 20.94
CA ARG D 47 -5.00 27.23 19.56
C ARG D 47 -4.08 26.01 19.52
N MET D 48 -3.00 26.03 20.30
CA MET D 48 -2.12 24.87 20.38
C MET D 48 -2.90 23.63 20.80
N LEU D 49 -3.71 23.76 21.85
CA LEU D 49 -4.49 22.62 22.32
C LEU D 49 -5.37 22.07 21.21
N GLN D 50 -6.13 22.96 20.56
CA GLN D 50 -7.06 22.49 19.52
C GLN D 50 -6.32 21.80 18.39
N LEU D 51 -5.25 22.45 17.89
CA LEU D 51 -4.53 21.88 16.75
C LEU D 51 -3.92 20.53 17.12
N VAL D 52 -3.31 20.45 18.30
CA VAL D 52 -2.63 19.22 18.69
C VAL D 52 -3.63 18.07 18.80
N GLU D 53 -4.74 18.30 19.51
CA GLU D 53 -5.71 17.23 19.68
C GLU D 53 -6.33 16.83 18.34
N GLU D 54 -6.60 17.81 17.48
CA GLU D 54 -7.16 17.51 16.17
C GLU D 54 -6.22 16.61 15.36
N SER D 55 -4.94 17.00 15.29
CA SER D 55 -3.97 16.17 14.58
C SER D 55 -3.92 14.77 15.17
N LYS D 56 -3.90 14.67 16.50
CA LYS D 56 -3.88 13.37 17.15
C LYS D 56 -5.04 12.51 16.67
N ASP D 57 -6.26 13.06 16.74
CA ASP D 57 -7.44 12.29 16.40
C ASP D 57 -7.39 11.81 14.96
N ALA D 58 -6.93 12.69 14.00
CA ALA D 58 -6.84 12.30 12.60
C ALA D 58 -5.83 11.17 12.42
N GLY D 59 -4.65 11.32 13.00
CA GLY D 59 -3.63 10.32 12.89
C GLY D 59 -4.02 8.94 13.37
N ILE D 60 -4.78 8.85 14.47
CA ILE D 60 -5.20 7.54 14.98
C ILE D 60 -5.88 6.74 13.87
N ARG D 61 -6.81 7.39 13.20
CA ARG D 61 -7.55 6.75 12.12
C ARG D 61 -6.65 6.49 10.92
N THR D 62 -5.69 7.38 10.67
CA THR D 62 -4.67 7.08 9.69
C THR D 62 -4.04 5.71 9.98
N LEU D 63 -3.70 5.48 11.25
CA LEU D 63 -3.12 4.20 11.64
C LEU D 63 -4.07 3.05 11.34
N VAL D 64 -5.33 3.22 11.70
CA VAL D 64 -6.30 2.10 11.53
C VAL D 64 -6.34 1.77 10.04
N MET D 65 -6.36 2.76 9.12
CA MET D 65 -6.37 2.50 7.68
C MET D 65 -5.10 1.78 7.24
N LEU D 66 -3.95 2.25 7.73
CA LEU D 66 -2.69 1.59 7.36
C LEU D 66 -2.59 0.18 7.92
N ASP D 67 -3.43 -0.17 8.89
CA ASP D 67 -3.52 -1.55 9.36
C ASP D 67 -4.38 -2.39 8.44
N GLU D 68 -5.43 -1.82 8.04
CA GLU D 68 -6.28 -2.54 7.10
C GLU D 68 -5.53 -2.82 5.80
N GLN D 69 -4.72 -1.87 5.34
CA GLN D 69 -3.94 -2.09 4.12
C GLN D 69 -3.04 -3.31 4.27
N GLY D 70 -2.29 -3.39 5.36
CA GLY D 70 -1.43 -4.55 5.59
C GLY D 70 -2.23 -5.83 5.69
N GLU D 71 -3.43 -5.81 6.28
CA GLU D 71 -4.19 -7.06 6.31
C GLU D 71 -4.50 -7.54 4.90
N GLN D 72 -4.93 -6.62 4.00
CA GLN D 72 -5.31 -7.05 2.65
C GLN D 72 -4.11 -7.54 1.85
N LEU D 73 -2.93 -6.96 2.08
CA LEU D 73 -1.78 -7.29 1.25
C LEU D 73 -1.42 -8.78 1.35
N GLU D 74 -1.51 -9.35 2.55
CA GLU D 74 -1.18 -10.75 2.71
C GLU D 74 -2.09 -11.63 1.85
N ARG D 75 -3.39 -11.35 1.87
CA ARG D 75 -4.32 -12.16 1.09
C ARG D 75 -4.02 -12.04 -0.40
N ILE D 76 -3.74 -10.84 -0.89
CA ILE D 76 -3.47 -10.72 -2.31
C ILE D 76 -2.21 -11.49 -2.68
N GLU D 77 -1.19 -11.43 -1.81
CA GLU D 77 0.04 -12.18 -2.08
C GLU D 77 -0.23 -13.67 -2.15
N GLU D 78 -1.02 -14.19 -1.20
CA GLU D 78 -1.31 -15.63 -1.20
C GLU D 78 -2.06 -16.03 -2.46
N GLY D 79 -3.04 -15.22 -2.88
CA GLY D 79 -3.74 -15.52 -4.11
C GLY D 79 -2.82 -15.57 -5.30
N MET D 80 -1.88 -14.61 -5.36
CA MET D 80 -0.91 -14.60 -6.46
C MET D 80 -0.08 -15.88 -6.46
N ASP D 81 0.39 -16.29 -5.29
CA ASP D 81 1.23 -17.48 -5.23
C ASP D 81 0.45 -18.70 -5.70
N GLN D 82 -0.80 -18.84 -5.25
CA GLN D 82 -1.59 -20.00 -5.64
C GLN D 82 -1.84 -20.02 -7.14
N ILE D 83 -2.18 -18.86 -7.73
CA ILE D 83 -2.39 -18.82 -9.17
C ILE D 83 -1.11 -19.20 -9.90
N ASN D 84 0.03 -18.69 -9.43
CA ASN D 84 1.28 -18.99 -10.13
C ASN D 84 1.54 -20.49 -10.13
N LYS D 85 1.41 -21.13 -8.96
CA LYS D 85 1.69 -22.56 -8.89
C LYS D 85 0.73 -23.35 -9.79
N ASP D 86 -0.56 -23.02 -9.73
CA ASP D 86 -1.53 -23.77 -10.51
C ASP D 86 -1.24 -23.63 -12.00
N MET D 87 -1.02 -22.40 -12.46
CA MET D 87 -0.75 -22.19 -13.87
C MET D 87 0.50 -22.93 -14.31
N LYS D 88 1.59 -22.83 -13.53
CA LYS D 88 2.83 -23.50 -13.91
C LYS D 88 2.63 -25.01 -14.02
N GLU D 89 2.09 -25.62 -12.98
CA GLU D 89 1.95 -27.07 -13.02
C GLU D 89 1.03 -27.51 -14.15
N ALA D 90 -0.08 -26.81 -14.34
CA ALA D 90 -1.03 -27.21 -15.38
C ALA D 90 -0.42 -27.11 -16.76
N GLU D 91 0.21 -25.96 -17.06
CA GLU D 91 0.75 -25.77 -18.40
C GLU D 91 1.87 -26.76 -18.67
N LYS D 92 2.72 -27.02 -17.67
CA LYS D 92 3.81 -27.96 -17.92
C LYS D 92 3.29 -29.38 -18.12
N ASN D 93 2.27 -29.76 -17.35
CA ASN D 93 1.69 -31.10 -17.54
C ASN D 93 1.08 -31.22 -18.93
N LEU D 94 0.36 -30.20 -19.39
CA LEU D 94 -0.20 -30.25 -20.73
C LEU D 94 0.88 -30.32 -21.79
N THR D 95 1.95 -29.53 -21.64
CA THR D 95 3.02 -29.58 -22.63
C THR D 95 3.68 -30.96 -22.68
N ASP D 96 3.90 -31.56 -21.51
CA ASP D 96 4.47 -32.90 -21.48
C ASP D 96 3.53 -33.90 -22.14
N LEU D 97 2.23 -33.78 -21.87
CA LEU D 97 1.26 -34.68 -22.50
C LEU D 97 1.25 -34.52 -24.01
N GLY D 98 1.48 -33.31 -24.51
CA GLY D 98 1.48 -33.10 -25.94
C GLY D 98 2.50 -33.96 -26.66
N LYS D 99 3.66 -34.15 -26.04
CA LYS D 99 4.71 -34.99 -26.62
C LYS D 99 4.19 -36.40 -26.90
N GLY E 1 30.17 7.56 -28.58
CA GLY E 1 30.15 6.39 -27.66
C GLY E 1 30.31 5.07 -28.38
N MET E 2 31.35 4.32 -28.03
CA MET E 2 31.58 3.03 -28.68
C MET E 2 30.42 2.08 -28.44
N ASP E 3 29.92 2.02 -27.21
CA ASP E 3 28.74 1.22 -26.94
C ASP E 3 27.59 1.63 -27.85
N THR E 4 27.28 2.93 -27.88
CA THR E 4 26.21 3.41 -28.73
C THR E 4 26.56 3.28 -30.20
N SER E 5 27.84 3.35 -30.56
CA SER E 5 28.23 3.17 -31.95
C SER E 5 27.89 1.77 -32.44
N GLY E 6 28.32 0.75 -31.69
CA GLY E 6 27.96 -0.61 -32.05
C GLY E 6 26.46 -0.84 -31.96
N LYS E 7 25.81 -0.20 -31.00
CA LYS E 7 24.36 -0.29 -30.88
C LYS E 7 23.68 0.20 -32.14
N GLN E 8 24.10 1.36 -32.65
CA GLN E 8 23.52 1.90 -33.87
C GLN E 8 23.90 1.06 -35.07
N ALA E 9 25.09 0.47 -35.08
CA ALA E 9 25.50 -0.40 -36.18
C ALA E 9 24.56 -1.61 -36.28
N GLU E 10 24.36 -2.31 -35.17
CA GLU E 10 23.44 -3.44 -35.19
C GLU E 10 22.00 -2.99 -35.39
N ALA E 11 21.67 -1.75 -35.00
CA ALA E 11 20.36 -1.20 -35.31
C ALA E 11 20.17 -1.07 -36.81
N MET E 12 21.18 -0.56 -37.52
CA MET E 12 21.11 -0.48 -38.97
C MET E 12 21.01 -1.87 -39.58
N ALA E 13 21.76 -2.83 -39.04
CA ALA E 13 21.67 -4.20 -39.52
C ALA E 13 20.24 -4.72 -39.40
N LEU E 14 19.65 -4.58 -38.22
CA LEU E 14 18.27 -5.05 -38.02
C LEU E 14 17.29 -4.29 -38.90
N LEU E 15 17.54 -3.01 -39.17
CA LEU E 15 16.68 -2.27 -40.09
C LEU E 15 16.75 -2.84 -41.49
N ALA E 16 17.96 -3.20 -41.95
CA ALA E 16 18.08 -3.85 -43.25
C ALA E 16 17.33 -5.17 -43.25
N GLU E 17 17.45 -5.94 -42.18
CA GLU E 17 16.74 -7.20 -42.09
C GLU E 17 15.23 -6.98 -42.14
N ALA E 18 14.74 -5.94 -41.46
CA ALA E 18 13.32 -5.63 -41.47
C ALA E 18 12.83 -5.16 -42.82
N GLU E 19 13.68 -4.44 -43.56
CA GLU E 19 13.33 -4.11 -44.94
C GLU E 19 13.23 -5.38 -45.79
N ARG E 20 14.15 -6.33 -45.59
CA ARG E 20 14.05 -7.60 -46.27
C ARG E 20 12.78 -8.35 -45.83
N LYS E 21 12.34 -8.13 -44.59
CA LYS E 21 11.13 -8.78 -44.11
C LYS E 21 9.86 -8.15 -44.69
N VAL E 22 9.85 -6.84 -44.93
CA VAL E 22 8.71 -6.26 -45.64
C VAL E 22 8.73 -6.72 -47.09
N LYS E 23 9.91 -6.91 -47.67
CA LYS E 23 9.99 -7.57 -48.98
C LYS E 23 9.38 -8.97 -48.89
N ASN E 24 9.67 -9.69 -47.81
CA ASN E 24 9.03 -10.98 -47.58
C ASN E 24 7.52 -10.86 -47.52
N SER E 25 7.03 -9.82 -46.83
CA SER E 25 5.59 -9.63 -46.69
C SER E 25 4.94 -9.41 -48.05
N GLN E 26 5.54 -8.56 -48.88
CA GLN E 26 4.95 -8.31 -50.20
C GLN E 26 5.09 -9.52 -51.11
N SER E 27 6.13 -10.33 -50.93
CA SER E 27 6.29 -11.55 -51.72
C SER E 27 5.41 -12.69 -51.22
N PHE E 28 4.90 -12.59 -49.99
CA PHE E 28 4.02 -13.61 -49.43
C PHE E 28 2.56 -13.22 -49.46
N PHE E 29 2.24 -11.96 -49.75
CA PHE E 29 0.87 -11.56 -50.02
C PHE E 29 0.53 -11.67 -51.51
N SER E 30 1.49 -11.36 -52.38
CA SER E 30 1.30 -11.45 -53.82
C SER E 30 1.98 -12.65 -54.45
N GLY E 31 3.04 -13.17 -53.83
CA GLY E 31 3.79 -14.27 -54.40
C GLY E 31 3.51 -15.61 -53.76
N LEU E 32 3.35 -15.65 -52.47
CA LEU E 32 3.11 -16.86 -51.71
C LEU E 32 1.81 -16.71 -50.92
N PHE E 33 1.50 -17.73 -50.11
CA PHE E 33 0.31 -17.72 -49.27
C PHE E 33 0.72 -18.04 -47.83
N GLY E 34 -0.16 -17.72 -46.90
CA GLY E 34 0.12 -18.00 -45.50
C GLY E 34 1.22 -17.15 -44.92
N GLY E 35 1.55 -16.03 -45.56
CA GLY E 35 2.57 -15.15 -45.02
C GLY E 35 2.23 -14.55 -43.68
N SER E 36 0.96 -14.63 -43.26
CA SER E 36 0.53 -14.13 -41.97
C SER E 36 1.53 -14.52 -40.88
N SER E 37 1.98 -15.76 -40.89
CA SER E 37 3.02 -16.18 -39.96
C SER E 37 4.36 -15.52 -40.29
N LYS E 38 4.69 -15.42 -41.58
CA LYS E 38 5.93 -14.77 -41.96
C LYS E 38 5.94 -13.31 -41.57
N ILE E 39 4.83 -12.61 -41.81
CA ILE E 39 4.76 -11.21 -41.38
C ILE E 39 4.62 -11.10 -39.86
N GLU E 40 4.16 -12.16 -39.19
CA GLU E 40 4.19 -12.17 -37.74
C GLU E 40 5.64 -12.21 -37.24
N GLU E 41 6.47 -13.04 -37.87
CA GLU E 41 7.91 -13.02 -37.57
C GLU E 41 8.50 -11.65 -37.91
N ALA E 42 8.03 -11.05 -39.00
CA ALA E 42 8.44 -9.69 -39.33
C ALA E 42 8.10 -8.73 -38.21
N CYS E 43 6.90 -8.87 -37.65
CA CYS E 43 6.50 -8.03 -36.52
C CYS E 43 7.40 -8.28 -35.32
N GLU E 44 7.76 -9.54 -35.07
CA GLU E 44 8.65 -9.84 -33.95
C GLU E 44 9.99 -9.15 -34.13
N ILE E 45 10.57 -9.23 -35.32
CA ILE E 45 11.87 -8.58 -35.54
C ILE E 45 11.72 -7.07 -35.48
N TYR E 46 10.59 -6.53 -35.96
CA TYR E 46 10.36 -5.10 -35.85
C TYR E 46 10.30 -4.67 -34.38
N ALA E 47 9.63 -5.46 -33.54
CA ALA E 47 9.55 -5.12 -32.12
C ALA E 47 10.92 -5.20 -31.46
N ARG E 48 11.74 -6.16 -31.87
CA ARG E 48 13.11 -6.25 -31.37
C ARG E 48 13.90 -5.01 -31.74
N ALA E 49 13.82 -4.61 -33.01
CA ALA E 49 14.54 -3.42 -33.47
C ALA E 49 14.05 -2.18 -32.75
N ALA E 50 12.75 -2.06 -32.54
CA ALA E 50 12.20 -0.89 -31.87
C ALA E 50 12.70 -0.81 -30.43
N ASN E 51 12.67 -1.93 -29.71
CA ASN E 51 13.09 -1.92 -28.32
C ASN E 51 14.58 -1.62 -28.21
N MET E 52 15.40 -2.25 -29.06
CA MET E 52 16.83 -1.97 -29.01
C MET E 52 17.11 -0.53 -29.40
N PHE E 53 16.37 0.02 -30.36
CA PHE E 53 16.47 1.44 -30.66
C PHE E 53 16.19 2.28 -29.42
N LYS E 54 15.09 1.96 -28.72
CA LYS E 54 14.79 2.67 -27.47
C LYS E 54 15.97 2.60 -26.53
N MET E 55 16.65 1.47 -26.48
CA MET E 55 17.87 1.37 -25.68
C MET E 55 19.01 2.18 -26.28
N ALA E 56 18.92 2.56 -27.54
CA ALA E 56 19.99 3.28 -28.23
C ALA E 56 19.87 4.79 -28.13
N LYS E 57 18.84 5.31 -27.47
CA LYS E 57 18.60 6.73 -27.26
C LYS E 57 18.02 7.40 -28.50
N ASN E 58 17.89 6.70 -29.63
CA ASN E 58 17.32 7.26 -30.84
C ASN E 58 15.81 7.12 -30.76
N TRP E 59 15.19 8.04 -30.02
CA TRP E 59 13.78 7.92 -29.68
C TRP E 59 12.90 7.99 -30.92
N SER E 60 13.17 8.93 -31.82
CA SER E 60 12.30 9.13 -32.97
C SER E 60 12.24 7.89 -33.84
N ALA E 61 13.38 7.27 -34.11
CA ALA E 61 13.40 6.05 -34.91
C ALA E 61 12.64 4.94 -34.20
N ALA E 62 12.79 4.85 -32.88
CA ALA E 62 12.06 3.83 -32.13
C ALA E 62 10.55 4.02 -32.27
N GLY E 63 10.09 5.26 -32.15
CA GLY E 63 8.67 5.52 -32.31
C GLY E 63 8.18 5.20 -33.71
N ASN E 64 8.97 5.58 -34.72
CA ASN E 64 8.59 5.27 -36.09
C ASN E 64 8.49 3.77 -36.31
N ALA E 65 9.45 3.01 -35.79
CA ALA E 65 9.41 1.56 -35.94
C ALA E 65 8.19 0.98 -35.22
N PHE E 66 7.91 1.47 -34.02
CA PHE E 66 6.73 0.97 -33.30
C PHE E 66 5.46 1.24 -34.09
N CYS E 67 5.34 2.44 -34.65
CA CYS E 67 4.13 2.78 -35.39
C CYS E 67 3.99 1.93 -36.64
N GLN E 68 5.10 1.72 -37.37
CA GLN E 68 5.04 0.88 -38.57
C GLN E 68 4.63 -0.55 -38.20
N ALA E 69 5.23 -1.08 -37.14
CA ALA E 69 4.88 -2.43 -36.71
C ALA E 69 3.40 -2.52 -36.34
N ALA E 70 2.91 -1.53 -35.59
CA ALA E 70 1.52 -1.56 -35.15
C ALA E 70 0.57 -1.49 -36.34
N GLN E 71 0.83 -0.58 -37.28
CA GLN E 71 -0.07 -0.44 -38.41
C GLN E 71 -0.05 -1.68 -39.30
N LEU E 72 1.11 -2.32 -39.44
CA LEU E 72 1.14 -3.60 -40.14
C LEU E 72 0.37 -4.66 -39.37
N HIS E 73 0.48 -4.65 -38.04
CA HIS E 73 -0.16 -5.66 -37.22
C HIS E 73 -1.68 -5.55 -37.30
N LEU E 74 -2.20 -4.33 -37.42
CA LEU E 74 -3.65 -4.14 -37.44
C LEU E 74 -4.34 -4.99 -38.49
N GLN E 75 -3.63 -5.42 -39.53
CA GLN E 75 -4.23 -6.09 -40.66
C GLN E 75 -4.53 -7.57 -40.41
N LEU E 76 -4.12 -8.12 -39.27
CA LEU E 76 -4.25 -9.56 -39.00
C LEU E 76 -5.40 -9.86 -38.04
N GLN E 77 -6.48 -9.08 -38.12
CA GLN E 77 -7.68 -9.32 -37.33
C GLN E 77 -7.37 -9.40 -35.84
N SER E 78 -6.37 -8.65 -35.40
CA SER E 78 -5.97 -8.59 -34.01
C SER E 78 -5.96 -7.15 -33.56
N LYS E 79 -6.53 -6.90 -32.38
CA LYS E 79 -6.72 -5.55 -31.88
C LYS E 79 -5.91 -5.23 -30.63
N HIS E 80 -5.62 -6.21 -29.79
CA HIS E 80 -4.95 -5.90 -28.53
C HIS E 80 -3.46 -5.65 -28.71
N ASP E 81 -2.78 -6.46 -29.51
CA ASP E 81 -1.39 -6.14 -29.80
C ASP E 81 -1.31 -4.77 -30.45
N ALA E 82 -2.32 -4.42 -31.25
CA ALA E 82 -2.47 -3.07 -31.76
C ALA E 82 -2.40 -2.04 -30.64
N ALA E 83 -3.27 -2.18 -29.64
CA ALA E 83 -3.27 -1.29 -28.49
C ALA E 83 -1.88 -1.16 -27.87
N THR E 84 -1.29 -2.27 -27.57
CA THR E 84 0.01 -2.25 -26.88
C THR E 84 1.03 -1.48 -27.70
N CYS E 85 1.12 -1.79 -29.00
CA CYS E 85 2.12 -1.14 -29.83
C CYS E 85 1.84 0.36 -29.97
N PHE E 86 0.58 0.73 -30.12
CA PHE E 86 0.22 2.15 -30.21
C PHE E 86 0.62 2.88 -28.93
N VAL E 87 0.36 2.26 -27.78
CA VAL E 87 0.71 2.90 -26.51
C VAL E 87 2.22 3.03 -26.36
N ASP E 88 2.96 2.00 -26.80
CA ASP E 88 4.42 2.08 -26.74
C ASP E 88 4.92 3.19 -27.66
N ALA E 89 4.35 3.31 -28.86
CA ALA E 89 4.74 4.40 -29.76
C ALA E 89 4.43 5.76 -29.14
N GLY E 90 3.28 5.90 -28.49
CA GLY E 90 2.95 7.15 -27.84
C GLY E 90 3.91 7.49 -26.72
N ASN E 91 4.26 6.50 -25.91
CA ASN E 91 5.23 6.74 -24.84
C ASN E 91 6.58 7.14 -25.41
N ALA E 92 6.99 6.50 -26.51
CA ALA E 92 8.24 6.88 -27.15
C ALA E 92 8.20 8.32 -27.65
N PHE E 93 7.09 8.71 -28.29
CA PHE E 93 6.97 10.07 -28.82
C PHE E 93 6.76 11.11 -27.72
N LYS E 94 6.37 10.69 -26.52
CA LYS E 94 6.18 11.63 -25.42
C LYS E 94 7.31 12.65 -25.38
N LYS E 95 8.55 12.17 -25.32
CA LYS E 95 9.70 13.04 -25.43
C LYS E 95 9.99 13.35 -26.89
N ALA E 96 10.83 14.36 -27.11
CA ALA E 96 11.18 14.81 -28.45
C ALA E 96 9.97 15.44 -29.12
N ASP E 97 9.41 14.79 -30.15
CA ASP E 97 8.24 15.33 -30.84
C ASP E 97 6.99 14.64 -30.31
N PRO E 98 6.11 15.35 -29.58
CA PRO E 98 4.91 14.71 -29.03
C PRO E 98 3.63 14.89 -29.85
N GLN E 99 3.65 15.63 -30.96
CA GLN E 99 2.39 15.96 -31.64
C GLN E 99 1.69 14.71 -32.14
N GLU E 100 2.40 13.86 -32.90
CA GLU E 100 1.79 12.63 -33.38
C GLU E 100 1.47 11.67 -32.25
N ALA E 101 2.12 11.85 -31.08
CA ALA E 101 1.75 11.05 -29.92
C ALA E 101 0.29 11.25 -29.59
N ILE E 102 -0.21 12.48 -29.72
CA ILE E 102 -1.61 12.75 -29.44
C ILE E 102 -2.50 11.92 -30.37
N ASN E 103 -2.16 11.90 -31.65
CA ASN E 103 -2.96 11.15 -32.61
C ASN E 103 -2.96 9.66 -32.30
N CYS E 104 -1.71 9.08 -32.03
CA CYS E 104 -1.66 7.64 -31.77
C CYS E 104 -2.39 7.30 -30.47
N LEU E 105 -2.24 8.13 -29.45
CA LEU E 105 -2.97 7.90 -28.21
C LEU E 105 -4.48 7.98 -28.44
N MET E 106 -4.91 8.91 -29.29
CA MET E 106 -6.33 8.97 -29.63
C MET E 106 -6.79 7.68 -30.30
N ARG E 107 -5.98 7.16 -31.22
CA ARG E 107 -6.33 5.90 -31.86
C ARG E 107 -6.48 4.78 -30.85
N ALA E 108 -5.52 4.69 -29.93
CA ALA E 108 -5.57 3.64 -28.90
C ALA E 108 -6.78 3.82 -28.00
N ILE E 109 -7.10 5.06 -27.66
CA ILE E 109 -8.28 5.34 -26.83
C ILE E 109 -9.54 4.89 -27.54
N GLU E 110 -9.63 5.17 -28.83
CA GLU E 110 -10.78 4.71 -29.60
C GLU E 110 -10.90 3.20 -29.55
N ILE E 111 -9.77 2.51 -29.71
CA ILE E 111 -9.80 1.05 -29.68
C ILE E 111 -10.28 0.55 -28.33
N TYR E 112 -9.71 1.14 -27.30
CA TYR E 112 -10.08 0.68 -25.97
C TYR E 112 -11.55 0.94 -25.66
N THR E 113 -12.01 2.18 -25.87
CA THR E 113 -13.41 2.47 -25.61
C THR E 113 -14.32 1.62 -26.48
N ASP E 114 -13.85 1.22 -27.66
CA ASP E 114 -14.60 0.24 -28.44
C ASP E 114 -14.64 -1.10 -27.72
N MET E 115 -13.51 -1.51 -27.12
CA MET E 115 -13.48 -2.78 -26.41
C MET E 115 -14.39 -2.75 -25.19
N GLY E 116 -14.14 -1.85 -24.25
CA GLY E 116 -15.02 -1.70 -23.11
C GLY E 116 -14.34 -1.39 -21.79
N ARG E 117 -13.01 -1.44 -21.74
CA ARG E 117 -12.27 -1.09 -20.54
C ARG E 117 -12.23 0.43 -20.42
N PHE E 118 -12.85 0.97 -19.38
CA PHE E 118 -13.01 2.42 -19.26
C PHE E 118 -11.91 3.07 -18.43
N THR E 119 -11.45 2.40 -17.36
CA THR E 119 -10.49 3.04 -16.47
C THR E 119 -9.18 3.36 -17.20
N ILE E 120 -8.69 2.41 -18.01
CA ILE E 120 -7.45 2.64 -18.73
C ILE E 120 -7.62 3.79 -19.73
N ALA E 121 -8.79 3.84 -20.37
CA ALA E 121 -9.07 4.94 -21.28
C ALA E 121 -9.03 6.28 -20.56
N ALA E 122 -9.62 6.33 -19.36
CA ALA E 122 -9.59 7.57 -18.60
C ALA E 122 -8.18 7.95 -18.20
N LYS E 123 -7.37 6.95 -17.82
CA LYS E 123 -5.98 7.25 -17.46
C LYS E 123 -5.22 7.82 -18.66
N HIS E 124 -5.41 7.24 -19.83
CA HIS E 124 -4.76 7.77 -21.02
C HIS E 124 -5.28 9.17 -21.36
N HIS E 125 -6.57 9.41 -21.12
CA HIS E 125 -7.11 10.76 -21.31
C HIS E 125 -6.38 11.76 -20.42
N ILE E 126 -6.21 11.41 -19.14
CA ILE E 126 -5.56 12.36 -18.23
C ILE E 126 -4.11 12.55 -18.61
N SER E 127 -3.45 11.50 -19.11
CA SER E 127 -2.10 11.66 -19.61
C SER E 127 -2.05 12.62 -20.79
N ILE E 128 -2.99 12.49 -21.72
CA ILE E 128 -3.06 13.40 -22.85
C ILE E 128 -3.23 14.83 -22.35
N ALA E 129 -4.12 15.02 -21.38
CA ALA E 129 -4.37 16.37 -20.86
C ALA E 129 -3.12 16.95 -20.22
N GLU E 130 -2.43 16.15 -19.39
CA GLU E 130 -1.25 16.67 -18.70
C GLU E 130 -0.16 17.03 -19.70
N ILE E 131 0.10 16.17 -20.69
CA ILE E 131 1.12 16.51 -21.68
C ILE E 131 0.72 17.75 -22.45
N TYR E 132 -0.56 17.86 -22.80
CA TYR E 132 -1.02 18.98 -23.61
C TYR E 132 -0.88 20.30 -22.84
N GLU E 133 -1.14 20.29 -21.54
CA GLU E 133 -1.00 21.51 -20.78
C GLU E 133 0.47 21.84 -20.51
N THR E 134 1.30 20.82 -20.29
CA THR E 134 2.68 21.08 -19.89
C THR E 134 3.53 21.56 -21.06
N GLU E 135 3.28 21.03 -22.26
CA GLU E 135 4.13 21.37 -23.41
C GLU E 135 3.42 22.16 -24.49
N LEU E 136 2.11 22.03 -24.64
CA LEU E 136 1.35 22.80 -25.62
C LEU E 136 0.66 23.97 -24.93
N VAL E 137 0.78 25.16 -25.50
CA VAL E 137 0.21 26.38 -24.90
C VAL E 137 -1.22 26.50 -25.44
N ASP E 138 -2.13 25.84 -24.72
CA ASP E 138 -3.56 25.89 -25.01
C ASP E 138 -4.27 25.16 -23.90
N VAL E 139 -5.42 25.68 -23.48
CA VAL E 139 -6.03 25.24 -22.22
C VAL E 139 -7.44 24.71 -22.42
N GLU E 140 -8.14 25.18 -23.46
CA GLU E 140 -9.53 24.77 -23.63
C GLU E 140 -9.64 23.28 -23.90
N LYS E 141 -8.77 22.75 -24.75
CA LYS E 141 -8.76 21.30 -24.97
C LYS E 141 -8.44 20.57 -23.68
N ALA E 142 -7.61 21.17 -22.82
CA ALA E 142 -7.39 20.57 -21.51
C ALA E 142 -8.68 20.50 -20.72
N ILE E 143 -9.49 21.56 -20.78
CA ILE E 143 -10.78 21.55 -20.11
C ILE E 143 -11.63 20.40 -20.63
N ALA E 144 -11.69 20.25 -21.95
CA ALA E 144 -12.52 19.19 -22.52
C ALA E 144 -12.03 17.81 -22.09
N HIS E 145 -10.72 17.58 -22.15
CA HIS E 145 -10.19 16.27 -21.79
C HIS E 145 -10.42 15.96 -20.32
N TYR E 146 -10.20 16.94 -19.44
CA TYR E 146 -10.49 16.72 -18.03
C TYR E 146 -11.97 16.44 -17.82
N GLU E 147 -12.84 17.11 -18.58
CA GLU E 147 -14.27 16.87 -18.45
C GLU E 147 -14.61 15.43 -18.81
N GLN E 148 -14.06 14.93 -19.93
CA GLN E 148 -14.32 13.55 -20.31
C GLN E 148 -13.77 12.59 -19.27
N SER E 149 -12.57 12.86 -18.75
CA SER E 149 -11.99 11.99 -17.73
C SER E 149 -12.90 11.94 -16.49
N ALA E 150 -13.39 13.10 -16.07
CA ALA E 150 -14.28 13.15 -14.92
C ALA E 150 -15.55 12.36 -15.19
N ASP E 151 -16.13 12.53 -16.38
CA ASP E 151 -17.32 11.76 -16.73
C ASP E 151 -17.05 10.27 -16.60
N TYR E 152 -15.95 9.80 -17.18
CA TYR E 152 -15.64 8.38 -17.14
C TYR E 152 -15.49 7.90 -15.70
N TYR E 153 -14.69 8.62 -14.91
CA TYR E 153 -14.43 8.16 -13.54
C TYR E 153 -15.71 8.13 -12.72
N LYS E 154 -16.45 9.24 -12.69
CA LYS E 154 -17.67 9.26 -11.88
C LYS E 154 -18.71 8.30 -12.40
N GLY E 155 -18.65 7.92 -13.68
CA GLY E 155 -19.55 6.92 -14.19
C GLY E 155 -19.30 5.54 -13.59
N GLU E 156 -18.03 5.21 -13.34
CA GLU E 156 -17.65 3.89 -12.87
C GLU E 156 -17.52 3.82 -11.35
N GLU E 157 -18.00 4.83 -10.63
CA GLU E 157 -18.12 4.84 -9.17
C GLU E 157 -16.80 5.13 -8.46
N SER E 158 -15.68 5.28 -9.18
CA SER E 158 -14.42 5.66 -8.56
C SER E 158 -14.48 7.14 -8.23
N ASN E 159 -15.16 7.46 -7.13
CA ASN E 159 -15.44 8.85 -6.79
C ASN E 159 -14.17 9.65 -6.56
N SER E 160 -13.17 9.06 -5.90
CA SER E 160 -12.02 9.82 -5.43
C SER E 160 -11.29 10.55 -6.56
N SER E 161 -10.73 9.80 -7.51
CA SER E 161 -9.96 10.43 -8.58
C SER E 161 -10.82 11.46 -9.34
N ALA E 162 -12.06 11.09 -9.63
CA ALA E 162 -13.00 12.02 -10.23
C ALA E 162 -13.00 13.35 -9.48
N ASN E 163 -13.08 13.29 -8.15
CA ASN E 163 -13.15 14.52 -7.38
C ASN E 163 -11.99 15.45 -7.72
N LYS E 164 -10.76 14.93 -7.68
CA LYS E 164 -9.60 15.77 -7.97
C LYS E 164 -9.64 16.29 -9.40
N CYS E 165 -10.01 15.43 -10.35
CA CYS E 165 -10.08 15.86 -11.75
C CYS E 165 -11.01 17.05 -11.89
N LEU E 166 -12.24 16.90 -11.40
CA LEU E 166 -13.22 17.99 -11.47
C LEU E 166 -12.70 19.24 -10.78
N LEU E 167 -12.12 19.07 -9.58
CA LEU E 167 -11.56 20.21 -8.86
C LEU E 167 -10.55 20.97 -9.70
N LYS E 168 -9.57 20.27 -10.28
CA LYS E 168 -8.56 20.93 -11.09
C LYS E 168 -9.20 21.65 -12.28
N VAL E 169 -10.10 20.97 -12.99
CA VAL E 169 -10.68 21.58 -14.19
C VAL E 169 -11.41 22.86 -13.83
N ALA E 170 -12.23 22.81 -12.77
CA ALA E 170 -12.96 24.00 -12.36
C ALA E 170 -12.02 25.10 -11.92
N GLY E 171 -11.02 24.77 -11.11
CA GLY E 171 -10.07 25.77 -10.66
C GLY E 171 -9.40 26.46 -11.83
N TYR E 172 -8.98 25.68 -12.83
CA TYR E 172 -8.35 26.26 -14.01
C TYR E 172 -9.34 27.14 -14.78
N ALA E 173 -10.56 26.65 -14.96
CA ALA E 173 -11.56 27.44 -15.67
C ALA E 173 -11.77 28.79 -15.01
N ALA E 174 -11.68 28.83 -13.68
CA ALA E 174 -11.83 30.10 -12.98
C ALA E 174 -10.89 31.16 -13.55
N GLN E 175 -9.68 30.76 -13.95
CA GLN E 175 -8.67 31.73 -14.34
C GLN E 175 -9.03 32.47 -15.63
N LEU E 176 -9.62 31.77 -16.60
CA LEU E 176 -9.84 32.36 -17.91
C LEU E 176 -11.26 32.13 -18.44
N GLU E 177 -12.18 31.68 -17.60
CA GLU E 177 -13.53 31.37 -18.04
C GLU E 177 -14.52 31.93 -17.02
N GLN E 178 -15.78 32.03 -17.44
CA GLN E 178 -16.81 32.59 -16.59
C GLN E 178 -16.92 31.79 -15.30
N TYR E 179 -17.20 32.50 -14.21
CA TYR E 179 -17.06 31.93 -12.87
C TYR E 179 -18.22 31.04 -12.46
N GLN E 180 -19.29 30.97 -13.27
CA GLN E 180 -20.44 30.17 -12.88
C GLN E 180 -20.06 28.71 -12.72
N LYS E 181 -19.31 28.17 -13.69
CA LYS E 181 -18.87 26.79 -13.58
C LYS E 181 -18.00 26.57 -12.36
N ALA E 182 -17.12 27.52 -12.07
CA ALA E 182 -16.30 27.42 -10.87
C ALA E 182 -17.17 27.29 -9.63
N ILE E 183 -18.17 28.17 -9.49
CA ILE E 183 -19.05 28.13 -8.33
C ILE E 183 -19.73 26.77 -8.26
N ASP E 184 -20.27 26.32 -9.38
CA ASP E 184 -21.03 25.06 -9.38
C ASP E 184 -20.16 23.91 -8.92
N ILE E 185 -19.00 23.73 -9.55
CA ILE E 185 -18.16 22.60 -9.22
C ILE E 185 -17.66 22.69 -7.79
N TYR E 186 -17.22 23.88 -7.36
CA TYR E 186 -16.70 24.01 -6.00
C TYR E 186 -17.77 23.69 -4.97
N GLU E 187 -18.98 24.22 -5.15
CA GLU E 187 -20.05 23.93 -4.20
C GLU E 187 -20.38 22.44 -4.20
N GLN E 188 -20.44 21.82 -5.38
CA GLN E 188 -20.77 20.40 -5.44
C GLN E 188 -19.76 19.57 -4.69
N VAL E 189 -18.46 19.83 -4.93
CA VAL E 189 -17.43 19.02 -4.29
C VAL E 189 -17.41 19.30 -2.78
N GLY E 190 -17.62 20.52 -2.34
CA GLY E 190 -17.53 20.74 -0.88
C GLY E 190 -18.38 19.75 -0.09
N THR E 191 -19.69 19.73 -0.32
CA THR E 191 -20.65 18.87 0.42
C THR E 191 -20.39 17.40 0.16
N SER E 192 -19.77 17.03 -0.96
CA SER E 192 -19.60 15.61 -1.35
C SER E 192 -18.40 15.00 -0.65
N ALA E 193 -17.79 15.70 0.28
CA ALA E 193 -16.74 15.10 1.14
C ALA E 193 -16.96 15.59 2.57
N MET E 194 -17.95 16.46 2.80
CA MET E 194 -18.22 17.05 4.14
C MET E 194 -18.59 15.93 5.10
N ASP E 195 -19.11 14.84 4.58
CA ASP E 195 -19.59 13.74 5.46
C ASP E 195 -18.41 12.86 5.91
N SER E 196 -17.72 12.13 5.02
CA SER E 196 -16.67 11.16 5.42
C SER E 196 -15.77 11.85 6.44
N PRO E 197 -15.42 11.22 7.57
CA PRO E 197 -14.72 11.93 8.64
C PRO E 197 -13.21 12.05 8.52
N LEU E 198 -12.66 11.98 7.32
CA LEU E 198 -11.21 12.21 7.12
C LEU E 198 -11.06 13.32 6.09
N LEU E 199 -11.52 13.07 4.87
CA LEU E 199 -11.33 14.04 3.80
C LEU E 199 -12.01 15.34 4.21
N LYS E 200 -13.06 15.30 5.06
CA LYS E 200 -13.89 16.51 5.35
C LYS E 200 -13.21 17.61 6.15
N TYR E 201 -12.00 17.42 6.68
CA TYR E 201 -11.35 18.46 7.52
C TYR E 201 -10.80 19.56 6.64
N SER E 202 -11.09 19.55 5.34
CA SER E 202 -10.43 20.47 4.39
C SER E 202 -11.38 21.34 3.60
N ALA E 203 -12.65 21.06 3.60
CA ALA E 203 -13.62 21.71 2.73
C ALA E 203 -13.65 23.22 2.93
N LYS E 204 -13.17 23.64 4.08
CA LYS E 204 -13.06 25.10 4.34
C LYS E 204 -12.40 25.73 3.14
N ASP E 205 -11.26 25.21 2.68
CA ASP E 205 -10.50 25.82 1.59
C ASP E 205 -11.38 25.94 0.34
N TYR E 206 -12.18 24.86 -0.02
CA TYR E 206 -13.04 24.87 -1.20
C TYR E 206 -14.11 25.95 -1.06
N PHE E 207 -14.78 25.99 0.08
CA PHE E 207 -15.76 27.06 0.31
C PHE E 207 -15.10 28.43 0.23
N PHE E 208 -13.83 28.52 0.64
CA PHE E 208 -13.14 29.80 0.61
C PHE E 208 -12.92 30.29 -0.82
N LYS E 209 -12.40 29.43 -1.68
CA LYS E 209 -12.25 29.81 -3.08
C LYS E 209 -13.61 30.10 -3.70
N ALA E 210 -14.63 29.32 -3.35
CA ALA E 210 -15.96 29.61 -3.86
C ALA E 210 -16.39 31.01 -3.47
N ALA E 211 -16.14 31.40 -2.23
CA ALA E 211 -16.49 32.75 -1.78
C ALA E 211 -15.73 33.80 -2.59
N LEU E 212 -14.40 33.55 -2.84
CA LEU E 212 -13.62 34.48 -3.65
C LEU E 212 -14.20 34.58 -5.05
N CYS E 213 -14.59 33.45 -5.63
CA CYS E 213 -15.17 33.47 -6.97
C CYS E 213 -16.45 34.29 -6.99
N HIS E 214 -17.33 34.08 -6.01
CA HIS E 214 -18.55 34.87 -5.95
C HIS E 214 -18.24 36.35 -5.80
N PHE E 215 -17.27 36.67 -4.94
CA PHE E 215 -16.94 38.07 -4.68
C PHE E 215 -16.43 38.75 -5.94
N CYS E 216 -15.62 38.04 -6.74
CA CYS E 216 -14.97 38.70 -7.87
C CYS E 216 -15.97 39.29 -8.85
N ILE E 217 -17.22 38.81 -8.85
CA ILE E 217 -18.24 39.37 -9.74
C ILE E 217 -18.90 40.57 -9.08
N ASP E 218 -19.55 40.34 -7.94
CA ASP E 218 -20.29 41.39 -7.26
C ASP E 218 -20.29 41.10 -5.76
N MET E 219 -20.63 42.12 -4.98
CA MET E 219 -20.55 42.04 -3.53
C MET E 219 -21.81 41.47 -2.89
N LEU E 220 -22.98 41.97 -3.29
CA LEU E 220 -24.21 41.62 -2.58
C LEU E 220 -24.46 40.11 -2.63
N ASN E 221 -24.42 39.53 -3.84
CA ASN E 221 -24.58 38.09 -3.94
C ASN E 221 -23.46 37.36 -3.22
N ALA E 222 -22.29 37.98 -3.09
CA ALA E 222 -21.23 37.38 -2.29
C ALA E 222 -21.62 37.32 -0.82
N LYS E 223 -22.21 38.40 -0.30
CA LYS E 223 -22.72 38.38 1.07
C LYS E 223 -23.77 37.29 1.24
N LEU E 224 -24.68 37.17 0.28
CA LEU E 224 -25.70 36.12 0.35
C LEU E 224 -25.06 34.75 0.34
N ALA E 225 -24.06 34.55 -0.52
CA ALA E 225 -23.40 33.24 -0.61
C ALA E 225 -22.72 32.89 0.69
N VAL E 226 -22.00 33.84 1.29
CA VAL E 226 -21.26 33.54 2.51
C VAL E 226 -22.23 33.26 3.65
N GLN E 227 -23.31 34.05 3.76
CA GLN E 227 -24.27 33.79 4.83
C GLN E 227 -24.94 32.44 4.64
N LYS E 228 -25.25 32.07 3.39
CA LYS E 228 -25.83 30.75 3.15
C LYS E 228 -24.83 29.65 3.52
N TYR E 229 -23.57 29.83 3.16
CA TYR E 229 -22.55 28.84 3.49
C TYR E 229 -22.47 28.64 5.00
N GLU E 230 -22.39 29.73 5.76
CA GLU E 230 -22.25 29.59 7.21
C GLU E 230 -23.54 29.07 7.84
N GLU E 231 -24.69 29.36 7.23
CA GLU E 231 -25.93 28.74 7.69
C GLU E 231 -25.91 27.24 7.51
N LEU E 232 -25.42 26.77 6.36
CA LEU E 232 -25.35 25.33 6.11
C LEU E 232 -24.23 24.68 6.91
N PHE E 233 -23.09 25.37 7.06
CA PHE E 233 -21.92 24.83 7.73
C PHE E 233 -21.60 25.73 8.91
N PRO E 234 -22.19 25.46 10.08
CA PRO E 234 -21.96 26.35 11.24
C PRO E 234 -20.50 26.50 11.62
N ALA E 235 -19.66 25.51 11.32
CA ALA E 235 -18.24 25.52 11.77
C ALA E 235 -17.29 26.23 10.80
N PHE E 236 -17.78 26.94 9.80
CA PHE E 236 -16.93 27.71 8.85
C PHE E 236 -17.01 29.18 9.23
N SER E 237 -18.03 29.58 9.98
CA SER E 237 -18.23 30.99 10.40
C SER E 237 -17.20 31.36 11.45
N ASP E 238 -17.05 30.51 12.46
CA ASP E 238 -16.06 30.72 13.53
C ASP E 238 -14.78 30.04 13.11
N SER E 239 -14.22 30.45 11.98
CA SER E 239 -13.00 29.82 11.40
C SER E 239 -11.86 30.83 11.41
N ARG E 240 -10.91 30.73 10.48
CA ARG E 240 -9.73 31.61 10.43
C ARG E 240 -9.75 32.31 9.08
N GLU E 241 -9.53 31.57 7.99
CA GLU E 241 -9.61 32.15 6.65
C GLU E 241 -10.92 32.90 6.60
N CYS E 242 -11.93 32.36 7.24
CA CYS E 242 -13.30 32.91 7.12
C CYS E 242 -13.32 34.42 7.37
N LYS E 243 -12.74 34.90 8.45
CA LYS E 243 -12.91 36.32 8.81
C LYS E 243 -12.30 37.16 7.70
N LEU E 244 -11.18 36.72 7.15
CA LEU E 244 -10.52 37.54 6.11
C LEU E 244 -11.69 38.06 5.30
N MET E 245 -12.71 37.24 5.03
CA MET E 245 -13.83 37.65 4.16
C MET E 245 -14.58 38.82 4.79
N LYS E 246 -14.92 38.80 6.06
CA LYS E 246 -15.75 39.85 6.64
C LYS E 246 -15.00 41.18 6.67
N LYS E 247 -13.74 41.14 7.11
CA LYS E 247 -12.94 42.37 7.13
C LYS E 247 -12.77 42.92 5.72
N LEU E 248 -12.50 42.05 4.75
CA LEU E 248 -12.28 42.50 3.39
C LEU E 248 -13.52 43.19 2.83
N LEU E 249 -14.69 42.55 2.99
CA LEU E 249 -15.90 43.13 2.43
C LEU E 249 -16.26 44.43 3.15
N GLU E 250 -16.09 44.46 4.47
CA GLU E 250 -16.37 45.69 5.20
C GLU E 250 -15.48 46.82 4.71
N ALA E 251 -14.20 46.53 4.50
CA ALA E 251 -13.29 47.56 3.99
C ALA E 251 -13.70 48.00 2.60
N HIS E 252 -13.99 47.05 1.71
CA HIS E 252 -14.32 47.39 0.34
C HIS E 252 -15.56 48.26 0.28
N GLU E 253 -16.54 48.04 1.20
CA GLU E 253 -17.72 48.90 1.22
C GLU E 253 -17.34 50.37 1.41
N GLU E 254 -16.28 50.65 2.15
CA GLU E 254 -15.90 52.02 2.42
C GLU E 254 -14.93 52.59 1.40
N GLN E 255 -14.44 51.77 0.45
CA GLN E 255 -13.53 52.24 -0.59
C GLN E 255 -12.27 52.85 0.04
N ASN E 256 -11.54 52.00 0.75
CA ASN E 256 -10.31 52.39 1.45
C ASN E 256 -9.20 51.40 1.14
N VAL E 257 -8.30 51.80 0.26
CA VAL E 257 -7.25 50.91 -0.24
C VAL E 257 -6.34 50.47 0.90
N ASP E 258 -5.99 51.39 1.80
CA ASP E 258 -4.97 51.10 2.79
C ASP E 258 -5.36 49.92 3.68
N SER E 259 -6.59 49.94 4.19
CA SER E 259 -7.01 48.90 5.13
C SER E 259 -7.05 47.55 4.44
N TYR E 260 -7.55 47.50 3.20
CA TYR E 260 -7.60 46.24 2.47
C TYR E 260 -6.20 45.70 2.25
N THR E 261 -5.27 46.56 1.84
CA THR E 261 -3.91 46.13 1.58
C THR E 261 -3.26 45.60 2.86
N GLU E 262 -3.41 46.33 3.97
CA GLU E 262 -2.80 45.87 5.21
C GLU E 262 -3.45 44.62 5.73
N SER E 263 -4.74 44.41 5.45
CA SER E 263 -5.41 43.21 5.92
C SER E 263 -4.92 41.98 5.18
N VAL E 264 -4.85 42.05 3.85
CA VAL E 264 -4.32 40.91 3.09
C VAL E 264 -2.86 40.66 3.48
N LYS E 265 -2.07 41.73 3.56
CA LYS E 265 -0.67 41.57 3.98
C LYS E 265 -0.60 40.91 5.36
N GLU E 266 -1.45 41.32 6.27
CA GLU E 266 -1.55 40.68 7.58
C GLU E 266 -1.82 39.18 7.42
N TYR E 267 -2.84 38.84 6.64
CA TYR E 267 -3.19 37.44 6.49
C TYR E 267 -2.00 36.63 6.01
N ASP E 268 -1.13 37.26 5.22
CA ASP E 268 0.09 36.61 4.75
C ASP E 268 0.73 35.79 5.86
N SER E 269 0.91 36.39 7.04
CA SER E 269 1.61 35.73 8.14
C SER E 269 1.09 34.32 8.41
N ILE E 270 2.03 33.40 8.59
CA ILE E 270 1.76 32.01 8.98
C ILE E 270 1.13 31.24 7.82
N SER E 271 1.13 31.83 6.62
CA SER E 271 0.75 31.10 5.42
C SER E 271 1.04 31.95 4.20
N ARG E 272 1.97 31.52 3.35
CA ARG E 272 2.32 32.32 2.19
C ARG E 272 1.21 32.25 1.15
N LEU E 273 0.68 33.40 0.77
CA LEU E 273 -0.24 33.47 -0.35
C LEU E 273 0.40 32.85 -1.59
N ASP E 274 -0.38 32.08 -2.33
CA ASP E 274 0.12 31.36 -3.50
C ASP E 274 -0.06 32.21 -4.75
N GLN E 275 0.19 31.62 -5.93
CA GLN E 275 0.15 32.37 -7.17
C GLN E 275 -1.28 32.77 -7.55
N TRP E 276 -2.21 31.82 -7.47
CA TRP E 276 -3.59 32.04 -7.87
C TRP E 276 -4.29 33.11 -7.03
N LEU E 277 -4.45 32.82 -5.74
CA LEU E 277 -5.19 33.71 -4.84
C LEU E 277 -4.68 35.15 -4.93
N THR E 278 -3.36 35.31 -4.99
CA THR E 278 -2.78 36.64 -5.11
C THR E 278 -3.33 37.36 -6.33
N THR E 279 -3.29 36.68 -7.49
CA THR E 279 -3.81 37.24 -8.73
C THR E 279 -5.28 37.62 -8.54
N MET E 280 -6.03 36.75 -7.87
CA MET E 280 -7.45 37.02 -7.65
C MET E 280 -7.64 38.31 -6.86
N LEU E 281 -6.88 38.45 -5.77
CA LEU E 281 -7.00 39.63 -4.93
C LEU E 281 -6.62 40.89 -5.71
N LEU E 282 -5.56 40.82 -6.50
CA LEU E 282 -5.16 41.98 -7.29
C LEU E 282 -6.24 42.34 -8.30
N ARG E 283 -6.84 41.33 -8.93
CA ARG E 283 -7.87 41.60 -9.92
C ARG E 283 -9.06 42.30 -9.27
N ILE E 284 -9.50 41.81 -8.10
CA ILE E 284 -10.62 42.45 -7.44
C ILE E 284 -10.25 43.86 -7.00
N LYS E 285 -9.01 44.04 -6.53
CA LYS E 285 -8.58 45.36 -6.09
C LYS E 285 -8.60 46.37 -7.24
N LYS E 286 -8.18 45.94 -8.43
CA LYS E 286 -8.00 46.89 -9.52
C LYS E 286 -9.28 47.63 -9.88
N THR E 287 -10.45 47.10 -9.54
CA THR E 287 -11.72 47.68 -9.93
C THR E 287 -12.48 48.30 -8.76
N ILE E 288 -11.75 48.73 -7.73
CA ILE E 288 -12.40 49.35 -6.58
C ILE E 288 -13.12 50.64 -6.99
N GLN E 289 -12.44 51.48 -7.76
CA GLN E 289 -12.94 52.80 -8.10
C GLN E 289 -13.29 53.51 -6.79
N GLY F 1 21.16 -28.36 13.35
CA GLY F 1 21.93 -29.45 14.02
C GLY F 1 21.77 -30.78 13.34
N MET F 2 21.03 -31.70 13.97
CA MET F 2 20.81 -33.02 13.39
C MET F 2 20.10 -32.90 12.06
N ASP F 3 19.11 -32.01 11.98
CA ASP F 3 18.41 -31.78 10.71
C ASP F 3 19.40 -31.46 9.61
N THR F 4 20.32 -30.53 9.87
CA THR F 4 21.30 -30.14 8.87
C THR F 4 22.21 -31.30 8.49
N SER F 5 22.64 -32.09 9.47
CA SER F 5 23.53 -33.21 9.18
C SER F 5 22.85 -34.22 8.28
N GLY F 6 21.61 -34.60 8.62
CA GLY F 6 20.89 -35.54 7.78
C GLY F 6 20.62 -34.98 6.39
N LYS F 7 20.25 -33.70 6.33
CA LYS F 7 20.02 -33.06 5.04
C LYS F 7 21.28 -33.12 4.18
N GLN F 8 22.45 -32.84 4.78
CA GLN F 8 23.68 -32.86 4.00
C GLN F 8 24.06 -34.29 3.60
N ALA F 9 23.76 -35.27 4.45
CA ALA F 9 24.02 -36.66 4.08
C ALA F 9 23.22 -37.05 2.84
N GLU F 10 21.89 -36.90 2.92
CA GLU F 10 21.08 -37.18 1.74
C GLU F 10 21.39 -36.22 0.61
N ALA F 11 22.02 -35.09 0.89
CA ALA F 11 22.45 -34.17 -0.16
C ALA F 11 23.60 -34.76 -0.96
N MET F 12 24.60 -35.29 -0.26
CA MET F 12 25.68 -35.99 -0.95
C MET F 12 25.11 -37.17 -1.74
N ALA F 13 24.16 -37.89 -1.14
CA ALA F 13 23.52 -39.00 -1.85
C ALA F 13 22.86 -38.51 -3.14
N LEU F 14 22.08 -37.43 -3.05
CA LEU F 14 21.38 -36.92 -4.22
C LEU F 14 22.34 -36.42 -5.28
N LEU F 15 23.44 -35.80 -4.87
CA LEU F 15 24.43 -35.34 -5.84
C LEU F 15 25.11 -36.52 -6.53
N ALA F 16 25.36 -37.60 -5.80
CA ALA F 16 25.88 -38.81 -6.42
C ALA F 16 24.88 -39.34 -7.45
N GLU F 17 23.60 -39.39 -7.08
CA GLU F 17 22.58 -39.82 -8.03
C GLU F 17 22.52 -38.87 -9.22
N ALA F 18 22.81 -37.59 -9.01
CA ALA F 18 22.72 -36.61 -10.10
C ALA F 18 23.86 -36.76 -11.09
N GLU F 19 25.08 -36.97 -10.60
CA GLU F 19 26.18 -37.24 -11.51
C GLU F 19 25.96 -38.56 -12.24
N ARG F 20 25.47 -39.57 -11.53
CA ARG F 20 25.06 -40.81 -12.20
C ARG F 20 24.04 -40.51 -13.29
N LYS F 21 23.10 -39.66 -12.92
CA LYS F 21 22.00 -39.29 -13.82
C LYS F 21 22.60 -38.73 -15.09
N VAL F 22 23.41 -37.69 -15.00
CA VAL F 22 23.93 -36.97 -16.17
C VAL F 22 24.74 -37.93 -17.03
N LYS F 23 25.63 -38.72 -16.41
CA LYS F 23 26.46 -39.63 -17.18
C LYS F 23 25.62 -40.67 -17.93
N ASN F 24 24.76 -41.37 -17.20
CA ASN F 24 23.96 -42.41 -17.84
C ASN F 24 22.92 -41.83 -18.78
N SER F 25 22.51 -40.57 -18.60
CA SER F 25 21.56 -39.96 -19.51
C SER F 25 22.21 -39.60 -20.83
N GLN F 26 23.44 -39.07 -20.80
CA GLN F 26 24.14 -38.88 -22.07
C GLN F 26 24.42 -40.23 -22.74
N SER F 27 24.75 -41.25 -21.93
CA SER F 27 24.96 -42.57 -22.51
C SER F 27 23.68 -43.11 -23.16
N PHE F 28 22.53 -42.94 -22.49
CA PHE F 28 21.28 -43.42 -23.04
C PHE F 28 20.84 -42.61 -24.25
N PHE F 29 21.13 -41.32 -24.28
CA PHE F 29 20.85 -40.54 -25.50
C PHE F 29 21.69 -41.05 -26.66
N SER F 30 22.96 -41.37 -26.40
CA SER F 30 23.81 -41.90 -27.48
C SER F 30 23.33 -43.27 -27.95
N GLY F 31 22.97 -44.16 -27.02
CA GLY F 31 22.68 -45.54 -27.37
C GLY F 31 21.24 -45.84 -27.73
N LEU F 32 20.33 -44.96 -27.36
CA LEU F 32 18.91 -45.19 -27.57
C LEU F 32 18.17 -43.98 -28.12
N PHE F 33 18.68 -42.76 -27.92
CA PHE F 33 18.03 -41.55 -28.40
C PHE F 33 16.62 -41.42 -27.81
N GLY F 34 16.57 -41.29 -26.48
CA GLY F 34 15.31 -41.13 -25.78
C GLY F 34 14.72 -39.74 -25.82
N GLY F 35 15.41 -38.79 -26.44
CA GLY F 35 14.91 -37.42 -26.53
C GLY F 35 15.64 -36.47 -25.61
N SER F 36 14.89 -35.73 -24.79
CA SER F 36 15.50 -34.79 -23.85
C SER F 36 14.83 -34.80 -22.48
N SER F 37 13.90 -35.71 -22.23
CA SER F 37 13.23 -35.73 -20.93
C SER F 37 14.21 -36.00 -19.80
N LYS F 38 15.19 -36.89 -20.05
CA LYS F 38 16.17 -37.21 -19.02
C LYS F 38 17.00 -35.99 -18.64
N ILE F 39 17.31 -35.13 -19.62
CA ILE F 39 18.03 -33.91 -19.30
C ILE F 39 17.17 -33.01 -18.39
N GLU F 40 15.88 -32.90 -18.71
CA GLU F 40 15.02 -32.07 -17.87
C GLU F 40 14.96 -32.61 -16.45
N GLU F 41 14.67 -33.89 -16.29
CA GLU F 41 14.59 -34.48 -14.95
C GLU F 41 15.91 -34.31 -14.20
N ALA F 42 17.04 -34.46 -14.89
CA ALA F 42 18.31 -34.16 -14.24
C ALA F 42 18.34 -32.71 -13.77
N CYS F 43 17.75 -31.80 -14.54
CA CYS F 43 17.72 -30.40 -14.12
C CYS F 43 16.90 -30.23 -12.84
N GLU F 44 15.72 -30.85 -12.75
CA GLU F 44 14.98 -30.75 -11.50
C GLU F 44 15.72 -31.41 -10.34
N ILE F 45 16.48 -32.47 -10.62
CA ILE F 45 17.30 -33.05 -9.56
C ILE F 45 18.30 -32.04 -9.04
N TYR F 46 18.99 -31.36 -9.96
CA TYR F 46 19.89 -30.27 -9.53
C TYR F 46 19.14 -29.22 -8.73
N ALA F 47 17.94 -28.85 -9.18
CA ALA F 47 17.20 -27.78 -8.50
C ALA F 47 16.86 -28.17 -7.07
N ARG F 48 16.24 -29.35 -6.90
CA ARG F 48 15.87 -29.78 -5.55
C ARG F 48 17.10 -29.99 -4.68
N ALA F 49 18.19 -30.49 -5.27
CA ALA F 49 19.42 -30.67 -4.51
C ALA F 49 19.94 -29.32 -4.02
N ALA F 50 19.92 -28.30 -4.86
CA ALA F 50 20.35 -26.98 -4.43
C ALA F 50 19.43 -26.43 -3.34
N ASN F 51 18.12 -26.68 -3.47
CA ASN F 51 17.20 -26.21 -2.45
C ASN F 51 17.54 -26.82 -1.10
N MET F 52 17.76 -28.13 -1.07
CA MET F 52 18.09 -28.77 0.19
C MET F 52 19.51 -28.44 0.67
N PHE F 53 20.43 -28.12 -0.24
CA PHE F 53 21.71 -27.56 0.18
C PHE F 53 21.49 -26.27 0.95
N LYS F 54 20.69 -25.37 0.39
CA LYS F 54 20.35 -24.15 1.11
C LYS F 54 19.71 -24.48 2.45
N MET F 55 18.88 -25.53 2.48
CA MET F 55 18.32 -25.99 3.75
C MET F 55 19.43 -26.39 4.73
N ALA F 56 20.56 -26.86 4.21
CA ALA F 56 21.62 -27.42 5.04
C ALA F 56 22.67 -26.40 5.48
N LYS F 57 22.49 -25.13 5.14
CA LYS F 57 23.38 -24.06 5.60
C LYS F 57 24.78 -24.18 4.99
N ASN F 58 24.84 -24.48 3.68
CA ASN F 58 26.09 -24.55 2.94
C ASN F 58 25.87 -23.80 1.63
N TRP F 59 26.20 -22.51 1.62
CA TRP F 59 25.80 -21.65 0.52
C TRP F 59 26.64 -21.86 -0.73
N SER F 60 27.95 -22.09 -0.58
CA SER F 60 28.82 -22.18 -1.75
C SER F 60 28.40 -23.32 -2.66
N ALA F 61 28.15 -24.50 -2.09
CA ALA F 61 27.75 -25.64 -2.90
C ALA F 61 26.39 -25.39 -3.54
N ALA F 62 25.48 -24.73 -2.81
CA ALA F 62 24.18 -24.42 -3.39
C ALA F 62 24.33 -23.50 -4.61
N GLY F 63 25.19 -22.49 -4.50
CA GLY F 63 25.44 -21.62 -5.64
C GLY F 63 26.03 -22.37 -6.82
N ASN F 64 26.98 -23.26 -6.53
CA ASN F 64 27.54 -24.07 -7.61
C ASN F 64 26.46 -24.91 -8.29
N ALA F 65 25.59 -25.52 -7.50
CA ALA F 65 24.52 -26.34 -8.07
C ALA F 65 23.59 -25.50 -8.93
N PHE F 66 23.19 -24.33 -8.43
CA PHE F 66 22.31 -23.47 -9.21
C PHE F 66 22.97 -23.06 -10.52
N CYS F 67 24.25 -22.68 -10.47
CA CYS F 67 24.94 -22.27 -11.69
C CYS F 67 25.02 -23.42 -12.69
N GLN F 68 25.33 -24.62 -12.20
CA GLN F 68 25.42 -25.77 -13.09
C GLN F 68 24.06 -26.03 -13.75
N ALA F 69 23.00 -25.99 -12.96
CA ALA F 69 21.67 -26.21 -13.52
C ALA F 69 21.33 -25.16 -14.54
N ALA F 70 21.65 -23.90 -14.25
CA ALA F 70 21.34 -22.82 -15.19
C ALA F 70 22.08 -23.00 -16.50
N GLN F 71 23.37 -23.34 -16.44
CA GLN F 71 24.13 -23.49 -17.66
C GLN F 71 23.63 -24.68 -18.48
N LEU F 72 23.31 -25.80 -17.82
CA LEU F 72 22.74 -26.91 -18.57
C LEU F 72 21.38 -26.55 -19.18
N HIS F 73 20.56 -25.78 -18.45
CA HIS F 73 19.24 -25.43 -18.95
C HIS F 73 19.35 -24.52 -20.17
N LEU F 74 20.20 -23.50 -20.10
CA LEU F 74 20.39 -22.65 -21.28
C LEU F 74 21.03 -23.43 -22.42
N GLN F 75 21.86 -24.43 -22.10
CA GLN F 75 22.30 -25.36 -23.14
C GLN F 75 21.12 -26.12 -23.74
N LEU F 76 20.03 -26.28 -22.98
CA LEU F 76 18.81 -26.90 -23.50
C LEU F 76 17.94 -25.90 -24.26
N GLN F 77 18.44 -24.68 -24.49
CA GLN F 77 17.78 -23.70 -25.36
C GLN F 77 16.50 -23.14 -24.73
N SER F 78 16.52 -22.94 -23.42
CA SER F 78 15.45 -22.24 -22.72
C SER F 78 16.09 -21.23 -21.76
N LYS F 79 15.56 -20.02 -21.74
CA LYS F 79 16.22 -18.89 -21.08
C LYS F 79 15.68 -18.59 -19.69
N HIS F 80 14.37 -18.39 -19.56
CA HIS F 80 13.84 -17.78 -18.34
C HIS F 80 14.12 -18.63 -17.11
N ASP F 81 13.94 -19.94 -17.22
CA ASP F 81 14.30 -20.81 -16.10
C ASP F 81 15.78 -20.69 -15.78
N ALA F 82 16.62 -20.63 -16.82
CA ALA F 82 18.03 -20.40 -16.60
C ALA F 82 18.25 -19.06 -15.91
N ALA F 83 17.47 -18.04 -16.27
CA ALA F 83 17.60 -16.75 -15.62
C ALA F 83 17.29 -16.84 -14.14
N THR F 84 16.24 -17.50 -13.82
CA THR F 84 15.87 -17.69 -12.42
C THR F 84 16.98 -18.43 -11.66
N CYS F 85 17.55 -19.46 -12.28
CA CYS F 85 18.63 -20.20 -11.64
C CYS F 85 19.84 -19.31 -11.40
N PHE F 86 20.23 -18.51 -12.38
CA PHE F 86 21.37 -17.63 -12.22
C PHE F 86 21.12 -16.61 -11.11
N VAL F 87 19.92 -16.02 -11.07
CA VAL F 87 19.67 -15.01 -10.04
C VAL F 87 19.64 -15.66 -8.65
N ASP F 88 19.09 -16.87 -8.56
CA ASP F 88 19.14 -17.60 -7.29
C ASP F 88 20.58 -17.87 -6.87
N ALA F 89 21.44 -18.27 -7.81
CA ALA F 89 22.83 -18.51 -7.48
C ALA F 89 23.49 -17.23 -7.00
N GLY F 90 23.17 -16.10 -7.64
CA GLY F 90 23.70 -14.83 -7.17
C GLY F 90 23.24 -14.48 -5.77
N ASN F 91 21.95 -14.69 -5.48
CA ASN F 91 21.47 -14.43 -4.14
C ASN F 91 22.18 -15.31 -3.12
N ALA F 92 22.42 -16.57 -3.48
CA ALA F 92 23.15 -17.47 -2.60
C ALA F 92 24.57 -16.98 -2.35
N PHE F 93 25.25 -16.54 -3.42
CA PHE F 93 26.61 -16.07 -3.28
C PHE F 93 26.69 -14.71 -2.59
N LYS F 94 25.58 -13.98 -2.50
CA LYS F 94 25.58 -12.69 -1.83
C LYS F 94 26.37 -12.72 -0.53
N LYS F 95 25.99 -13.61 0.38
CA LYS F 95 26.78 -13.85 1.58
C LYS F 95 27.93 -14.79 1.26
N ALA F 96 28.89 -14.84 2.19
CA ALA F 96 30.11 -15.64 2.02
C ALA F 96 31.00 -15.03 0.95
N ASP F 97 31.17 -15.71 -0.19
CA ASP F 97 32.03 -15.22 -1.26
C ASP F 97 31.16 -14.55 -2.32
N PRO F 98 31.19 -13.23 -2.46
CA PRO F 98 30.30 -12.55 -3.42
C PRO F 98 30.90 -12.19 -4.77
N GLN F 99 32.19 -12.45 -5.01
CA GLN F 99 32.81 -11.95 -6.23
C GLN F 99 32.15 -12.54 -7.47
N GLU F 100 32.05 -13.86 -7.54
CA GLU F 100 31.40 -14.49 -8.69
C GLU F 100 29.93 -14.12 -8.76
N ALA F 101 29.33 -13.72 -7.63
CA ALA F 101 27.97 -13.20 -7.68
C ALA F 101 27.88 -12.03 -8.64
N ILE F 102 28.91 -11.18 -8.69
CA ILE F 102 28.91 -10.07 -9.62
C ILE F 102 28.80 -10.57 -11.05
N ASN F 103 29.61 -11.56 -11.40
CA ASN F 103 29.59 -12.07 -12.77
C ASN F 103 28.23 -12.65 -13.11
N CYS F 104 27.66 -13.44 -12.20
CA CYS F 104 26.39 -14.10 -12.51
C CYS F 104 25.25 -13.11 -12.64
N LEU F 105 25.19 -12.14 -11.72
CA LEU F 105 24.18 -11.09 -11.80
C LEU F 105 24.33 -10.31 -13.09
N MET F 106 25.56 -10.03 -13.49
CA MET F 106 25.80 -9.38 -14.77
C MET F 106 25.25 -10.23 -15.92
N ARG F 107 25.52 -11.55 -15.86
CA ARG F 107 24.97 -12.41 -16.91
C ARG F 107 23.45 -12.34 -16.93
N ALA F 108 22.83 -12.36 -15.75
CA ALA F 108 21.36 -12.28 -15.68
C ALA F 108 20.85 -10.96 -16.26
N ILE F 109 21.51 -9.85 -15.90
CA ILE F 109 21.13 -8.57 -16.47
C ILE F 109 21.33 -8.58 -17.98
N GLU F 110 22.40 -9.22 -18.45
CA GLU F 110 22.64 -9.31 -19.88
C GLU F 110 21.47 -9.97 -20.58
N ILE F 111 21.05 -11.13 -20.08
CA ILE F 111 19.94 -11.84 -20.74
C ILE F 111 18.65 -11.03 -20.65
N TYR F 112 18.44 -10.41 -19.45
CA TYR F 112 17.22 -9.63 -19.32
C TYR F 112 17.17 -8.49 -20.33
N THR F 113 18.24 -7.69 -20.38
CA THR F 113 18.27 -6.60 -21.36
C THR F 113 18.27 -7.13 -22.79
N ASP F 114 18.77 -8.35 -23.00
CA ASP F 114 18.66 -8.94 -24.33
C ASP F 114 17.20 -9.17 -24.71
N MET F 115 16.38 -9.60 -23.75
CA MET F 115 14.96 -9.82 -24.06
C MET F 115 14.26 -8.49 -24.35
N GLY F 116 14.35 -7.54 -23.42
CA GLY F 116 13.74 -6.24 -23.63
C GLY F 116 13.08 -5.64 -22.40
N ARG F 117 13.04 -6.37 -21.29
CA ARG F 117 12.48 -5.87 -20.05
C ARG F 117 13.57 -5.13 -19.28
N PHE F 118 13.21 -3.98 -18.72
CA PHE F 118 14.21 -3.04 -18.17
C PHE F 118 14.15 -2.88 -16.66
N THR F 119 12.96 -2.87 -16.06
CA THR F 119 12.87 -2.54 -14.64
C THR F 119 13.69 -3.52 -13.79
N ILE F 120 13.55 -4.81 -14.05
CA ILE F 120 14.31 -5.80 -13.29
C ILE F 120 15.80 -5.60 -13.51
N ALA F 121 16.19 -5.17 -14.72
CA ALA F 121 17.59 -4.86 -14.96
C ALA F 121 18.07 -3.76 -14.04
N ALA F 122 17.25 -2.71 -13.87
CA ALA F 122 17.62 -1.64 -12.95
C ALA F 122 17.72 -2.16 -11.52
N LYS F 123 16.80 -3.04 -11.11
CA LYS F 123 16.85 -3.58 -9.76
C LYS F 123 18.14 -4.36 -9.53
N HIS F 124 18.51 -5.19 -10.50
CA HIS F 124 19.75 -5.96 -10.35
C HIS F 124 20.97 -5.05 -10.35
N HIS F 125 20.98 -4.02 -11.20
CA HIS F 125 22.09 -3.09 -11.21
C HIS F 125 22.25 -2.39 -9.86
N ILE F 126 21.14 -1.95 -9.27
CA ILE F 126 21.24 -1.27 -7.99
C ILE F 126 21.71 -2.25 -6.92
N SER F 127 21.28 -3.51 -7.00
CA SER F 127 21.77 -4.50 -6.05
C SER F 127 23.28 -4.68 -6.18
N ILE F 128 23.79 -4.76 -7.42
CA ILE F 128 25.22 -4.94 -7.63
C ILE F 128 25.99 -3.74 -7.09
N ALA F 129 25.48 -2.54 -7.36
CA ALA F 129 26.13 -1.34 -6.82
C ALA F 129 26.14 -1.37 -5.30
N GLU F 130 25.05 -1.83 -4.70
CA GLU F 130 25.01 -1.95 -3.24
C GLU F 130 26.07 -2.92 -2.75
N ILE F 131 26.25 -4.04 -3.46
CA ILE F 131 27.28 -4.99 -3.08
C ILE F 131 28.64 -4.32 -3.08
N TYR F 132 28.96 -3.63 -4.18
CA TYR F 132 30.26 -2.98 -4.26
C TYR F 132 30.44 -1.96 -3.15
N GLU F 133 29.39 -1.17 -2.89
CA GLU F 133 29.49 -0.14 -1.86
C GLU F 133 29.73 -0.75 -0.49
N THR F 134 28.99 -1.82 -0.16
CA THR F 134 29.04 -2.35 1.20
C THR F 134 30.31 -3.16 1.45
N GLU F 135 30.78 -3.90 0.44
CA GLU F 135 31.88 -4.83 0.66
C GLU F 135 33.19 -4.38 0.04
N LEU F 136 33.17 -3.52 -0.97
CA LEU F 136 34.37 -3.05 -1.62
C LEU F 136 34.43 -1.53 -1.57
N VAL F 137 35.55 -0.99 -2.06
CA VAL F 137 35.82 0.44 -1.98
C VAL F 137 35.94 1.10 -3.35
N ASP F 138 35.90 0.33 -4.45
CA ASP F 138 36.03 0.92 -5.77
C ASP F 138 34.75 1.68 -6.12
N VAL F 139 34.58 2.86 -5.52
CA VAL F 139 33.34 3.60 -5.65
C VAL F 139 33.05 3.98 -7.09
N GLU F 140 34.05 3.93 -7.97
CA GLU F 140 33.83 4.30 -9.36
C GLU F 140 32.83 3.36 -10.03
N LYS F 141 32.97 2.06 -9.79
CA LYS F 141 32.01 1.11 -10.33
C LYS F 141 30.62 1.37 -9.77
N ALA F 142 30.54 1.74 -8.49
CA ALA F 142 29.25 2.10 -7.91
C ALA F 142 28.64 3.29 -8.63
N ILE F 143 29.45 4.31 -8.91
CA ILE F 143 28.96 5.48 -9.64
C ILE F 143 28.42 5.05 -10.99
N ALA F 144 29.18 4.22 -11.72
CA ALA F 144 28.76 3.80 -13.04
C ALA F 144 27.44 3.04 -12.99
N HIS F 145 27.33 2.08 -12.07
CA HIS F 145 26.12 1.27 -11.98
C HIS F 145 24.92 2.11 -11.57
N TYR F 146 25.09 3.00 -10.59
CA TYR F 146 23.98 3.86 -10.19
C TYR F 146 23.55 4.76 -11.34
N GLU F 147 24.51 5.31 -12.09
CA GLU F 147 24.14 6.15 -13.22
C GLU F 147 23.38 5.36 -14.27
N GLN F 148 23.81 4.13 -14.55
CA GLN F 148 23.09 3.31 -15.52
C GLN F 148 21.68 3.02 -15.05
N SER F 149 21.53 2.69 -13.77
CA SER F 149 20.20 2.40 -13.23
C SER F 149 19.30 3.62 -13.32
N ALA F 150 19.84 4.79 -12.99
CA ALA F 150 19.05 6.03 -13.09
C ALA F 150 18.65 6.29 -14.53
N ASP F 151 19.57 6.06 -15.47
CA ASP F 151 19.24 6.22 -16.88
C ASP F 151 18.07 5.32 -17.26
N TYR F 152 18.14 4.04 -16.88
CA TYR F 152 17.08 3.12 -17.22
C TYR F 152 15.75 3.57 -16.62
N TYR F 153 15.75 3.92 -15.33
CA TYR F 153 14.50 4.32 -14.69
C TYR F 153 13.91 5.56 -15.34
N LYS F 154 14.72 6.59 -15.55
CA LYS F 154 14.22 7.82 -16.13
C LYS F 154 13.76 7.62 -17.57
N GLY F 155 14.37 6.69 -18.30
CA GLY F 155 13.93 6.40 -19.64
C GLY F 155 12.53 5.80 -19.68
N GLU F 156 12.16 5.05 -18.64
CA GLU F 156 10.86 4.39 -18.56
C GLU F 156 9.84 5.22 -17.79
N GLU F 157 10.04 6.53 -17.70
CA GLU F 157 9.09 7.46 -17.08
C GLU F 157 8.89 7.19 -15.59
N SER F 158 9.74 6.39 -14.97
CA SER F 158 9.67 6.16 -13.52
C SER F 158 10.44 7.30 -12.84
N ASN F 159 9.78 8.47 -12.81
CA ASN F 159 10.47 9.68 -12.34
C ASN F 159 10.91 9.55 -10.89
N SER F 160 10.05 9.00 -10.04
CA SER F 160 10.39 8.91 -8.61
C SER F 160 11.64 8.07 -8.39
N SER F 161 11.75 6.94 -9.08
CA SER F 161 12.89 6.05 -8.86
C SER F 161 14.20 6.73 -9.24
N ALA F 162 14.21 7.50 -10.32
CA ALA F 162 15.45 8.09 -10.80
C ALA F 162 16.04 9.05 -9.77
N ASN F 163 15.20 9.78 -9.05
CA ASN F 163 15.69 10.82 -8.15
C ASN F 163 16.56 10.23 -7.04
N LYS F 164 16.17 9.10 -6.48
CA LYS F 164 16.96 8.49 -5.41
C LYS F 164 18.35 8.13 -5.89
N CYS F 165 18.43 7.45 -7.03
CA CYS F 165 19.74 7.07 -7.58
C CYS F 165 20.57 8.30 -7.88
N LEU F 166 19.95 9.33 -8.46
CA LEU F 166 20.70 10.53 -8.78
C LEU F 166 21.22 11.21 -7.51
N LEU F 167 20.41 11.21 -6.45
CA LEU F 167 20.87 11.80 -5.19
C LEU F 167 22.05 11.03 -4.63
N LYS F 168 22.00 9.69 -4.68
CA LYS F 168 23.15 8.92 -4.20
C LYS F 168 24.40 9.24 -5.01
N VAL F 169 24.25 9.30 -6.34
CA VAL F 169 25.39 9.62 -7.19
C VAL F 169 25.93 10.99 -6.84
N ALA F 170 25.05 11.97 -6.62
CA ALA F 170 25.49 13.32 -6.30
C ALA F 170 26.26 13.34 -4.99
N GLY F 171 25.74 12.65 -3.97
CA GLY F 171 26.44 12.60 -2.70
C GLY F 171 27.83 12.03 -2.83
N TYR F 172 27.95 10.89 -3.52
CA TYR F 172 29.27 10.29 -3.67
C TYR F 172 30.19 11.16 -4.51
N ALA F 173 29.67 11.78 -5.57
CA ALA F 173 30.50 12.66 -6.37
C ALA F 173 31.03 13.81 -5.54
N ALA F 174 30.17 14.44 -4.75
CA ALA F 174 30.64 15.48 -3.84
C ALA F 174 31.67 14.95 -2.87
N GLN F 175 31.57 13.67 -2.50
CA GLN F 175 32.55 13.10 -1.60
C GLN F 175 33.94 13.09 -2.21
N LEU F 176 34.06 12.74 -3.50
CA LEU F 176 35.36 12.60 -4.14
C LEU F 176 35.81 13.90 -4.81
N GLU F 177 35.73 15.00 -4.08
CA GLU F 177 36.24 16.30 -4.53
C GLU F 177 35.94 16.58 -6.01
N GLN F 178 34.74 16.26 -6.45
CA GLN F 178 34.21 16.75 -7.72
C GLN F 178 32.89 17.43 -7.44
N TYR F 179 32.71 18.64 -7.97
CA TYR F 179 31.60 19.48 -7.57
C TYR F 179 30.62 19.80 -8.68
N GLN F 180 31.04 19.74 -9.94
N GLN F 180 31.04 19.74 -9.94
CA GLN F 180 30.13 20.09 -11.03
CA GLN F 180 30.14 20.08 -11.03
C GLN F 180 28.94 19.14 -11.08
C GLN F 180 28.94 19.14 -11.08
N LYS F 181 29.20 17.83 -11.05
CA LYS F 181 28.11 16.87 -11.14
C LYS F 181 27.15 17.02 -9.96
N ALA F 182 27.68 17.17 -8.76
CA ALA F 182 26.82 17.33 -7.59
C ALA F 182 25.95 18.57 -7.73
N ILE F 183 26.55 19.68 -8.12
CA ILE F 183 25.78 20.92 -8.30
C ILE F 183 24.66 20.69 -9.29
N ASP F 184 25.00 20.09 -10.45
CA ASP F 184 24.02 19.91 -11.50
C ASP F 184 22.85 19.05 -11.01
N ILE F 185 23.16 17.90 -10.41
CA ILE F 185 22.10 16.99 -10.00
C ILE F 185 21.24 17.61 -8.91
N TYR F 186 21.88 18.21 -7.90
CA TYR F 186 21.12 18.81 -6.82
C TYR F 186 20.18 19.89 -7.34
N GLU F 187 20.70 20.82 -8.15
CA GLU F 187 19.86 21.90 -8.64
C GLU F 187 18.74 21.36 -9.52
N GLN F 188 19.05 20.37 -10.37
CA GLN F 188 18.03 19.84 -11.27
C GLN F 188 16.90 19.22 -10.48
N VAL F 189 17.22 18.37 -9.50
CA VAL F 189 16.16 17.71 -8.74
C VAL F 189 15.40 18.73 -7.91
N GLY F 190 16.10 19.71 -7.34
CA GLY F 190 15.40 20.73 -6.57
C GLY F 190 14.41 21.49 -7.41
N THR F 191 14.82 21.92 -8.59
CA THR F 191 13.90 22.62 -9.48
C THR F 191 12.73 21.72 -9.89
N SER F 192 13.02 20.45 -10.18
CA SER F 192 11.94 19.52 -10.52
C SER F 192 11.01 19.27 -9.34
N ALA F 193 11.44 19.58 -8.12
CA ALA F 193 10.60 19.43 -6.95
C ALA F 193 9.82 20.69 -6.62
N MET F 194 9.90 21.73 -7.44
CA MET F 194 9.26 23.00 -7.13
C MET F 194 7.76 22.84 -6.99
N ASP F 195 7.11 22.21 -7.97
CA ASP F 195 5.65 22.21 -8.08
C ASP F 195 5.00 20.98 -7.47
N SER F 196 5.77 20.08 -6.87
CA SER F 196 5.21 18.86 -6.32
C SER F 196 4.28 19.19 -5.15
N PRO F 197 3.01 18.79 -5.18
CA PRO F 197 2.13 19.07 -4.03
C PRO F 197 2.65 18.46 -2.73
N LEU F 198 3.28 17.29 -2.80
CA LEU F 198 3.76 16.61 -1.60
C LEU F 198 5.22 16.94 -1.30
N LEU F 199 6.08 16.87 -2.32
CA LEU F 199 7.51 17.05 -2.10
C LEU F 199 7.91 18.50 -1.88
N LYS F 200 7.03 19.45 -2.17
CA LYS F 200 7.40 20.86 -2.08
C LYS F 200 8.03 21.20 -0.72
N TYR F 201 7.50 20.61 0.35
CA TYR F 201 7.99 20.92 1.69
C TYR F 201 9.49 20.66 1.77
N SER F 202 9.95 19.54 1.22
CA SER F 202 11.36 19.18 1.26
C SER F 202 12.19 19.87 0.21
N ALA F 203 11.56 20.57 -0.76
CA ALA F 203 12.32 21.11 -1.87
C ALA F 203 13.43 22.03 -1.42
N LYS F 204 13.28 22.65 -0.25
CA LYS F 204 14.32 23.54 0.25
C LYS F 204 15.63 22.78 0.49
N ASP F 205 15.54 21.61 1.12
CA ASP F 205 16.73 20.96 1.65
C ASP F 205 17.79 20.80 0.57
N TYR F 206 17.41 20.20 -0.57
CA TYR F 206 18.37 19.99 -1.63
C TYR F 206 19.08 21.29 -1.99
N PHE F 207 18.30 22.35 -2.23
CA PHE F 207 18.91 23.62 -2.59
C PHE F 207 20.00 23.99 -1.60
N PHE F 208 19.70 23.89 -0.31
CA PHE F 208 20.68 24.25 0.71
C PHE F 208 22.00 23.53 0.45
N LYS F 209 21.94 22.21 0.31
CA LYS F 209 23.16 21.44 0.09
C LYS F 209 23.95 22.04 -1.06
N ALA F 210 23.27 22.33 -2.17
CA ALA F 210 23.97 22.86 -3.33
C ALA F 210 24.80 24.07 -2.94
N ALA F 211 24.17 25.04 -2.30
CA ALA F 211 24.89 26.24 -1.90
C ALA F 211 26.15 25.87 -1.16
N LEU F 212 26.02 24.99 -0.16
CA LEU F 212 27.18 24.59 0.63
C LEU F 212 28.29 24.07 -0.27
N CYS F 213 27.96 23.11 -1.13
CA CYS F 213 28.99 22.57 -2.02
C CYS F 213 29.48 23.66 -2.96
N HIS F 214 28.57 24.50 -3.45
CA HIS F 214 28.99 25.58 -4.33
C HIS F 214 29.91 26.55 -3.61
N PHE F 215 29.83 26.62 -2.28
CA PHE F 215 30.70 27.50 -1.53
C PHE F 215 32.14 26.99 -1.48
N CYS F 216 32.37 25.73 -1.84
CA CYS F 216 33.72 25.18 -1.79
C CYS F 216 34.66 25.87 -2.76
N ILE F 217 34.12 26.59 -3.76
CA ILE F 217 34.94 27.19 -4.79
C ILE F 217 35.43 28.56 -4.35
N ASP F 218 34.51 29.49 -4.13
CA ASP F 218 34.82 30.86 -3.75
C ASP F 218 33.64 31.43 -2.98
N MET F 219 33.68 32.73 -2.69
CA MET F 219 32.65 33.38 -1.90
C MET F 219 31.63 34.12 -2.77
N LEU F 220 32.08 35.00 -3.66
CA LEU F 220 31.15 35.81 -4.44
C LEU F 220 30.21 34.92 -5.25
N ASN F 221 30.74 33.84 -5.84
CA ASN F 221 29.89 32.91 -6.57
C ASN F 221 28.83 32.32 -5.67
N ALA F 222 29.19 31.99 -4.43
CA ALA F 222 28.22 31.45 -3.49
C ALA F 222 27.10 32.46 -3.24
N LYS F 223 27.46 33.74 -3.05
CA LYS F 223 26.44 34.76 -2.84
C LYS F 223 25.52 34.86 -4.05
N LEU F 224 26.09 34.87 -5.25
CA LEU F 224 25.28 34.96 -6.45
C LEU F 224 24.33 33.77 -6.54
N ALA F 225 24.83 32.57 -6.27
CA ALA F 225 23.98 31.38 -6.35
C ALA F 225 22.85 31.43 -5.34
N VAL F 226 23.16 31.83 -4.09
CA VAL F 226 22.13 31.81 -3.07
C VAL F 226 21.07 32.87 -3.36
N GLN F 227 21.48 34.06 -3.81
CA GLN F 227 20.49 35.07 -4.14
C GLN F 227 19.65 34.66 -5.34
N LYS F 228 20.28 34.01 -6.32
CA LYS F 228 19.52 33.51 -7.47
C LYS F 228 18.48 32.51 -7.04
N TYR F 229 18.86 31.56 -6.17
CA TYR F 229 17.91 30.58 -5.67
C TYR F 229 16.79 31.25 -4.88
N GLU F 230 17.15 32.23 -4.04
CA GLU F 230 16.12 32.94 -3.27
C GLU F 230 15.13 33.62 -4.19
N GLU F 231 15.62 34.25 -5.26
CA GLU F 231 14.72 34.83 -6.25
C GLU F 231 13.84 33.77 -6.88
N LEU F 232 14.43 32.62 -7.23
CA LEU F 232 13.64 31.56 -7.84
C LEU F 232 12.66 30.93 -6.86
N PHE F 233 13.03 30.86 -5.59
CA PHE F 233 12.16 30.32 -4.54
C PHE F 233 11.90 31.42 -3.52
N PRO F 234 10.80 32.16 -3.62
CA PRO F 234 10.59 33.30 -2.70
C PRO F 234 10.54 32.89 -1.24
N ALA F 235 9.98 31.72 -0.93
CA ALA F 235 9.82 31.31 0.46
C ALA F 235 11.11 30.78 1.07
N PHE F 236 12.18 30.67 0.29
CA PHE F 236 13.42 30.07 0.80
C PHE F 236 13.94 30.82 2.01
N SER F 237 13.78 32.14 2.05
CA SER F 237 14.29 32.93 3.16
C SER F 237 13.56 32.63 4.47
N ASP F 238 12.39 32.01 4.42
CA ASP F 238 11.62 31.78 5.64
C ASP F 238 12.39 30.89 6.61
N SER F 239 13.05 29.86 6.11
CA SER F 239 13.71 28.89 6.97
C SER F 239 15.01 29.45 7.52
N ARG F 240 15.51 28.80 8.57
CA ARG F 240 16.74 29.23 9.22
C ARG F 240 17.96 29.04 8.33
N GLU F 241 17.87 28.20 7.30
CA GLU F 241 19.05 27.85 6.52
C GLU F 241 19.65 29.08 5.86
N CYS F 242 18.80 29.96 5.31
CA CYS F 242 19.32 31.18 4.70
C CYS F 242 20.01 32.05 5.74
N LYS F 243 19.44 32.14 6.94
CA LYS F 243 20.06 32.91 8.01
C LYS F 243 21.44 32.36 8.32
N LEU F 244 21.54 31.03 8.43
CA LEU F 244 22.82 30.41 8.74
C LEU F 244 23.83 30.66 7.63
N MET F 245 23.41 30.52 6.39
CA MET F 245 24.32 30.75 5.27
C MET F 245 24.82 32.19 5.25
N LYS F 246 23.92 33.14 5.49
CA LYS F 246 24.33 34.55 5.51
C LYS F 246 25.31 34.80 6.66
N LYS F 247 25.06 34.21 7.83
CA LYS F 247 26.00 34.34 8.93
C LYS F 247 27.36 33.78 8.55
N LEU F 248 27.38 32.61 7.91
CA LEU F 248 28.64 32.02 7.49
C LEU F 248 29.39 32.94 6.54
N LEU F 249 28.69 33.48 5.55
CA LEU F 249 29.33 34.35 4.58
C LEU F 249 29.91 35.59 5.24
N GLU F 250 29.09 36.29 6.02
CA GLU F 250 29.56 37.52 6.65
C GLU F 250 30.73 37.26 7.58
N ALA F 251 30.66 36.17 8.35
CA ALA F 251 31.77 35.84 9.25
C ALA F 251 33.04 35.56 8.46
N HIS F 252 32.96 34.66 7.49
CA HIS F 252 34.16 34.31 6.73
C HIS F 252 34.73 35.49 5.99
N GLU F 253 33.92 36.52 5.73
CA GLU F 253 34.46 37.71 5.09
C GLU F 253 35.54 38.36 5.96
N GLU F 254 35.30 38.45 7.27
CA GLU F 254 36.13 39.23 8.16
C GLU F 254 36.94 38.37 9.12
N GLN F 255 37.30 37.15 8.70
CA GLN F 255 38.21 36.30 9.47
C GLN F 255 37.74 36.14 10.91
N ASN F 256 36.43 35.97 11.10
CA ASN F 256 35.85 35.82 12.43
C ASN F 256 35.61 34.33 12.72
N VAL F 257 36.72 33.63 12.94
CA VAL F 257 36.68 32.18 13.05
C VAL F 257 35.85 31.74 14.25
N ASP F 258 36.05 32.39 15.39
CA ASP F 258 35.40 31.93 16.62
C ASP F 258 33.88 32.03 16.51
N SER F 259 33.39 33.15 15.98
CA SER F 259 31.94 33.30 15.82
C SER F 259 31.39 32.28 14.83
N TYR F 260 32.14 32.02 13.76
CA TYR F 260 31.75 30.97 12.82
C TYR F 260 31.58 29.65 13.54
N THR F 261 32.59 29.25 14.32
CA THR F 261 32.52 27.99 15.04
C THR F 261 31.35 27.97 16.01
N GLU F 262 31.13 29.08 16.71
CA GLU F 262 30.07 29.11 17.73
C GLU F 262 28.70 29.05 17.09
N SER F 263 28.51 29.72 15.95
CA SER F 263 27.24 29.64 15.25
C SER F 263 26.98 28.22 14.75
N VAL F 264 28.01 27.58 14.20
CA VAL F 264 27.86 26.19 13.78
C VAL F 264 27.48 25.33 14.98
N LYS F 265 28.13 25.55 16.12
CA LYS F 265 27.86 24.75 17.30
C LYS F 265 26.44 24.97 17.80
N GLU F 266 25.95 26.21 17.75
CA GLU F 266 24.58 26.47 18.16
C GLU F 266 23.59 25.77 17.23
N TYR F 267 23.83 25.82 15.92
CA TYR F 267 22.95 25.12 14.99
C TYR F 267 22.97 23.62 15.27
N ASP F 268 24.15 23.08 15.60
CA ASP F 268 24.24 21.68 16.00
C ASP F 268 23.41 21.42 17.25
N SER F 269 23.50 22.33 18.23
CA SER F 269 22.78 22.13 19.48
C SER F 269 21.27 22.09 19.26
N ILE F 270 20.74 23.04 18.48
CA ILE F 270 19.31 23.04 18.22
C ILE F 270 18.91 21.78 17.46
N SER F 271 19.72 21.39 16.46
CA SER F 271 19.47 20.18 15.69
C SER F 271 20.82 19.63 15.25
N ARG F 272 21.06 18.36 15.56
CA ARG F 272 22.35 17.76 15.26
C ARG F 272 22.49 17.47 13.77
N LEU F 273 23.73 17.33 13.34
CA LEU F 273 24.09 17.07 11.96
C LEU F 273 24.54 15.62 11.80
N ASP F 274 24.97 15.29 10.59
CA ASP F 274 25.51 13.98 10.26
C ASP F 274 26.98 14.11 9.85
N GLN F 275 27.57 12.99 9.46
CA GLN F 275 28.99 13.00 9.09
C GLN F 275 29.23 13.86 7.86
N TRP F 276 28.33 13.79 6.87
CA TRP F 276 28.57 14.48 5.61
C TRP F 276 28.66 15.99 5.82
N LEU F 277 27.64 16.57 6.46
CA LEU F 277 27.63 18.02 6.65
C LEU F 277 28.77 18.47 7.54
N THR F 278 29.05 17.73 8.62
CA THR F 278 30.13 18.12 9.51
C THR F 278 31.46 18.11 8.78
N THR F 279 31.71 17.06 7.99
CA THR F 279 32.95 16.97 7.23
C THR F 279 33.07 18.13 6.25
N MET F 280 31.99 18.42 5.52
CA MET F 280 32.04 19.51 4.56
C MET F 280 32.29 20.85 5.25
N LEU F 281 31.60 21.10 6.37
CA LEU F 281 31.79 22.35 7.08
C LEU F 281 33.24 22.48 7.56
N LEU F 282 33.79 21.41 8.12
CA LEU F 282 35.17 21.48 8.59
C LEU F 282 36.13 21.72 7.43
N ARG F 283 35.91 21.06 6.30
CA ARG F 283 36.76 21.29 5.14
C ARG F 283 36.69 22.74 4.68
N ILE F 284 35.48 23.33 4.73
CA ILE F 284 35.34 24.74 4.39
C ILE F 284 36.14 25.59 5.36
N LYS F 285 35.96 25.36 6.67
CA LYS F 285 36.63 26.18 7.67
C LYS F 285 38.14 26.14 7.50
N LYS F 286 38.67 25.06 6.92
CA LYS F 286 40.12 24.93 6.76
C LYS F 286 40.73 26.13 6.05
N THR F 287 39.92 26.94 5.38
CA THR F 287 40.42 28.16 4.76
C THR F 287 39.51 29.33 5.08
N GLY G 1 -32.93 -22.80 13.41
CA GLY G 1 -33.08 -22.27 12.03
C GLY G 1 -33.20 -23.37 10.99
N MET G 2 -34.02 -23.12 9.97
CA MET G 2 -34.21 -24.11 8.91
C MET G 2 -32.90 -24.35 8.16
N ASP G 3 -32.13 -23.29 7.92
CA ASP G 3 -30.90 -23.43 7.15
C ASP G 3 -29.96 -24.44 7.81
N THR G 4 -29.76 -24.31 9.12
CA THR G 4 -28.83 -25.21 9.80
C THR G 4 -29.29 -26.66 9.70
N SER G 5 -30.56 -26.91 9.98
CA SER G 5 -31.07 -28.28 9.97
C SER G 5 -30.98 -28.88 8.58
N GLY G 6 -31.41 -28.13 7.56
CA GLY G 6 -31.34 -28.63 6.20
C GLY G 6 -29.92 -28.88 5.76
N LYS G 7 -29.00 -27.97 6.10
CA LYS G 7 -27.61 -28.16 5.74
C LYS G 7 -27.03 -29.38 6.41
N GLN G 8 -27.34 -29.61 7.68
CA GLN G 8 -26.85 -30.81 8.36
C GLN G 8 -27.41 -32.07 7.71
N ALA G 9 -28.71 -32.06 7.39
CA ALA G 9 -29.32 -33.24 6.78
C ALA G 9 -28.66 -33.56 5.43
N GLU G 10 -28.57 -32.56 4.56
CA GLU G 10 -27.97 -32.82 3.26
C GLU G 10 -26.47 -33.05 3.36
N ALA G 11 -25.82 -32.58 4.42
CA ALA G 11 -24.41 -32.89 4.63
C ALA G 11 -24.22 -34.35 4.98
N MET G 12 -25.06 -34.87 5.88
CA MET G 12 -25.05 -36.31 6.15
C MET G 12 -25.33 -37.09 4.88
N ALA G 13 -26.29 -36.62 4.09
CA ALA G 13 -26.60 -37.29 2.83
C ALA G 13 -25.39 -37.31 1.90
N LEU G 14 -24.70 -36.18 1.79
CA LEU G 14 -23.54 -36.11 0.90
C LEU G 14 -22.39 -36.97 1.42
N LEU G 15 -22.20 -37.02 2.74
CA LEU G 15 -21.15 -37.87 3.28
C LEU G 15 -21.43 -39.34 3.02
N ALA G 16 -22.69 -39.77 3.21
CA ALA G 16 -23.05 -41.14 2.88
C ALA G 16 -22.86 -41.40 1.39
N GLU G 17 -23.24 -40.44 0.56
CA GLU G 17 -23.07 -40.58 -0.88
C GLU G 17 -21.60 -40.74 -1.24
N ALA G 18 -20.73 -39.97 -0.59
CA ALA G 18 -19.31 -40.06 -0.87
C ALA G 18 -18.72 -41.38 -0.39
N GLU G 19 -19.18 -41.88 0.76
CA GLU G 19 -18.70 -43.17 1.24
C GLU G 19 -19.09 -44.29 0.28
N ARG G 20 -20.35 -44.32 -0.13
CA ARG G 20 -20.76 -45.32 -1.11
C ARG G 20 -20.06 -45.10 -2.44
N LYS G 21 -19.77 -43.84 -2.79
CA LYS G 21 -19.04 -43.56 -4.01
C LYS G 21 -17.64 -44.15 -3.97
N VAL G 22 -16.95 -44.01 -2.83
CA VAL G 22 -15.59 -44.53 -2.76
C VAL G 22 -15.58 -46.05 -2.75
N LYS G 23 -16.54 -46.68 -2.05
CA LYS G 23 -16.59 -48.14 -2.09
C LYS G 23 -16.91 -48.63 -3.50
N ASN G 24 -17.88 -48.00 -4.17
CA ASN G 24 -18.18 -48.36 -5.54
C ASN G 24 -17.03 -48.06 -6.47
N SER G 25 -16.18 -47.08 -6.13
CA SER G 25 -15.00 -46.80 -6.94
C SER G 25 -13.97 -47.91 -6.79
N GLN G 26 -13.74 -48.38 -5.56
CA GLN G 26 -12.90 -49.55 -5.36
C GLN G 26 -13.44 -50.73 -6.16
N SER G 27 -14.76 -50.87 -6.22
CA SER G 27 -15.36 -51.94 -7.01
C SER G 27 -15.11 -51.72 -8.50
N PHE G 28 -15.34 -50.50 -8.99
CA PHE G 28 -15.31 -50.24 -10.43
C PHE G 28 -13.90 -50.27 -10.99
N PHE G 29 -12.89 -49.94 -10.17
CA PHE G 29 -11.52 -49.95 -10.68
C PHE G 29 -11.16 -51.33 -11.21
N SER G 30 -11.53 -52.38 -10.50
CA SER G 30 -11.39 -53.73 -11.01
C SER G 30 -12.48 -54.07 -12.03
N GLY G 31 -13.71 -53.62 -11.78
CA GLY G 31 -14.82 -54.02 -12.63
C GLY G 31 -14.72 -53.47 -14.05
N LEU G 32 -14.41 -52.19 -14.15
CA LEU G 32 -14.41 -51.54 -15.45
C LEU G 32 -13.06 -50.86 -15.73
N PHE G 33 -12.33 -50.49 -14.69
CA PHE G 33 -11.05 -49.81 -14.82
C PHE G 33 -11.22 -48.50 -15.61
N GLY G 34 -11.98 -47.58 -15.02
CA GLY G 34 -12.23 -46.30 -15.63
C GLY G 34 -11.09 -45.31 -15.48
N GLY G 35 -10.01 -45.69 -14.82
CA GLY G 35 -8.88 -44.82 -14.63
C GLY G 35 -8.77 -44.33 -13.20
N SER G 36 -8.90 -43.01 -13.01
CA SER G 36 -8.85 -42.41 -11.68
C SER G 36 -9.92 -41.37 -11.48
N SER G 37 -10.88 -41.22 -12.41
CA SER G 37 -11.89 -40.19 -12.27
C SER G 37 -12.74 -40.43 -11.02
N LYS G 38 -13.28 -41.63 -10.88
CA LYS G 38 -14.13 -41.97 -9.75
C LYS G 38 -13.64 -41.32 -8.46
N ILE G 39 -12.35 -41.49 -8.15
CA ILE G 39 -11.81 -40.94 -6.92
C ILE G 39 -11.84 -39.41 -6.95
N GLU G 40 -11.59 -38.80 -8.11
CA GLU G 40 -11.51 -37.34 -8.10
C GLU G 40 -12.89 -36.72 -7.91
N GLU G 41 -13.93 -37.25 -8.56
CA GLU G 41 -15.22 -36.63 -8.26
C GLU G 41 -15.69 -37.01 -6.86
N ALA G 42 -15.25 -38.16 -6.34
CA ALA G 42 -15.52 -38.41 -4.92
C ALA G 42 -14.89 -37.33 -4.05
N CYS G 43 -13.66 -36.94 -4.37
CA CYS G 43 -12.99 -35.87 -3.64
C CYS G 43 -13.74 -34.54 -3.80
N GLU G 44 -14.27 -34.28 -4.99
CA GLU G 44 -15.05 -33.07 -5.19
C GLU G 44 -16.31 -33.08 -4.33
N ILE G 45 -16.98 -34.23 -4.24
CA ILE G 45 -18.14 -34.36 -3.35
C ILE G 45 -17.72 -34.06 -1.93
N TYR G 46 -16.60 -34.64 -1.50
CA TYR G 46 -16.12 -34.40 -0.13
C TYR G 46 -15.88 -32.92 0.10
N ALA G 47 -15.23 -32.26 -0.85
CA ALA G 47 -14.89 -30.84 -0.67
C ALA G 47 -16.15 -29.98 -0.61
N ARG G 48 -17.12 -30.24 -1.50
CA ARG G 48 -18.35 -29.46 -1.48
C ARG G 48 -19.11 -29.68 -0.19
N ALA G 49 -19.19 -30.93 0.27
CA ALA G 49 -19.85 -31.21 1.54
C ALA G 49 -19.14 -30.48 2.68
N ALA G 50 -17.81 -30.48 2.67
CA ALA G 50 -17.06 -29.82 3.73
C ALA G 50 -17.33 -28.32 3.75
N ASN G 51 -17.32 -27.69 2.57
CA ASN G 51 -17.50 -26.24 2.56
C ASN G 51 -18.93 -25.86 2.98
N MET G 52 -19.92 -26.58 2.48
CA MET G 52 -21.29 -26.30 2.91
C MET G 52 -21.45 -26.57 4.40
N PHE G 53 -20.80 -27.61 4.91
CA PHE G 53 -20.89 -27.92 6.33
C PHE G 53 -20.28 -26.82 7.18
N LYS G 54 -19.10 -26.33 6.80
CA LYS G 54 -18.49 -25.24 7.56
C LYS G 54 -19.36 -23.99 7.48
N MET G 55 -20.02 -23.78 6.35
CA MET G 55 -21.03 -22.73 6.28
C MET G 55 -22.13 -22.96 7.30
N ALA G 56 -22.42 -24.22 7.63
CA ALA G 56 -23.49 -24.57 8.54
C ALA G 56 -23.11 -24.42 10.01
N LYS G 57 -22.01 -23.76 10.32
CA LYS G 57 -21.56 -23.37 11.65
C LYS G 57 -20.95 -24.54 12.43
N ASN G 58 -20.99 -25.77 11.92
CA ASN G 58 -20.38 -26.90 12.59
C ASN G 58 -19.00 -27.15 12.01
N TRP G 59 -18.01 -27.29 12.88
CA TRP G 59 -16.60 -27.18 12.49
C TRP G 59 -15.88 -28.52 12.45
N SER G 60 -15.89 -29.29 13.54
CA SER G 60 -14.98 -30.42 13.67
C SER G 60 -15.11 -31.39 12.49
N ALA G 61 -16.33 -31.83 12.20
CA ALA G 61 -16.52 -32.74 11.08
C ALA G 61 -16.07 -32.12 9.78
N ALA G 62 -16.14 -30.79 9.66
CA ALA G 62 -15.67 -30.13 8.45
C ALA G 62 -14.17 -30.36 8.25
N GLY G 63 -13.38 -30.10 9.29
CA GLY G 63 -11.96 -30.37 9.19
C GLY G 63 -11.66 -31.84 9.00
N ASN G 64 -12.47 -32.71 9.61
CA ASN G 64 -12.28 -34.14 9.38
C ASN G 64 -12.47 -34.50 7.91
N ALA G 65 -13.51 -33.94 7.29
CA ALA G 65 -13.74 -34.19 5.88
C ALA G 65 -12.61 -33.62 5.03
N PHE G 66 -12.13 -32.42 5.38
CA PHE G 66 -11.01 -31.85 4.65
C PHE G 66 -9.79 -32.77 4.72
N CYS G 67 -9.49 -33.28 5.91
CA CYS G 67 -8.34 -34.16 6.06
C CYS G 67 -8.51 -35.44 5.25
N GLN G 68 -9.70 -36.04 5.29
CA GLN G 68 -9.93 -37.25 4.52
C GLN G 68 -9.77 -37.00 3.03
N ALA G 69 -10.35 -35.89 2.54
CA ALA G 69 -10.26 -35.58 1.12
C ALA G 69 -8.81 -35.33 0.71
N ALA G 70 -8.05 -34.59 1.53
CA ALA G 70 -6.66 -34.33 1.20
C ALA G 70 -5.84 -35.60 1.23
N GLN G 71 -6.12 -36.50 2.17
CA GLN G 71 -5.43 -37.78 2.21
C GLN G 71 -5.67 -38.57 0.94
N LEU G 72 -6.94 -38.73 0.55
CA LEU G 72 -7.24 -39.48 -0.67
C LEU G 72 -6.66 -38.80 -1.89
N HIS G 73 -6.60 -37.46 -1.89
CA HIS G 73 -6.04 -36.75 -3.04
C HIS G 73 -4.54 -36.97 -3.15
N LEU G 74 -3.83 -36.82 -2.04
CA LEU G 74 -2.40 -37.10 -2.03
C LEU G 74 -2.12 -38.56 -2.36
N GLN G 75 -3.09 -39.45 -2.13
CA GLN G 75 -2.93 -40.83 -2.58
C GLN G 75 -2.75 -40.92 -4.09
N LEU G 76 -3.16 -39.89 -4.84
CA LEU G 76 -3.07 -39.89 -6.29
C LEU G 76 -1.91 -39.03 -6.79
N GLN G 77 -0.87 -38.82 -5.97
CA GLN G 77 0.36 -38.16 -6.38
C GLN G 77 0.19 -36.66 -6.60
N SER G 78 -0.91 -36.07 -6.13
CA SER G 78 -1.12 -34.63 -6.20
C SER G 78 -0.88 -34.05 -4.82
N LYS G 79 0.12 -33.17 -4.70
CA LYS G 79 0.61 -32.71 -3.42
C LYS G 79 0.06 -31.33 -3.02
N HIS G 80 0.24 -30.32 -3.87
CA HIS G 80 -0.03 -28.96 -3.45
C HIS G 80 -1.49 -28.75 -3.10
N ASP G 81 -2.40 -29.36 -3.87
CA ASP G 81 -3.82 -29.25 -3.55
C ASP G 81 -4.11 -29.84 -2.18
N ALA G 82 -3.53 -31.02 -1.90
CA ALA G 82 -3.70 -31.61 -0.58
C ALA G 82 -3.11 -30.72 0.50
N ALA G 83 -2.00 -30.04 0.20
CA ALA G 83 -1.40 -29.13 1.18
C ALA G 83 -2.32 -27.96 1.48
N THR G 84 -2.92 -27.37 0.45
CA THR G 84 -3.85 -26.27 0.67
C THR G 84 -5.05 -26.75 1.48
N CYS G 85 -5.54 -27.94 1.18
CA CYS G 85 -6.64 -28.50 1.96
C CYS G 85 -6.22 -28.71 3.42
N PHE G 86 -4.99 -29.16 3.64
CA PHE G 86 -4.47 -29.27 5.00
C PHE G 86 -4.50 -27.93 5.71
N VAL G 87 -4.05 -26.88 5.04
CA VAL G 87 -4.00 -25.55 5.65
C VAL G 87 -5.41 -25.11 6.02
N ASP G 88 -6.35 -25.29 5.11
CA ASP G 88 -7.73 -24.91 5.39
C ASP G 88 -8.30 -25.72 6.55
N ALA G 89 -8.01 -27.02 6.59
CA ALA G 89 -8.49 -27.86 7.67
C ALA G 89 -7.93 -27.40 9.01
N GLY G 90 -6.67 -26.98 9.02
CA GLY G 90 -6.10 -26.46 10.24
C GLY G 90 -6.78 -25.18 10.69
N ASN G 91 -7.03 -24.27 9.74
CA ASN G 91 -7.74 -23.05 10.09
C ASN G 91 -9.12 -23.36 10.67
N ALA G 92 -9.78 -24.40 10.14
CA ALA G 92 -11.07 -24.78 10.68
C ALA G 92 -10.95 -25.35 12.09
N PHE G 93 -10.01 -26.28 12.29
CA PHE G 93 -9.81 -26.90 13.61
C PHE G 93 -9.31 -25.92 14.64
N LYS G 94 -8.80 -24.76 14.23
CA LYS G 94 -8.26 -23.80 15.19
C LYS G 94 -9.21 -23.57 16.35
N LYS G 95 -10.52 -23.57 16.07
CA LYS G 95 -11.53 -23.31 17.09
C LYS G 95 -12.16 -24.58 17.64
N ALA G 96 -11.68 -25.77 17.24
CA ALA G 96 -12.28 -27.03 17.64
C ALA G 96 -11.35 -27.86 18.52
N ASP G 97 -10.15 -28.19 18.03
CA ASP G 97 -9.24 -29.07 18.75
C ASP G 97 -7.81 -28.70 18.36
N PRO G 98 -7.07 -28.02 19.26
CA PRO G 98 -5.75 -27.52 18.85
C PRO G 98 -4.80 -28.60 18.36
N GLN G 99 -4.83 -29.79 18.95
CA GLN G 99 -3.79 -30.78 18.66
C GLN G 99 -3.83 -31.20 17.18
N GLU G 100 -5.01 -31.50 16.66
CA GLU G 100 -5.12 -31.93 15.28
C GLU G 100 -4.72 -30.80 14.33
N ALA G 101 -5.10 -29.56 14.66
CA ALA G 101 -4.69 -28.43 13.86
C ALA G 101 -3.18 -28.32 13.80
N ILE G 102 -2.53 -28.47 14.96
CA ILE G 102 -1.07 -28.39 15.00
C ILE G 102 -0.45 -29.49 14.14
N ASN G 103 -0.96 -30.70 14.27
CA ASN G 103 -0.42 -31.82 13.49
C ASN G 103 -0.55 -31.53 11.99
N CYS G 104 -1.75 -31.17 11.55
CA CYS G 104 -1.97 -30.94 10.12
C CYS G 104 -1.13 -29.77 9.62
N LEU G 105 -1.03 -28.71 10.41
CA LEU G 105 -0.24 -27.56 9.99
C LEU G 105 1.23 -27.92 9.88
N MET G 106 1.73 -28.76 10.80
CA MET G 106 3.12 -29.22 10.67
C MET G 106 3.31 -30.05 9.41
N ARG G 107 2.33 -30.90 9.09
CA ARG G 107 2.40 -31.66 7.85
C ARG G 107 2.49 -30.72 6.65
N ALA G 108 1.64 -29.70 6.64
CA ALA G 108 1.66 -28.74 5.54
C ALA G 108 3.00 -28.03 5.45
N ILE G 109 3.55 -27.63 6.60
CA ILE G 109 4.82 -26.91 6.59
C ILE G 109 5.92 -27.81 6.03
N GLU G 110 5.97 -29.07 6.46
CA GLU G 110 7.02 -29.95 5.98
C GLU G 110 6.91 -30.18 4.48
N ILE G 111 5.69 -30.43 3.98
CA ILE G 111 5.54 -30.65 2.54
C ILE G 111 5.93 -29.39 1.77
N TYR G 112 5.53 -28.22 2.28
CA TYR G 112 5.86 -26.96 1.60
C TYR G 112 7.38 -26.75 1.55
N THR G 113 8.04 -26.85 2.71
CA THR G 113 9.48 -26.63 2.73
C THR G 113 10.20 -27.65 1.88
N ASP G 114 9.62 -28.85 1.72
CA ASP G 114 10.14 -29.78 0.73
C ASP G 114 9.97 -29.23 -0.67
N MET G 115 8.82 -28.59 -0.94
CA MET G 115 8.57 -28.02 -2.27
C MET G 115 9.61 -26.97 -2.62
N GLY G 116 9.90 -26.06 -1.69
CA GLY G 116 10.90 -25.04 -1.92
C GLY G 116 10.48 -23.65 -1.49
N ARG G 117 9.27 -23.51 -0.96
CA ARG G 117 8.77 -22.21 -0.50
C ARG G 117 9.06 -22.06 0.99
N PHE G 118 9.79 -21.00 1.34
CA PHE G 118 10.13 -20.75 2.74
C PHE G 118 9.23 -19.72 3.40
N THR G 119 8.85 -18.66 2.70
CA THR G 119 8.06 -17.61 3.33
C THR G 119 6.75 -18.14 3.87
N ILE G 120 6.06 -18.97 3.09
CA ILE G 120 4.81 -19.56 3.56
C ILE G 120 5.08 -20.44 4.77
N ALA G 121 6.19 -21.18 4.74
CA ALA G 121 6.55 -22.01 5.89
C ALA G 121 6.76 -21.16 7.13
N ALA G 122 7.44 -20.03 6.98
CA ALA G 122 7.64 -19.14 8.12
C ALA G 122 6.32 -18.58 8.63
N LYS G 123 5.42 -18.22 7.72
CA LYS G 123 4.12 -17.72 8.13
C LYS G 123 3.36 -18.76 8.94
N HIS G 124 3.35 -20.00 8.45
CA HIS G 124 2.69 -21.08 9.17
C HIS G 124 3.35 -21.31 10.53
N HIS G 125 4.67 -21.22 10.59
CA HIS G 125 5.36 -21.36 11.87
C HIS G 125 4.93 -20.27 12.85
N ILE G 126 4.81 -19.03 12.37
CA ILE G 126 4.38 -17.95 13.24
C ILE G 126 2.97 -18.21 13.74
N SER G 127 2.08 -18.67 12.85
CA SER G 127 0.73 -18.99 13.29
C SER G 127 0.73 -20.09 14.35
N ILE G 128 1.56 -21.11 14.15
CA ILE G 128 1.64 -22.20 15.12
C ILE G 128 2.11 -21.65 16.46
N ALA G 129 3.13 -20.80 16.45
CA ALA G 129 3.62 -20.23 17.70
C ALA G 129 2.56 -19.41 18.40
N GLU G 130 1.83 -18.59 17.63
CA GLU G 130 0.80 -17.75 18.23
C GLU G 130 -0.27 -18.60 18.89
N ILE G 131 -0.74 -19.64 18.19
CA ILE G 131 -1.78 -20.48 18.79
C ILE G 131 -1.21 -21.24 19.98
N TYR G 132 0.05 -21.65 19.92
CA TYR G 132 0.66 -22.40 21.00
C TYR G 132 0.75 -21.57 22.27
N GLU G 133 1.07 -20.28 22.14
CA GLU G 133 1.27 -19.44 23.32
C GLU G 133 0.00 -18.78 23.81
N THR G 134 -0.93 -18.44 22.91
CA THR G 134 -2.08 -17.66 23.31
C THR G 134 -2.99 -18.42 24.27
N GLU G 135 -3.30 -19.67 23.96
CA GLU G 135 -4.22 -20.48 24.76
C GLU G 135 -3.53 -21.55 25.58
N LEU G 136 -2.55 -22.24 25.02
CA LEU G 136 -1.75 -23.21 25.76
C LEU G 136 -0.58 -22.49 26.41
N VAL G 137 -0.30 -22.85 27.65
CA VAL G 137 0.69 -22.15 28.47
C VAL G 137 2.00 -22.91 28.34
N ASP G 138 2.85 -22.48 27.41
CA ASP G 138 4.20 -22.99 27.26
C ASP G 138 4.96 -22.03 26.37
N VAL G 139 6.27 -21.92 26.61
CA VAL G 139 7.10 -20.93 25.95
C VAL G 139 8.19 -21.55 25.09
N GLU G 140 8.87 -22.58 25.59
CA GLU G 140 10.06 -23.09 24.91
C GLU G 140 9.76 -23.46 23.46
N LYS G 141 8.66 -24.18 23.24
CA LYS G 141 8.27 -24.51 21.88
C LYS G 141 8.02 -23.24 21.06
N ALA G 142 7.40 -22.24 21.68
CA ALA G 142 7.20 -20.97 20.99
C ALA G 142 8.53 -20.34 20.61
N ILE G 143 9.51 -20.39 21.52
CA ILE G 143 10.82 -19.83 21.21
C ILE G 143 11.43 -20.54 20.02
N ALA G 144 11.35 -21.87 20.01
CA ALA G 144 11.92 -22.64 18.90
C ALA G 144 11.26 -22.27 17.59
N HIS G 145 9.92 -22.20 17.58
CA HIS G 145 9.21 -21.88 16.35
C HIS G 145 9.55 -20.48 15.86
N TYR G 146 9.58 -19.50 16.77
CA TYR G 146 9.94 -18.15 16.36
C TYR G 146 11.35 -18.09 15.80
N GLU G 147 12.29 -18.79 16.44
CA GLU G 147 13.67 -18.78 15.95
C GLU G 147 13.75 -19.40 14.55
N GLN G 148 13.04 -20.50 14.34
CA GLN G 148 13.04 -21.10 13.00
C GLN G 148 12.45 -20.14 11.98
N SER G 149 11.36 -19.45 12.34
CA SER G 149 10.75 -18.50 11.43
C SER G 149 11.72 -17.38 11.08
N ALA G 150 12.43 -16.85 12.08
CA ALA G 150 13.39 -15.79 11.82
C ALA G 150 14.51 -16.29 10.91
N ASP G 151 14.97 -17.52 11.14
CA ASP G 151 16.02 -18.08 10.30
C ASP G 151 15.55 -18.17 8.85
N TYR G 152 14.34 -18.69 8.65
CA TYR G 152 13.83 -18.83 7.29
C TYR G 152 13.68 -17.47 6.63
N TYR G 153 13.15 -16.48 7.35
CA TYR G 153 13.02 -15.14 6.79
C TYR G 153 14.38 -14.60 6.38
N LYS G 154 15.37 -14.65 7.28
CA LYS G 154 16.69 -14.16 6.95
C LYS G 154 17.31 -14.92 5.79
N GLY G 155 16.88 -16.16 5.57
CA GLY G 155 17.35 -16.89 4.41
C GLY G 155 17.06 -16.17 3.10
N GLU G 156 16.04 -15.33 3.08
CA GLU G 156 15.65 -14.58 1.89
C GLU G 156 15.64 -13.08 2.16
N GLU G 157 16.61 -12.61 2.94
CA GLU G 157 16.84 -11.19 3.19
C GLU G 157 15.55 -10.40 3.37
N SER G 158 14.59 -10.94 4.13
CA SER G 158 13.41 -10.19 4.54
C SER G 158 13.70 -9.65 5.95
N ASN G 159 14.51 -8.59 5.98
CA ASN G 159 15.14 -8.18 7.22
C ASN G 159 14.12 -7.78 8.28
N SER G 160 13.08 -7.04 7.89
CA SER G 160 12.16 -6.49 8.89
C SER G 160 11.46 -7.59 9.68
N SER G 161 10.96 -8.61 8.98
CA SER G 161 10.21 -9.67 9.65
C SER G 161 11.10 -10.43 10.62
N ALA G 162 12.31 -10.78 10.19
CA ALA G 162 13.24 -11.46 11.08
C ALA G 162 13.61 -10.58 12.27
N ASN G 163 13.76 -9.27 12.04
CA ASN G 163 14.02 -8.35 13.13
C ASN G 163 12.90 -8.43 14.17
N LYS G 164 11.65 -8.34 13.73
CA LYS G 164 10.54 -8.38 14.66
C LYS G 164 10.49 -9.70 15.42
N CYS G 165 10.66 -10.81 14.71
CA CYS G 165 10.61 -12.12 15.35
C CYS G 165 11.71 -12.26 16.39
N LEU G 166 12.93 -11.84 16.04
CA LEU G 166 14.04 -11.94 16.98
C LEU G 166 13.81 -11.05 18.19
N LEU G 167 13.23 -9.86 17.98
CA LEU G 167 12.94 -8.99 19.11
C LEU G 167 11.96 -9.66 20.07
N LYS G 168 10.90 -10.27 19.52
CA LYS G 168 9.95 -10.97 20.39
C LYS G 168 10.61 -12.12 21.11
N VAL G 169 11.47 -12.88 20.41
CA VAL G 169 12.16 -14.00 21.04
C VAL G 169 13.02 -13.50 22.19
N ALA G 170 13.76 -12.42 21.96
CA ALA G 170 14.63 -11.89 23.00
C ALA G 170 13.82 -11.42 24.20
N GLY G 171 12.69 -10.76 23.96
CA GLY G 171 11.86 -10.34 25.08
C GLY G 171 11.36 -11.52 25.89
N TYR G 172 10.84 -12.55 25.21
CA TYR G 172 10.35 -13.72 25.91
C TYR G 172 11.45 -14.39 26.71
N ALA G 173 12.63 -14.54 26.10
CA ALA G 173 13.75 -15.17 26.80
C ALA G 173 14.15 -14.36 28.03
N ALA G 174 14.22 -13.04 27.89
CA ALA G 174 14.60 -12.19 29.01
C ALA G 174 13.59 -12.33 30.15
N GLN G 175 12.31 -12.39 29.82
CA GLN G 175 11.29 -12.53 30.85
C GLN G 175 11.56 -13.74 31.72
N LEU G 176 11.76 -14.90 31.08
CA LEU G 176 11.89 -16.17 31.79
C LEU G 176 13.28 -16.78 31.65
N GLU G 177 13.78 -16.91 30.42
CA GLU G 177 15.07 -17.55 30.18
C GLU G 177 16.19 -16.62 30.68
N GLN G 178 17.42 -17.11 30.58
CA GLN G 178 18.58 -16.35 31.02
C GLN G 178 18.77 -15.13 30.11
N TYR G 179 19.80 -14.34 30.41
CA TYR G 179 19.94 -12.99 29.90
C TYR G 179 20.93 -12.86 28.76
N GLN G 180 21.91 -13.75 28.66
CA GLN G 180 22.95 -13.60 27.65
C GLN G 180 22.35 -13.48 26.25
N LYS G 181 21.43 -14.39 25.91
CA LYS G 181 20.78 -14.32 24.60
C LYS G 181 20.09 -12.98 24.42
N ALA G 182 19.38 -12.52 25.45
CA ALA G 182 18.73 -11.22 25.37
C ALA G 182 19.75 -10.13 25.10
N ILE G 183 20.85 -10.14 25.85
CA ILE G 183 21.91 -9.15 25.63
C ILE G 183 22.30 -9.11 24.17
N ASP G 184 22.71 -10.27 23.65
CA ASP G 184 23.26 -10.29 22.29
C ASP G 184 22.22 -9.84 21.27
N ILE G 185 21.00 -10.38 21.36
CA ILE G 185 19.99 -10.08 20.35
C ILE G 185 19.62 -8.60 20.40
N TYR G 186 19.30 -8.10 21.59
CA TYR G 186 18.92 -6.70 21.72
C TYR G 186 20.02 -5.79 21.22
N GLU G 187 21.29 -6.03 21.65
CA GLU G 187 22.38 -5.14 21.26
C GLU G 187 22.58 -5.15 19.75
N GLN G 188 22.58 -6.34 19.15
CA GLN G 188 22.77 -6.44 17.70
C GLN G 188 21.66 -5.69 16.96
N VAL G 189 20.40 -5.97 17.31
CA VAL G 189 19.30 -5.33 16.59
C VAL G 189 19.34 -3.83 16.77
N GLY G 190 19.63 -3.36 17.99
CA GLY G 190 19.67 -1.93 18.22
C GLY G 190 20.77 -1.25 17.43
N THR G 191 21.96 -1.85 17.42
CA THR G 191 23.09 -1.28 16.70
C THR G 191 23.04 -1.58 15.22
N SER G 192 21.97 -2.21 14.75
CA SER G 192 21.74 -2.35 13.31
C SER G 192 20.68 -1.36 12.82
N ALA G 193 20.55 -0.22 13.50
CA ALA G 193 19.64 0.83 13.04
C ALA G 193 20.21 2.24 13.24
N MET G 194 21.47 2.39 13.63
CA MET G 194 22.03 3.72 13.82
C MET G 194 22.13 4.50 12.52
N ASP G 195 22.08 3.83 11.47
CA ASP G 195 22.23 4.43 10.12
C ASP G 195 20.98 4.17 9.31
N SER G 196 20.21 5.20 8.95
CA SER G 196 18.93 5.00 8.22
C SER G 196 18.10 6.27 8.09
N PRO G 197 16.91 6.19 7.43
CA PRO G 197 16.05 7.36 7.19
C PRO G 197 14.94 7.65 8.20
N LEU G 198 14.24 6.65 8.72
CA LEU G 198 13.24 6.87 9.78
C LEU G 198 13.65 6.05 11.00
N LEU G 199 14.19 4.85 10.80
CA LEU G 199 14.64 3.97 11.90
C LEU G 199 15.94 4.53 12.45
N LYS G 200 15.91 5.75 12.99
CA LYS G 200 17.14 6.44 13.48
C LYS G 200 16.95 6.99 14.88
N TYR G 201 15.72 7.29 15.29
CA TYR G 201 15.43 7.87 16.62
C TYR G 201 14.64 6.88 17.45
N SER G 202 14.42 5.70 16.92
CA SER G 202 13.69 4.65 17.64
C SER G 202 14.70 3.84 18.42
N ALA G 203 15.72 3.37 17.75
CA ALA G 203 16.73 2.47 18.34
C ALA G 203 16.97 2.77 19.81
N LYS G 204 17.02 4.02 20.20
CA LYS G 204 17.38 4.34 21.57
C LYS G 204 16.81 3.34 22.57
N ASP G 205 15.51 3.08 22.48
CA ASP G 205 14.87 2.25 23.50
C ASP G 205 15.54 0.89 23.62
N TYR G 206 15.95 0.30 22.49
CA TYR G 206 16.59 -1.00 22.54
C TYR G 206 17.79 -0.96 23.47
N PHE G 207 18.68 0.02 23.30
CA PHE G 207 19.83 0.09 24.18
C PHE G 207 19.41 0.17 25.64
N PHE G 208 18.36 0.95 25.92
CA PHE G 208 17.90 1.06 27.30
C PHE G 208 17.55 -0.32 27.84
N LYS G 209 16.78 -1.09 27.07
CA LYS G 209 16.47 -2.44 27.51
C LYS G 209 17.74 -3.20 27.82
N ALA G 210 18.70 -3.17 26.89
CA ALA G 210 19.94 -3.90 27.13
C ALA G 210 20.56 -3.46 28.44
N ALA G 211 20.62 -2.15 28.69
CA ALA G 211 21.24 -1.69 29.92
C ALA G 211 20.56 -2.33 31.12
N LEU G 212 19.23 -2.31 31.14
CA LEU G 212 18.52 -2.88 32.28
C LEU G 212 18.95 -4.32 32.49
N CYS G 213 18.98 -5.11 31.42
CA CYS G 213 19.35 -6.50 31.57
C CYS G 213 20.75 -6.61 32.14
N HIS G 214 21.69 -5.82 31.60
CA HIS G 214 23.03 -5.83 32.15
C HIS G 214 23.00 -5.49 33.61
N PHE G 215 22.23 -4.46 33.97
CA PHE G 215 22.11 -4.08 35.38
C PHE G 215 21.53 -5.22 36.20
N CYS G 216 20.56 -5.95 35.64
CA CYS G 216 20.00 -7.09 36.35
C CYS G 216 21.09 -8.09 36.72
N ILE G 217 22.11 -8.22 35.87
CA ILE G 217 23.19 -9.16 36.14
C ILE G 217 24.02 -8.69 37.33
N ASP G 218 24.65 -7.52 37.19
CA ASP G 218 25.55 -7.04 38.24
C ASP G 218 25.79 -5.55 38.02
N MET G 219 26.20 -4.88 39.11
CA MET G 219 26.42 -3.44 39.07
C MET G 219 27.63 -3.08 38.22
N LEU G 220 28.74 -3.79 38.42
CA LEU G 220 29.95 -3.48 37.67
C LEU G 220 29.72 -3.65 36.17
N ASN G 221 29.10 -4.75 35.77
CA ASN G 221 28.76 -4.93 34.37
C ASN G 221 27.83 -3.84 33.89
N ALA G 222 26.87 -3.44 34.73
CA ALA G 222 25.96 -2.37 34.39
C ALA G 222 26.74 -1.11 33.99
N LYS G 223 27.60 -0.64 34.89
CA LYS G 223 28.32 0.60 34.63
C LYS G 223 29.25 0.47 33.43
N LEU G 224 29.96 -0.66 33.33
CA LEU G 224 30.88 -0.83 32.20
C LEU G 224 30.14 -0.79 30.88
N ALA G 225 29.01 -1.51 30.79
CA ALA G 225 28.24 -1.50 29.55
C ALA G 225 27.67 -0.11 29.28
N VAL G 226 27.24 0.59 30.32
CA VAL G 226 26.69 1.93 30.12
C VAL G 226 27.75 2.85 29.52
N GLN G 227 28.97 2.79 30.05
CA GLN G 227 30.05 3.59 29.48
C GLN G 227 30.34 3.17 28.04
N LYS G 228 30.36 1.86 27.79
CA LYS G 228 30.57 1.37 26.43
C LYS G 228 29.56 2.00 25.47
N TYR G 229 28.29 1.94 25.81
CA TYR G 229 27.26 2.50 24.94
C TYR G 229 27.39 4.02 24.85
N GLU G 230 27.73 4.67 25.95
CA GLU G 230 27.95 6.11 25.93
C GLU G 230 28.97 6.48 24.86
N GLU G 231 30.12 5.81 24.87
CA GLU G 231 31.14 6.10 23.88
C GLU G 231 30.69 5.72 22.48
N LEU G 232 30.11 4.52 22.33
CA LEU G 232 29.82 4.01 21.00
C LEU G 232 28.77 4.85 20.29
N PHE G 233 27.70 5.22 20.99
CA PHE G 233 26.59 5.97 20.38
C PHE G 233 26.47 7.32 21.08
N PRO G 234 26.95 8.41 20.47
CA PRO G 234 26.96 9.69 21.18
C PRO G 234 25.60 10.17 21.65
N ALA G 235 24.54 9.97 20.85
CA ALA G 235 23.26 10.57 21.20
C ALA G 235 22.67 9.98 22.48
N PHE G 236 22.98 8.72 22.78
CA PHE G 236 22.49 8.12 24.02
C PHE G 236 22.99 8.88 25.23
N SER G 237 24.02 9.71 25.07
CA SER G 237 24.47 10.54 26.19
C SER G 237 23.35 11.46 26.67
N ASP G 238 22.61 12.06 25.75
CA ASP G 238 21.64 13.07 26.11
C ASP G 238 20.21 12.55 26.18
N SER G 239 20.03 11.24 26.22
CA SER G 239 18.70 10.67 26.38
C SER G 239 18.21 10.82 27.82
N ARG G 240 16.90 11.02 27.96
CA ARG G 240 16.30 11.05 29.29
C ARG G 240 16.53 9.72 30.00
N GLU G 241 16.44 8.62 29.28
CA GLU G 241 16.71 7.32 29.86
C GLU G 241 18.12 7.25 30.45
N CYS G 242 19.08 7.93 29.83
CA CYS G 242 20.45 7.90 30.32
C CYS G 242 20.54 8.53 31.71
N LYS G 243 19.94 9.72 31.88
CA LYS G 243 19.93 10.35 33.19
C LYS G 243 19.18 9.50 34.20
N LEU G 244 18.05 8.93 33.79
CA LEU G 244 17.31 8.04 34.69
C LEU G 244 18.20 6.90 35.17
N MET G 245 18.91 6.26 34.24
CA MET G 245 19.74 5.12 34.61
C MET G 245 20.89 5.55 35.51
N LYS G 246 21.52 6.68 35.23
CA LYS G 246 22.59 7.16 36.08
C LYS G 246 22.08 7.44 37.49
N LYS G 247 20.92 8.08 37.59
CA LYS G 247 20.36 8.37 38.90
C LYS G 247 20.06 7.09 39.66
N LEU G 248 19.47 6.11 38.98
CA LEU G 248 19.15 4.85 39.65
C LEU G 248 20.43 4.15 40.12
N LEU G 249 21.46 4.15 39.27
CA LEU G 249 22.72 3.51 39.63
C LEU G 249 23.30 4.16 40.89
N GLU G 250 23.45 5.49 40.87
CA GLU G 250 24.08 6.16 41.99
C GLU G 250 23.22 6.09 43.25
N ALA G 251 21.90 6.00 43.10
CA ALA G 251 21.05 5.83 44.27
C ALA G 251 21.21 4.45 44.87
N HIS G 252 21.14 3.41 44.05
CA HIS G 252 21.35 2.06 44.56
C HIS G 252 22.74 1.87 45.13
N GLU G 253 23.71 2.70 44.72
CA GLU G 253 25.06 2.57 45.25
C GLU G 253 25.07 2.73 46.77
N GLU G 254 24.30 3.68 47.30
CA GLU G 254 24.39 4.05 48.70
C GLU G 254 23.34 3.38 49.58
N GLN G 255 22.47 2.54 49.01
CA GLN G 255 21.45 1.83 49.78
C GLN G 255 20.52 2.82 50.49
N ASN G 256 19.80 3.61 49.69
CA ASN G 256 18.77 4.52 50.18
C ASN G 256 17.53 4.26 49.33
N VAL G 257 16.70 3.31 49.78
CA VAL G 257 15.57 2.86 48.97
C VAL G 257 14.62 4.01 48.67
N ASP G 258 14.58 5.02 49.53
CA ASP G 258 13.69 6.16 49.28
C ASP G 258 14.04 6.85 47.98
N SER G 259 15.34 7.02 47.72
CA SER G 259 15.75 7.66 46.46
C SER G 259 15.29 6.86 45.26
N TYR G 260 15.48 5.53 45.30
CA TYR G 260 15.06 4.68 44.20
C TYR G 260 13.55 4.80 44.00
N THR G 261 12.80 4.75 45.09
CA THR G 261 11.34 4.79 45.01
C THR G 261 10.88 6.11 44.41
N GLU G 262 11.42 7.23 44.90
CA GLU G 262 10.98 8.52 44.39
C GLU G 262 11.39 8.71 42.94
N SER G 263 12.57 8.20 42.56
CA SER G 263 12.99 8.30 41.18
C SER G 263 12.03 7.55 40.26
N VAL G 264 11.71 6.31 40.61
CA VAL G 264 10.81 5.53 39.77
C VAL G 264 9.42 6.18 39.74
N LYS G 265 8.99 6.72 40.89
CA LYS G 265 7.67 7.36 40.94
C LYS G 265 7.63 8.57 40.02
N GLU G 266 8.68 9.39 40.04
CA GLU G 266 8.73 10.55 39.15
C GLU G 266 8.76 10.12 37.69
N TYR G 267 9.54 9.08 37.38
CA TYR G 267 9.60 8.60 36.00
C TYR G 267 8.22 8.15 35.54
N ASP G 268 7.51 7.39 36.38
CA ASP G 268 6.18 6.93 36.02
C ASP G 268 5.22 8.10 35.86
N SER G 269 5.33 9.10 36.74
CA SER G 269 4.44 10.25 36.65
C SER G 269 4.64 10.99 35.33
N ILE G 270 5.90 11.18 34.92
CA ILE G 270 6.17 11.92 33.68
C ILE G 270 5.59 11.16 32.49
N SER G 271 5.83 9.86 32.42
CA SER G 271 5.35 9.03 31.32
C SER G 271 4.86 7.70 31.87
N ARG G 272 3.88 7.13 31.19
CA ARG G 272 3.26 5.90 31.66
C ARG G 272 4.20 4.72 31.49
N LEU G 273 3.98 3.69 32.30
CA LEU G 273 4.81 2.50 32.30
C LEU G 273 4.45 1.60 31.11
N ASP G 274 5.04 0.41 31.07
CA ASP G 274 4.80 -0.54 29.98
C ASP G 274 4.39 -1.93 30.47
N GLN G 275 4.45 -2.20 31.77
CA GLN G 275 4.14 -3.47 32.42
C GLN G 275 5.27 -4.48 32.25
N TRP G 276 6.30 -4.20 31.44
CA TRP G 276 7.48 -5.03 31.37
C TRP G 276 8.65 -4.42 32.13
N LEU G 277 8.80 -3.09 32.06
CA LEU G 277 9.84 -2.42 32.82
C LEU G 277 9.54 -2.47 34.32
N THR G 278 8.26 -2.37 34.69
CA THR G 278 7.90 -2.33 36.10
C THR G 278 8.32 -3.59 36.81
N THR G 279 8.10 -4.75 36.18
CA THR G 279 8.48 -6.01 36.82
C THR G 279 9.98 -6.08 37.04
N MET G 280 10.77 -5.68 36.03
CA MET G 280 12.22 -5.70 36.19
C MET G 280 12.67 -4.76 37.29
N LEU G 281 12.07 -3.56 37.34
CA LEU G 281 12.45 -2.61 38.39
C LEU G 281 12.10 -3.15 39.77
N LEU G 282 10.93 -3.79 39.91
CA LEU G 282 10.58 -4.38 41.19
C LEU G 282 11.55 -5.48 41.58
N ARG G 283 11.93 -6.32 40.61
CA ARG G 283 12.90 -7.38 40.91
C ARG G 283 14.22 -6.78 41.36
N ILE G 284 14.67 -5.71 40.69
CA ILE G 284 15.89 -5.03 41.11
C ILE G 284 15.76 -4.55 42.54
N LYS G 285 14.67 -3.83 42.84
CA LYS G 285 14.49 -3.30 44.18
C LYS G 285 14.44 -4.41 45.21
N LYS G 286 14.01 -5.61 44.80
CA LYS G 286 13.93 -6.73 45.74
C LYS G 286 15.29 -7.07 46.36
N THR G 287 16.38 -6.71 45.70
CA THR G 287 17.72 -7.09 46.15
C THR G 287 18.54 -5.87 46.60
N ILE G 288 17.91 -4.96 47.33
CA ILE G 288 18.65 -3.82 47.88
C ILE G 288 19.34 -4.17 49.19
N GLN G 289 18.86 -5.18 49.90
CA GLN G 289 19.38 -5.55 51.22
C GLN G 289 19.65 -4.33 52.10
N GLY H 1 -21.75 11.02 -29.51
CA GLY H 1 -22.75 11.72 -28.65
C GLY H 1 -24.18 11.50 -29.15
N MET H 2 -24.65 12.45 -29.96
CA MET H 2 -25.99 12.33 -30.52
C MET H 2 -26.07 11.18 -31.51
N ASP H 3 -25.05 11.02 -32.36
CA ASP H 3 -25.01 9.86 -33.23
C ASP H 3 -24.50 8.62 -32.52
N THR H 4 -23.90 8.76 -31.34
CA THR H 4 -23.74 7.56 -30.51
C THR H 4 -25.08 7.14 -29.91
N SER H 5 -26.01 8.08 -29.71
CA SER H 5 -27.39 7.65 -29.46
C SER H 5 -28.06 7.10 -30.72
N GLY H 6 -27.70 7.59 -31.90
CA GLY H 6 -28.15 6.92 -33.12
C GLY H 6 -27.63 5.49 -33.21
N LYS H 7 -26.41 5.26 -32.76
CA LYS H 7 -25.90 3.89 -32.70
C LYS H 7 -26.40 3.14 -31.48
N GLN H 8 -26.97 3.83 -30.50
CA GLN H 8 -27.80 3.15 -29.50
C GLN H 8 -29.08 2.63 -30.14
N ALA H 9 -29.67 3.41 -31.05
CA ALA H 9 -30.76 2.90 -31.86
C ALA H 9 -30.31 1.72 -32.71
N GLU H 10 -29.13 1.83 -33.32
CA GLU H 10 -28.58 0.71 -34.07
C GLU H 10 -28.15 -0.43 -33.17
N ALA H 11 -27.97 -0.18 -31.87
CA ALA H 11 -27.72 -1.22 -30.88
C ALA H 11 -29.00 -1.87 -30.39
N MET H 12 -30.12 -1.16 -30.44
CA MET H 12 -31.41 -1.82 -30.36
C MET H 12 -31.68 -2.62 -31.62
N ALA H 13 -31.10 -2.22 -32.74
CA ALA H 13 -31.09 -3.06 -33.94
C ALA H 13 -30.19 -4.28 -33.75
N LEU H 14 -29.06 -4.09 -33.04
CA LEU H 14 -28.24 -5.23 -32.62
C LEU H 14 -29.06 -6.18 -31.75
N LEU H 15 -29.83 -5.64 -30.83
CA LEU H 15 -30.74 -6.46 -30.04
C LEU H 15 -31.82 -7.10 -30.91
N ALA H 16 -32.22 -6.44 -31.99
CA ALA H 16 -33.21 -7.03 -32.90
C ALA H 16 -32.62 -8.21 -33.66
N GLU H 17 -31.41 -8.06 -34.21
CA GLU H 17 -30.76 -9.21 -34.83
C GLU H 17 -30.40 -10.26 -33.79
N ALA H 18 -30.24 -9.87 -32.52
CA ALA H 18 -30.14 -10.86 -31.46
C ALA H 18 -31.48 -11.57 -31.24
N GLU H 19 -32.58 -10.84 -31.39
CA GLU H 19 -33.89 -11.48 -31.41
C GLU H 19 -33.95 -12.48 -32.55
N ARG H 20 -33.32 -12.16 -33.68
CA ARG H 20 -33.16 -13.13 -34.75
C ARG H 20 -32.22 -14.27 -34.34
N LYS H 21 -31.25 -13.99 -33.48
CA LYS H 21 -30.37 -15.05 -32.99
C LYS H 21 -31.13 -16.04 -32.11
N VAL H 22 -32.11 -15.54 -31.35
CA VAL H 22 -32.96 -16.45 -30.56
C VAL H 22 -34.02 -17.07 -31.46
N LYS H 23 -34.41 -16.39 -32.54
CA LYS H 23 -35.20 -17.03 -33.58
C LYS H 23 -34.42 -18.18 -34.22
N ASN H 24 -33.10 -18.11 -34.19
CA ASN H 24 -32.31 -19.28 -34.55
C ASN H 24 -32.65 -20.44 -33.63
N SER H 25 -32.62 -20.20 -32.31
CA SER H 25 -33.02 -21.26 -31.39
C SER H 25 -34.45 -21.70 -31.66
N GLN H 26 -35.28 -20.76 -32.13
CA GLN H 26 -36.67 -21.07 -32.43
C GLN H 26 -36.79 -22.11 -33.54
N SER H 27 -36.13 -21.88 -34.68
CA SER H 27 -36.28 -22.81 -35.81
C SER H 27 -34.97 -23.29 -36.42
N PHE H 28 -33.97 -22.41 -36.56
CA PHE H 28 -32.80 -22.72 -37.36
C PHE H 28 -31.77 -23.55 -36.62
N PHE H 29 -31.79 -23.58 -35.29
CA PHE H 29 -30.83 -24.38 -34.56
C PHE H 29 -31.08 -25.88 -34.73
N SER H 30 -32.20 -26.26 -35.34
CA SER H 30 -32.39 -27.66 -35.70
C SER H 30 -31.30 -28.13 -36.66
N GLY H 31 -30.92 -27.28 -37.60
CA GLY H 31 -29.82 -27.58 -38.50
C GLY H 31 -28.50 -27.00 -38.02
N LEU H 32 -28.53 -26.14 -37.03
CA LEU H 32 -27.34 -25.51 -36.45
C LEU H 32 -27.16 -25.94 -34.99
N PHE H 33 -27.56 -27.18 -34.67
CA PHE H 33 -27.50 -27.63 -33.29
C PHE H 33 -26.11 -27.42 -32.69
N GLY H 34 -25.07 -27.56 -33.49
CA GLY H 34 -23.72 -27.33 -33.02
C GLY H 34 -23.37 -25.87 -32.83
N GLY H 35 -24.30 -24.96 -33.10
CA GLY H 35 -24.06 -23.54 -32.96
C GLY H 35 -24.27 -23.02 -31.55
N SER H 36 -23.92 -23.83 -30.54
CA SER H 36 -23.88 -23.30 -29.18
C SER H 36 -22.93 -22.12 -29.11
N SER H 37 -21.82 -22.19 -29.84
CA SER H 37 -20.97 -21.03 -29.98
C SER H 37 -21.71 -19.88 -30.67
N LYS H 38 -22.70 -20.20 -31.50
CA LYS H 38 -23.55 -19.15 -32.05
C LYS H 38 -24.35 -18.47 -30.94
N ILE H 39 -24.84 -19.25 -29.98
CA ILE H 39 -25.48 -18.66 -28.81
C ILE H 39 -24.47 -17.81 -28.04
N GLU H 40 -23.23 -18.26 -27.95
CA GLU H 40 -22.22 -17.50 -27.24
C GLU H 40 -21.97 -16.15 -27.91
N GLU H 41 -21.85 -16.13 -29.23
CA GLU H 41 -21.64 -14.86 -29.92
C GLU H 41 -22.90 -13.99 -29.88
N ALA H 42 -24.08 -14.60 -29.83
CA ALA H 42 -25.29 -13.82 -29.58
C ALA H 42 -25.21 -13.13 -28.23
N CYS H 43 -24.75 -13.85 -27.21
CA CYS H 43 -24.56 -13.24 -25.91
C CYS H 43 -23.51 -12.13 -25.97
N GLU H 44 -22.46 -12.35 -26.75
CA GLU H 44 -21.41 -11.34 -26.86
C GLU H 44 -21.94 -10.06 -27.50
N ILE H 45 -22.71 -10.18 -28.58
CA ILE H 45 -23.31 -8.99 -29.20
C ILE H 45 -24.28 -8.33 -28.23
N TYR H 46 -25.05 -9.12 -27.49
CA TYR H 46 -25.85 -8.57 -26.40
C TYR H 46 -24.98 -7.69 -25.50
N ALA H 47 -23.85 -8.24 -25.06
CA ALA H 47 -23.01 -7.56 -24.08
C ALA H 47 -22.44 -6.26 -24.64
N ARG H 48 -21.95 -6.29 -25.87
CA ARG H 48 -21.35 -5.07 -26.39
C ARG H 48 -22.41 -4.03 -26.73
N ALA H 49 -23.59 -4.45 -27.16
CA ALA H 49 -24.69 -3.49 -27.31
C ALA H 49 -25.07 -2.89 -25.96
N ALA H 50 -25.05 -3.70 -24.90
CA ALA H 50 -25.33 -3.19 -23.57
C ALA H 50 -24.27 -2.18 -23.14
N ASN H 51 -23.02 -2.45 -23.47
CA ASN H 51 -21.96 -1.49 -23.17
C ASN H 51 -22.16 -0.20 -23.95
N MET H 52 -22.61 -0.30 -25.20
CA MET H 52 -22.96 0.89 -25.95
C MET H 52 -24.06 1.69 -25.25
N PHE H 53 -25.08 0.98 -24.77
CA PHE H 53 -26.13 1.66 -23.99
C PHE H 53 -25.53 2.36 -22.78
N LYS H 54 -24.64 1.67 -22.06
CA LYS H 54 -23.99 2.28 -20.90
C LYS H 54 -23.29 3.56 -21.29
N MET H 55 -22.59 3.55 -22.42
CA MET H 55 -21.99 4.78 -22.94
C MET H 55 -23.06 5.81 -23.30
N ALA H 56 -24.27 5.36 -23.61
CA ALA H 56 -25.34 6.26 -24.02
C ALA H 56 -26.09 6.88 -22.85
N LYS H 57 -25.78 6.49 -21.62
CA LYS H 57 -26.43 7.04 -20.43
C LYS H 57 -27.91 6.68 -20.38
N ASN H 58 -28.27 5.52 -20.92
CA ASN H 58 -29.63 4.98 -20.81
C ASN H 58 -29.55 3.83 -19.80
N TRP H 59 -29.67 4.18 -18.52
CA TRP H 59 -29.42 3.22 -17.46
C TRP H 59 -30.43 2.08 -17.49
N SER H 60 -31.72 2.39 -17.69
CA SER H 60 -32.74 1.35 -17.69
C SER H 60 -32.50 0.36 -18.83
N ALA H 61 -32.21 0.87 -20.03
CA ALA H 61 -31.95 -0.02 -21.15
C ALA H 61 -30.70 -0.86 -20.92
N ALA H 62 -29.66 -0.24 -20.36
CA ALA H 62 -28.43 -0.98 -20.07
C ALA H 62 -28.69 -2.11 -19.08
N GLY H 63 -29.46 -1.83 -18.04
CA GLY H 63 -29.78 -2.87 -17.08
C GLY H 63 -30.63 -3.97 -17.69
N ASN H 64 -31.59 -3.60 -18.53
CA ASN H 64 -32.38 -4.60 -19.24
C ASN H 64 -31.47 -5.51 -20.06
N ALA H 65 -30.54 -4.91 -20.80
CA ALA H 65 -29.64 -5.72 -21.62
C ALA H 65 -28.78 -6.62 -20.76
N PHE H 66 -28.25 -6.11 -19.64
CA PHE H 66 -27.42 -6.93 -18.78
C PHE H 66 -28.21 -8.11 -18.23
N CYS H 67 -29.42 -7.85 -17.73
CA CYS H 67 -30.20 -8.94 -17.15
C CYS H 67 -30.56 -9.98 -18.20
N GLN H 68 -30.96 -9.53 -19.39
CA GLN H 68 -31.31 -10.49 -20.44
C GLN H 68 -30.09 -11.31 -20.86
N ALA H 69 -28.94 -10.67 -21.01
CA ALA H 69 -27.73 -11.40 -21.38
C ALA H 69 -27.36 -12.41 -20.31
N ALA H 70 -27.46 -12.02 -19.03
CA ALA H 70 -27.17 -12.97 -17.96
C ALA H 70 -28.12 -14.15 -18.01
N GLN H 71 -29.41 -13.89 -18.20
CA GLN H 71 -30.38 -14.97 -18.23
C GLN H 71 -30.10 -15.94 -19.37
N LEU H 72 -29.81 -15.41 -20.56
CA LEU H 72 -29.50 -16.29 -21.68
C LEU H 72 -28.21 -17.06 -21.43
N HIS H 73 -27.21 -16.40 -20.84
CA HIS H 73 -25.89 -17.01 -20.69
C HIS H 73 -25.86 -18.09 -19.61
N LEU H 74 -26.70 -17.96 -18.58
CA LEU H 74 -26.67 -18.90 -17.45
C LEU H 74 -27.39 -20.19 -17.81
N GLN H 75 -26.93 -20.81 -18.90
CA GLN H 75 -27.49 -22.08 -19.33
C GLN H 75 -26.84 -23.23 -18.56
N LEU H 76 -26.87 -23.13 -17.23
CA LEU H 76 -26.23 -24.11 -16.34
C LEU H 76 -24.74 -24.25 -16.63
N GLN H 77 -24.14 -23.25 -17.26
CA GLN H 77 -22.73 -23.30 -17.61
C GLN H 77 -22.16 -21.89 -17.55
N SER H 78 -20.85 -21.81 -17.34
CA SER H 78 -20.16 -20.53 -17.23
C SER H 78 -20.85 -19.64 -16.20
N LYS H 79 -21.08 -20.23 -15.02
CA LYS H 79 -21.87 -19.54 -14.00
C LYS H 79 -21.22 -18.23 -13.58
N HIS H 80 -19.90 -18.23 -13.40
CA HIS H 80 -19.23 -17.01 -12.95
C HIS H 80 -19.41 -15.87 -13.92
N ASP H 81 -19.47 -16.17 -15.23
CA ASP H 81 -19.76 -15.12 -16.20
C ASP H 81 -21.15 -14.53 -15.96
N ALA H 82 -22.13 -15.40 -15.68
CA ALA H 82 -23.46 -14.90 -15.35
C ALA H 82 -23.41 -14.05 -14.08
N ALA H 83 -22.58 -14.44 -13.12
CA ALA H 83 -22.44 -13.66 -11.90
C ALA H 83 -21.88 -12.27 -12.20
N THR H 84 -20.86 -12.20 -13.06
CA THR H 84 -20.32 -10.91 -13.45
C THR H 84 -21.37 -10.06 -14.14
N CYS H 85 -22.16 -10.68 -15.02
CA CYS H 85 -23.21 -9.93 -15.70
C CYS H 85 -24.26 -9.43 -14.70
N PHE H 86 -24.64 -10.27 -13.74
CA PHE H 86 -25.62 -9.86 -12.75
C PHE H 86 -25.11 -8.70 -11.90
N VAL H 87 -23.87 -8.78 -11.44
CA VAL H 87 -23.33 -7.71 -10.61
C VAL H 87 -23.18 -6.43 -11.43
N ASP H 88 -22.85 -6.55 -12.72
CA ASP H 88 -22.83 -5.37 -13.58
C ASP H 88 -24.23 -4.76 -13.70
N ALA H 89 -25.24 -5.60 -13.86
CA ALA H 89 -26.62 -5.10 -13.91
C ALA H 89 -26.98 -4.38 -12.62
N GLY H 90 -26.58 -4.96 -11.48
CA GLY H 90 -26.86 -4.32 -10.22
C GLY H 90 -26.17 -2.97 -10.09
N ASN H 91 -24.91 -2.89 -10.52
CA ASN H 91 -24.20 -1.61 -10.49
C ASN H 91 -24.88 -0.59 -11.37
N ALA H 92 -25.34 -1.02 -12.56
CA ALA H 92 -26.05 -0.10 -13.44
C ALA H 92 -27.35 0.39 -12.79
N PHE H 93 -28.09 -0.52 -12.17
CA PHE H 93 -29.34 -0.16 -11.53
C PHE H 93 -29.12 0.67 -10.26
N LYS H 94 -27.92 0.64 -9.68
CA LYS H 94 -27.62 1.45 -8.50
C LYS H 94 -28.18 2.86 -8.66
N LYS H 95 -27.85 3.52 -9.76
CA LYS H 95 -28.45 4.79 -10.09
C LYS H 95 -29.82 4.57 -10.74
N ALA H 96 -30.63 5.61 -10.73
CA ALA H 96 -31.99 5.55 -11.27
C ALA H 96 -32.87 4.66 -10.39
N ASP H 97 -33.30 3.50 -10.90
CA ASP H 97 -34.20 2.62 -10.17
C ASP H 97 -33.39 1.49 -9.55
N PRO H 98 -33.20 1.45 -8.23
CA PRO H 98 -32.33 0.43 -7.62
C PRO H 98 -33.02 -0.80 -7.06
N GLN H 99 -34.35 -0.89 -7.11
CA GLN H 99 -35.04 -1.95 -6.37
C GLN H 99 -34.63 -3.34 -6.87
N GLU H 100 -34.73 -3.56 -8.19
CA GLU H 100 -34.39 -4.86 -8.75
C GLU H 100 -32.91 -5.18 -8.59
N ALA H 101 -32.08 -4.16 -8.37
CA ALA H 101 -30.67 -4.41 -8.09
C ALA H 101 -30.52 -5.28 -6.86
N ILE H 102 -31.41 -5.12 -5.88
CA ILE H 102 -31.34 -5.94 -4.67
C ILE H 102 -31.56 -7.41 -5.03
N ASN H 103 -32.56 -7.69 -5.85
CA ASN H 103 -32.84 -9.07 -6.23
C ASN H 103 -31.67 -9.67 -7.02
N CYS H 104 -31.13 -8.91 -7.97
CA CYS H 104 -30.03 -9.44 -8.77
C CYS H 104 -28.80 -9.69 -7.89
N LEU H 105 -28.50 -8.76 -6.98
CA LEU H 105 -27.37 -8.95 -6.08
C LEU H 105 -27.58 -10.13 -5.17
N MET H 106 -28.83 -10.35 -4.73
CA MET H 106 -29.11 -11.52 -3.91
C MET H 106 -28.86 -12.81 -4.69
N ARG H 107 -29.26 -12.85 -5.96
CA ARG H 107 -28.99 -14.03 -6.77
C ARG H 107 -27.50 -14.26 -6.93
N ALA H 108 -26.75 -13.18 -7.17
CA ALA H 108 -25.30 -13.31 -7.26
C ALA H 108 -24.70 -13.79 -5.95
N ILE H 109 -25.23 -13.31 -4.82
CA ILE H 109 -24.79 -13.76 -3.51
C ILE H 109 -25.00 -15.26 -3.38
N GLU H 110 -26.17 -15.73 -3.79
CA GLU H 110 -26.46 -17.16 -3.71
C GLU H 110 -25.48 -17.95 -4.54
N ILE H 111 -25.19 -17.49 -5.76
CA ILE H 111 -24.25 -18.21 -6.62
C ILE H 111 -22.88 -18.27 -5.97
N TYR H 112 -22.40 -17.13 -5.46
CA TYR H 112 -21.07 -17.11 -4.85
C TYR H 112 -21.02 -18.00 -3.60
N THR H 113 -22.07 -17.97 -2.78
CA THR H 113 -22.09 -18.84 -1.61
C THR H 113 -22.06 -20.30 -2.02
N ASP H 114 -22.80 -20.66 -3.07
CA ASP H 114 -22.69 -22.01 -3.61
C ASP H 114 -21.25 -22.30 -4.01
N MET H 115 -20.56 -21.31 -4.57
CA MET H 115 -19.14 -21.47 -4.88
C MET H 115 -18.28 -21.41 -3.62
N GLY H 116 -18.63 -20.55 -2.67
CA GLY H 116 -17.89 -20.41 -1.43
C GLY H 116 -16.98 -19.21 -1.34
N ARG H 117 -17.01 -18.31 -2.31
CA ARG H 117 -16.18 -17.11 -2.29
C ARG H 117 -16.83 -16.12 -1.33
N PHE H 118 -16.38 -16.16 -0.07
CA PHE H 118 -17.08 -15.44 0.99
C PHE H 118 -16.80 -13.94 0.95
N THR H 119 -15.57 -13.53 0.64
CA THR H 119 -15.21 -12.12 0.74
C THR H 119 -16.06 -11.27 -0.19
N ILE H 120 -16.21 -11.70 -1.44
CA ILE H 120 -17.00 -10.93 -2.41
C ILE H 120 -18.45 -10.87 -1.97
N ALA H 121 -18.97 -12.00 -1.46
CA ALA H 121 -20.35 -12.02 -1.01
C ALA H 121 -20.56 -11.02 0.12
N ALA H 122 -19.62 -10.98 1.08
CA ALA H 122 -19.75 -10.04 2.19
C ALA H 122 -19.66 -8.60 1.70
N LYS H 123 -18.78 -8.32 0.74
CA LYS H 123 -18.68 -6.97 0.20
C LYS H 123 -19.99 -6.55 -0.46
N HIS H 124 -20.58 -7.46 -1.24
CA HIS H 124 -21.87 -7.15 -1.86
C HIS H 124 -22.97 -6.97 -0.82
N HIS H 125 -22.92 -7.74 0.28
CA HIS H 125 -23.87 -7.52 1.36
C HIS H 125 -23.71 -6.12 1.94
N ILE H 126 -22.47 -5.69 2.14
CA ILE H 126 -22.24 -4.32 2.60
C ILE H 126 -22.84 -3.32 1.62
N SER H 127 -22.67 -3.59 0.32
CA SER H 127 -23.21 -2.70 -0.69
C SER H 127 -24.73 -2.57 -0.58
N ILE H 128 -25.42 -3.71 -0.48
CA ILE H 128 -26.88 -3.65 -0.39
C ILE H 128 -27.32 -2.99 0.90
N ALA H 129 -26.58 -3.21 1.99
CA ALA H 129 -26.92 -2.55 3.24
C ALA H 129 -26.82 -1.04 3.10
N GLU H 130 -25.73 -0.56 2.49
CA GLU H 130 -25.56 0.89 2.39
C GLU H 130 -26.56 1.50 1.42
N ILE H 131 -26.94 0.79 0.36
CA ILE H 131 -27.96 1.33 -0.52
C ILE H 131 -29.31 1.38 0.19
N TYR H 132 -29.62 0.36 1.00
CA TYR H 132 -30.81 0.44 1.84
C TYR H 132 -30.77 1.69 2.71
N GLU H 133 -29.62 1.92 3.36
CA GLU H 133 -29.52 3.06 4.26
C GLU H 133 -29.73 4.38 3.53
N THR H 134 -29.07 4.55 2.38
CA THR H 134 -29.01 5.86 1.73
C THR H 134 -30.20 6.14 0.83
N GLU H 135 -30.98 5.11 0.45
CA GLU H 135 -32.11 5.31 -0.44
C GLU H 135 -33.43 5.00 0.25
N LEU H 136 -33.60 3.81 0.80
CA LEU H 136 -34.80 3.47 1.56
C LEU H 136 -34.59 3.88 3.02
N VAL H 137 -35.52 3.47 3.88
CA VAL H 137 -35.46 3.84 5.28
C VAL H 137 -35.37 2.64 6.22
N ASP H 138 -35.74 1.44 5.78
CA ASP H 138 -35.68 0.28 6.64
C ASP H 138 -34.25 0.09 7.16
N VAL H 139 -34.13 -0.20 8.46
CA VAL H 139 -32.83 -0.32 9.10
C VAL H 139 -32.63 -1.74 9.60
N GLU H 140 -33.72 -2.41 9.97
CA GLU H 140 -33.59 -3.76 10.52
C GLU H 140 -33.01 -4.71 9.48
N LYS H 141 -33.45 -4.61 8.23
CA LYS H 141 -32.87 -5.43 7.18
C LYS H 141 -31.40 -5.11 6.99
N ALA H 142 -31.04 -3.83 7.09
CA ALA H 142 -29.64 -3.46 7.06
C ALA H 142 -28.89 -4.12 8.21
N ILE H 143 -29.50 -4.16 9.39
CA ILE H 143 -28.87 -4.80 10.54
C ILE H 143 -28.61 -6.28 10.24
N ALA H 144 -29.61 -6.96 9.68
CA ALA H 144 -29.45 -8.38 9.37
C ALA H 144 -28.34 -8.59 8.34
N HIS H 145 -28.32 -7.76 7.30
CA HIS H 145 -27.26 -7.89 6.29
C HIS H 145 -25.89 -7.67 6.91
N TYR H 146 -25.76 -6.66 7.76
CA TYR H 146 -24.48 -6.42 8.42
C TYR H 146 -24.08 -7.60 9.29
N GLU H 147 -25.04 -8.18 10.01
CA GLU H 147 -24.74 -9.33 10.86
C GLU H 147 -24.22 -10.49 10.03
N GLN H 148 -24.89 -10.79 8.92
CA GLN H 148 -24.45 -11.90 8.09
C GLN H 148 -23.07 -11.63 7.51
N SER H 149 -22.83 -10.40 7.05
CA SER H 149 -21.51 -10.06 6.52
C SER H 149 -20.43 -10.20 7.59
N ALA H 150 -20.72 -9.74 8.80
CA ALA H 150 -19.74 -9.83 9.88
C ALA H 150 -19.45 -11.29 10.21
N ASP H 151 -20.47 -12.13 10.21
CA ASP H 151 -20.24 -13.55 10.47
C ASP H 151 -19.34 -14.15 9.40
N TYR H 152 -19.64 -13.88 8.12
CA TYR H 152 -18.81 -14.41 7.05
C TYR H 152 -17.37 -13.94 7.19
N TYR H 153 -17.18 -12.65 7.47
CA TYR H 153 -15.83 -12.11 7.59
C TYR H 153 -15.09 -12.75 8.75
N LYS H 154 -15.73 -12.82 9.92
CA LYS H 154 -15.10 -13.42 11.08
C LYS H 154 -14.81 -14.89 10.87
N GLY H 155 -15.49 -15.52 9.91
CA GLY H 155 -15.17 -16.90 9.59
C GLY H 155 -13.71 -17.10 9.21
N GLU H 156 -13.16 -16.15 8.43
CA GLU H 156 -11.80 -16.27 7.90
C GLU H 156 -10.85 -15.25 8.54
N GLU H 157 -11.02 -14.99 9.83
CA GLU H 157 -10.07 -14.24 10.65
C GLU H 157 -9.81 -12.83 10.15
N SER H 158 -10.62 -12.31 9.22
CA SER H 158 -10.48 -10.93 8.78
C SER H 158 -11.17 -10.04 9.83
N ASN H 159 -10.48 -9.88 10.96
CA ASN H 159 -11.13 -9.36 12.16
C ASN H 159 -11.50 -7.89 12.03
N SER H 160 -10.62 -7.07 11.46
CA SER H 160 -10.81 -5.62 11.50
C SER H 160 -12.07 -5.19 10.77
N SER H 161 -12.31 -5.77 9.59
CA SER H 161 -13.52 -5.43 8.84
C SER H 161 -14.77 -5.82 9.63
N ALA H 162 -14.76 -7.01 10.24
CA ALA H 162 -15.86 -7.41 11.09
C ALA H 162 -16.04 -6.42 12.23
N ASN H 163 -14.94 -5.93 12.81
CA ASN H 163 -15.04 -5.00 13.91
C ASN H 163 -15.69 -3.69 13.49
N LYS H 164 -15.30 -3.14 12.34
CA LYS H 164 -15.93 -1.90 11.89
C LYS H 164 -17.40 -2.13 11.58
N CYS H 165 -17.74 -3.26 10.95
CA CYS H 165 -19.14 -3.56 10.69
C CYS H 165 -19.94 -3.64 11.99
N LEU H 166 -19.39 -4.31 13.00
CA LEU H 166 -20.08 -4.43 14.27
C LEU H 166 -20.20 -3.07 14.95
N LEU H 167 -19.20 -2.21 14.78
CA LEU H 167 -19.31 -0.86 15.34
C LEU H 167 -20.47 -0.11 14.72
N LYS H 168 -20.62 -0.19 13.40
CA LYS H 168 -21.75 0.48 12.76
C LYS H 168 -23.07 -0.13 13.23
N VAL H 169 -23.11 -1.46 13.36
CA VAL H 169 -24.31 -2.11 13.85
C VAL H 169 -24.65 -1.61 15.24
N ALA H 170 -23.65 -1.49 16.11
CA ALA H 170 -23.89 -1.03 17.46
C ALA H 170 -24.42 0.40 17.47
N GLY H 171 -23.85 1.26 16.63
CA GLY H 171 -24.37 2.62 16.55
C GLY H 171 -25.84 2.65 16.15
N TYR H 172 -26.19 1.89 15.12
CA TYR H 172 -27.57 1.87 14.67
C TYR H 172 -28.50 1.30 15.74
N ALA H 173 -28.08 0.21 16.39
CA ALA H 173 -28.92 -0.38 17.43
C ALA H 173 -29.12 0.59 18.58
N ALA H 174 -28.05 1.28 19.00
CA ALA H 174 -28.19 2.27 20.06
C ALA H 174 -29.15 3.36 19.65
N GLN H 175 -29.10 3.79 18.39
CA GLN H 175 -30.13 4.70 17.90
C GLN H 175 -31.51 4.06 17.98
N LEU H 176 -31.57 2.74 17.93
CA LEU H 176 -32.83 2.01 18.04
C LEU H 176 -33.12 1.56 19.48
N GLU H 177 -32.35 2.03 20.44
CA GLU H 177 -32.55 1.76 21.87
C GLU H 177 -32.79 0.28 22.15
N GLN H 178 -31.77 -0.53 21.85
CA GLN H 178 -31.62 -1.88 22.39
C GLN H 178 -30.20 -1.94 22.94
N TYR H 179 -30.05 -1.50 24.19
CA TYR H 179 -28.73 -1.13 24.68
C TYR H 179 -27.84 -2.34 24.99
N GLN H 180 -28.43 -3.49 25.34
CA GLN H 180 -27.62 -4.64 25.70
C GLN H 180 -26.69 -5.02 24.56
N LYS H 181 -27.22 -5.07 23.34
CA LYS H 181 -26.41 -5.41 22.17
C LYS H 181 -25.30 -4.40 21.97
N ALA H 182 -25.63 -3.11 22.05
CA ALA H 182 -24.63 -2.08 21.84
C ALA H 182 -23.50 -2.19 22.85
N ILE H 183 -23.84 -2.37 24.14
CA ILE H 183 -22.80 -2.46 25.15
C ILE H 183 -21.93 -3.68 24.92
N ASP H 184 -22.56 -4.82 24.62
CA ASP H 184 -21.79 -6.03 24.34
C ASP H 184 -20.77 -5.78 23.24
N ILE H 185 -21.23 -5.25 22.11
CA ILE H 185 -20.36 -5.08 20.96
C ILE H 185 -19.23 -4.10 21.29
N TYR H 186 -19.58 -2.97 21.90
CA TYR H 186 -18.57 -1.97 22.21
C TYR H 186 -17.52 -2.53 23.17
N GLU H 187 -17.95 -3.25 24.21
CA GLU H 187 -17.00 -3.82 25.15
C GLU H 187 -16.09 -4.83 24.45
N GLN H 188 -16.67 -5.70 23.62
CA GLN H 188 -15.84 -6.66 22.90
C GLN H 188 -14.77 -5.94 22.09
N VAL H 189 -15.18 -5.01 21.24
CA VAL H 189 -14.22 -4.36 20.35
C VAL H 189 -13.19 -3.57 21.16
N GLY H 190 -13.62 -2.89 22.26
CA GLY H 190 -12.74 -2.12 23.11
C GLY H 190 -11.66 -2.97 23.74
N THR H 191 -12.06 -4.02 24.45
CA THR H 191 -11.11 -4.87 25.15
C THR H 191 -10.53 -5.95 24.26
N SER H 192 -10.68 -5.85 22.94
CA SER H 192 -10.00 -6.75 22.02
C SER H 192 -8.86 -6.06 21.27
N ALA H 193 -8.51 -4.82 21.63
CA ALA H 193 -7.41 -4.11 21.01
C ALA H 193 -6.37 -3.61 22.01
N MET H 194 -6.59 -3.85 23.31
CA MET H 194 -5.79 -3.18 24.33
C MET H 194 -4.31 -3.47 24.19
N ASP H 195 -3.94 -4.65 23.69
CA ASP H 195 -2.55 -5.10 23.75
C ASP H 195 -2.03 -5.43 22.34
N SER H 196 -2.22 -4.51 21.40
CA SER H 196 -1.50 -4.51 20.14
C SER H 196 -1.00 -3.10 19.85
N PRO H 197 0.20 -2.94 19.29
CA PRO H 197 0.82 -1.62 19.25
C PRO H 197 0.30 -0.67 18.19
N LEU H 198 -0.65 -1.10 17.36
CA LEU H 198 -1.13 -0.28 16.26
C LEU H 198 -2.47 0.37 16.54
N LEU H 199 -3.38 -0.38 17.17
CA LEU H 199 -4.71 0.10 17.51
C LEU H 199 -4.81 0.48 18.97
N LYS H 200 -3.66 0.63 19.64
CA LYS H 200 -3.61 0.79 21.09
C LYS H 200 -4.30 2.05 21.59
N TYR H 201 -4.36 3.10 20.79
CA TYR H 201 -4.72 4.41 21.32
C TYR H 201 -6.22 4.68 21.18
N SER H 202 -6.93 3.86 20.40
CA SER H 202 -8.36 4.08 20.18
C SER H 202 -9.17 3.77 21.43
N ALA H 203 -8.74 2.78 22.21
CA ALA H 203 -9.58 2.19 23.25
C ALA H 203 -10.43 3.22 23.96
N LYS H 204 -9.85 4.37 24.37
CA LYS H 204 -10.56 5.36 25.17
C LYS H 204 -11.95 5.60 24.61
N ASP H 205 -12.01 5.98 23.33
CA ASP H 205 -13.30 6.37 22.75
C ASP H 205 -14.34 5.29 22.95
N TYR H 206 -14.01 4.06 22.56
CA TYR H 206 -14.98 2.98 22.71
C TYR H 206 -15.51 2.94 24.13
N PHE H 207 -14.60 2.87 25.11
CA PHE H 207 -15.04 2.74 26.49
C PHE H 207 -16.03 3.85 26.81
N PHE H 208 -15.67 5.09 26.45
CA PHE H 208 -16.53 6.22 26.78
C PHE H 208 -17.94 5.97 26.27
N LYS H 209 -18.07 5.64 24.98
CA LYS H 209 -19.39 5.43 24.44
C LYS H 209 -20.11 4.33 25.20
N ALA H 210 -19.42 3.22 25.45
CA ALA H 210 -20.04 2.14 26.20
C ALA H 210 -20.57 2.67 27.52
N ALA H 211 -19.74 3.42 28.25
CA ALA H 211 -20.18 4.00 29.50
C ALA H 211 -21.54 4.66 29.32
N LEU H 212 -21.63 5.60 28.37
CA LEU H 212 -22.87 6.32 28.16
C LEU H 212 -24.06 5.38 28.02
N CYS H 213 -23.93 4.38 27.14
CA CYS H 213 -25.04 3.46 26.93
C CYS H 213 -25.42 2.79 28.23
N HIS H 214 -24.42 2.26 28.95
CA HIS H 214 -24.67 1.72 30.28
C HIS H 214 -25.39 2.75 31.14
N PHE H 215 -24.80 3.94 31.21
CA PHE H 215 -25.36 5.00 32.04
C PHE H 215 -26.80 5.30 31.68
N CYS H 216 -27.23 4.92 30.48
CA CYS H 216 -28.61 5.20 30.08
C CYS H 216 -29.62 4.38 30.87
N ILE H 217 -29.32 3.12 31.14
CA ILE H 217 -30.33 2.21 31.67
C ILE H 217 -30.38 2.29 33.20
N ASP H 218 -29.29 1.92 33.85
CA ASP H 218 -29.23 1.87 35.31
C ASP H 218 -28.09 2.76 35.77
N MET H 219 -28.42 3.98 36.21
CA MET H 219 -27.40 4.92 36.65
C MET H 219 -26.64 4.37 37.85
N LEU H 220 -27.33 3.66 38.73
CA LEU H 220 -26.67 3.12 39.91
C LEU H 220 -25.53 2.18 39.53
N ASN H 221 -25.77 1.31 38.55
CA ASN H 221 -24.72 0.41 38.08
C ASN H 221 -23.66 1.12 37.25
N ALA H 222 -23.91 2.35 36.82
CA ALA H 222 -22.93 3.05 36.01
C ALA H 222 -21.64 3.28 36.80
N LYS H 223 -21.75 3.60 38.08
CA LYS H 223 -20.55 3.81 38.89
C LYS H 223 -19.73 2.54 38.99
N LEU H 224 -20.39 1.40 39.23
CA LEU H 224 -19.65 0.15 39.29
C LEU H 224 -19.02 -0.17 37.94
N ALA H 225 -19.74 0.08 36.85
CA ALA H 225 -19.20 -0.19 35.52
C ALA H 225 -17.95 0.65 35.26
N VAL H 226 -18.01 1.94 35.58
CA VAL H 226 -16.87 2.82 35.32
C VAL H 226 -15.70 2.44 36.22
N GLN H 227 -15.98 2.04 37.47
CA GLN H 227 -14.90 1.56 38.33
C GLN H 227 -14.26 0.30 37.75
N LYS H 228 -15.08 -0.61 37.23
CA LYS H 228 -14.54 -1.82 36.61
C LYS H 228 -13.65 -1.47 35.43
N TYR H 229 -14.10 -0.54 34.58
CA TYR H 229 -13.28 -0.11 33.45
C TYR H 229 -11.98 0.51 33.93
N GLU H 230 -12.06 1.40 34.93
CA GLU H 230 -10.87 2.07 35.43
C GLU H 230 -9.85 1.06 35.94
N GLU H 231 -10.29 0.10 36.75
CA GLU H 231 -9.36 -0.91 37.27
C GLU H 231 -8.83 -1.79 36.16
N LEU H 232 -9.66 -2.12 35.16
CA LEU H 232 -9.19 -2.96 34.07
C LEU H 232 -8.12 -2.24 33.25
N PHE H 233 -8.30 -0.95 33.01
CA PHE H 233 -7.33 -0.14 32.27
C PHE H 233 -6.84 0.98 33.17
N PRO H 234 -5.63 0.88 33.74
CA PRO H 234 -5.16 1.93 34.66
C PRO H 234 -5.12 3.31 34.03
N ALA H 235 -4.84 3.41 32.73
CA ALA H 235 -4.67 4.68 32.06
C ALA H 235 -5.95 5.19 31.41
N PHE H 236 -7.11 4.85 31.98
CA PHE H 236 -8.39 5.33 31.48
C PHE H 236 -8.85 6.61 32.18
N SER H 237 -8.57 6.72 33.48
CA SER H 237 -9.00 7.89 34.22
C SER H 237 -8.28 9.15 33.74
N ASP H 238 -7.00 9.01 33.38
CA ASP H 238 -6.24 10.18 32.95
C ASP H 238 -6.90 10.89 31.78
N SER H 239 -7.54 10.14 30.89
CA SER H 239 -8.17 10.75 29.73
C SER H 239 -9.32 11.66 30.17
N ARG H 240 -9.57 12.70 29.37
CA ARG H 240 -10.59 13.67 29.72
C ARG H 240 -11.97 13.03 29.81
N GLU H 241 -12.24 12.02 28.99
CA GLU H 241 -13.58 11.46 28.90
C GLU H 241 -14.03 10.90 30.24
N CYS H 242 -13.14 10.16 30.92
CA CYS H 242 -13.49 9.60 32.22
C CYS H 242 -13.80 10.71 33.22
N LYS H 243 -12.99 11.77 33.22
CA LYS H 243 -13.23 12.87 34.13
C LYS H 243 -14.59 13.51 33.87
N LEU H 244 -14.92 13.73 32.60
CA LEU H 244 -16.20 14.34 32.27
C LEU H 244 -17.36 13.44 32.71
N MET H 245 -17.25 12.14 32.47
CA MET H 245 -18.31 11.23 32.87
C MET H 245 -18.45 11.21 34.39
N LYS H 246 -17.34 11.22 35.12
CA LYS H 246 -17.41 11.26 36.57
C LYS H 246 -18.10 12.53 37.05
N LYS H 247 -17.74 13.67 36.45
CA LYS H 247 -18.39 14.91 36.84
C LYS H 247 -19.88 14.86 36.59
N LEU H 248 -20.29 14.37 35.42
CA LEU H 248 -21.71 14.28 35.11
C LEU H 248 -22.44 13.41 36.12
N LEU H 249 -21.93 12.19 36.34
CA LEU H 249 -22.66 11.26 37.20
C LEU H 249 -22.70 11.77 38.63
N GLU H 250 -21.60 12.33 39.13
CA GLU H 250 -21.62 12.83 40.51
C GLU H 250 -22.54 14.03 40.64
N ALA H 251 -22.57 14.91 39.64
CA ALA H 251 -23.47 16.04 39.68
C ALA H 251 -24.92 15.60 39.68
N HIS H 252 -25.23 14.57 38.91
CA HIS H 252 -26.63 14.12 38.83
C HIS H 252 -27.17 13.71 40.20
N GLU H 253 -26.30 13.37 41.14
CA GLU H 253 -26.76 13.06 42.49
C GLU H 253 -27.62 14.19 43.05
N GLU H 254 -27.25 15.43 42.73
CA GLU H 254 -28.00 16.61 43.14
C GLU H 254 -28.62 17.24 41.90
N GLN H 255 -29.86 17.69 42.04
CA GLN H 255 -30.64 18.18 40.90
C GLN H 255 -30.20 19.61 40.58
N ASN H 256 -29.21 19.72 39.71
CA ASN H 256 -28.63 21.02 39.33
C ASN H 256 -28.31 20.97 37.84
N VAL H 257 -29.25 21.44 37.02
CA VAL H 257 -29.05 21.41 35.57
C VAL H 257 -27.85 22.25 35.17
N ASP H 258 -27.69 23.41 35.83
CA ASP H 258 -26.62 24.33 35.47
C ASP H 258 -25.26 23.64 35.44
N SER H 259 -24.99 22.78 36.41
CA SER H 259 -23.68 22.15 36.49
C SER H 259 -23.37 21.34 35.23
N TYR H 260 -24.29 20.44 34.87
CA TYR H 260 -24.04 19.60 33.70
C TYR H 260 -24.03 20.43 32.43
N THR H 261 -24.92 21.43 32.34
CA THR H 261 -24.94 22.26 31.14
C THR H 261 -23.60 22.95 30.94
N GLU H 262 -23.08 23.56 32.01
CA GLU H 262 -21.78 24.23 31.90
C GLU H 262 -20.69 23.23 31.57
N SER H 263 -20.74 22.03 32.17
CA SER H 263 -19.72 21.03 31.89
C SER H 263 -19.71 20.64 30.42
N VAL H 264 -20.90 20.38 29.86
CA VAL H 264 -20.96 19.94 28.47
C VAL H 264 -20.56 21.08 27.53
N LYS H 265 -20.98 22.31 27.83
CA LYS H 265 -20.56 23.43 27.00
C LYS H 265 -19.05 23.62 27.05
N GLU H 266 -18.45 23.47 28.23
CA GLU H 266 -17.00 23.57 28.34
C GLU H 266 -16.32 22.49 27.52
N TYR H 267 -16.81 21.24 27.60
CA TYR H 267 -16.20 20.18 26.81
C TYR H 267 -16.33 20.47 25.31
N ASP H 268 -17.49 20.97 24.89
CA ASP H 268 -17.65 21.35 23.49
C ASP H 268 -16.76 22.53 23.12
N SER H 269 -16.31 23.31 24.11
CA SER H 269 -15.45 24.46 23.85
C SER H 269 -14.03 24.06 23.47
N ILE H 270 -13.71 22.77 23.48
CA ILE H 270 -12.42 22.29 23.01
C ILE H 270 -12.53 21.53 21.70
N SER H 271 -13.70 20.97 21.38
CA SER H 271 -13.90 20.32 20.09
C SER H 271 -15.40 20.18 19.86
N ARG H 272 -15.79 20.20 18.59
CA ARG H 272 -17.18 20.05 18.22
C ARG H 272 -17.67 18.63 18.50
N LEU H 273 -18.98 18.49 18.65
CA LEU H 273 -19.61 17.21 18.89
C LEU H 273 -20.36 16.74 17.64
N ASP H 274 -20.76 15.49 17.66
CA ASP H 274 -21.47 14.86 16.56
C ASP H 274 -22.95 14.72 16.90
N GLN H 275 -23.75 14.48 15.86
CA GLN H 275 -25.18 14.31 16.05
C GLN H 275 -25.46 13.18 17.04
N TRP H 276 -24.72 12.09 16.95
CA TRP H 276 -24.97 10.92 17.80
C TRP H 276 -24.83 11.28 19.27
N LEU H 277 -23.66 11.81 19.66
CA LEU H 277 -23.43 12.13 21.06
C LEU H 277 -24.39 13.20 21.55
N THR H 278 -24.59 14.26 20.77
CA THR H 278 -25.45 15.34 21.20
C THR H 278 -26.89 14.85 21.40
N THR H 279 -27.40 14.07 20.45
CA THR H 279 -28.75 13.55 20.58
C THR H 279 -28.88 12.64 21.80
N MET H 280 -27.89 11.77 22.01
CA MET H 280 -27.97 10.88 23.16
C MET H 280 -27.96 11.66 24.47
N LEU H 281 -27.08 12.66 24.58
CA LEU H 281 -27.04 13.46 25.79
C LEU H 281 -28.35 14.20 25.99
N LEU H 282 -28.90 14.79 24.93
CA LEU H 282 -30.14 15.54 25.08
C LEU H 282 -31.27 14.62 25.53
N ARG H 283 -31.37 13.43 24.95
CA ARG H 283 -32.43 12.51 25.36
C ARG H 283 -32.23 12.05 26.80
N ILE H 284 -31.02 11.62 27.14
CA ILE H 284 -30.79 10.98 28.43
C ILE H 284 -30.92 12.00 29.56
N LYS H 285 -30.26 13.15 29.43
CA LYS H 285 -30.20 14.10 30.52
C LYS H 285 -31.55 14.72 30.82
N LYS H 286 -32.55 14.53 29.95
CA LYS H 286 -33.89 15.04 30.23
C LYS H 286 -34.46 14.45 31.51
N THR H 287 -33.98 13.30 31.94
CA THR H 287 -34.40 12.71 33.20
C THR H 287 -33.32 11.79 33.75
#